data_7JR2
#
_entry.id   7JR2
#
_cell.length_a   207.700
_cell.length_b   207.700
_cell.length_c   107.018
_cell.angle_alpha   90.000
_cell.angle_beta   90.000
_cell.angle_gamma   120.000
#
_symmetry.space_group_name_H-M   'P 64'
#
loop_
_entity.id
_entity.type
_entity.pdbx_description
1 polymer 'Cationic trypsin'
2 polymer 'Kunitz-type inihibitor'
3 non-polymer 'SULFATE ION'
4 water water
#
loop_
_entity_poly.entity_id
_entity_poly.type
_entity_poly.pdbx_seq_one_letter_code
_entity_poly.pdbx_strand_id
1 'polypeptide(L)'
;IVGGYTCGANTVPYQVSLNSGYHFCGGSLINSQWVVSAAHCYKSGIQVRLGEDNINVVEGNEQFISASKSIVHPSYNSNT
LNNDIMLIKLKSAASLNSRVASISLPTSCASAGTQCLISGWGNTKSSGTSYPDVLKCLKAPILSDSSCKSAYPGQITSNM
FCAGYLEGGKDSCQGDSGGPVVCSGKLQGIVSWGSGCAQKNKPGVYTKVCNYVSWIKQTIASN
;
A,B,C,D,E,F
2 'polypeptide(L)'
;GSSVVVDTNGQPVSNGADAYYLVPVSHGHAGLALAKIGNEAEPRAVVLDPHHRPGLPVRFESPLMINIIKESYFLNIKFG
PSSSDSGVWDVIQQDPIGLAVKVTDTKSLLGPFKVEKEGEGYKIVYYPERGQTGLDIGLVHRNDKYYLAVKDGEPCVFKI
RKAT
;
G,H,I,J,K,L
#
loop_
_chem_comp.id
_chem_comp.type
_chem_comp.name
_chem_comp.formula
SO4 non-polymer 'SULFATE ION' 'O4 S -2'
#
# COMPACT_ATOMS: atom_id res chain seq x y z
N ILE A 1 -16.70 -5.84 39.79
CA ILE A 1 -17.25 -6.71 38.75
C ILE A 1 -17.17 -8.17 39.17
N VAL A 2 -18.32 -8.85 39.23
CA VAL A 2 -18.38 -10.27 39.59
C VAL A 2 -18.52 -11.06 38.30
N GLY A 3 -17.69 -12.10 38.14
CA GLY A 3 -17.76 -12.97 36.97
C GLY A 3 -17.11 -12.42 35.73
N GLY A 4 -16.23 -11.43 35.86
CA GLY A 4 -15.62 -10.78 34.73
C GLY A 4 -14.22 -11.28 34.45
N TYR A 5 -13.47 -10.44 33.74
CA TYR A 5 -12.10 -10.73 33.35
C TYR A 5 -11.29 -9.45 33.48
N THR A 6 -9.97 -9.61 33.52
CA THR A 6 -9.07 -8.46 33.53
C THR A 6 -9.13 -7.73 32.18
N CYS A 7 -9.44 -6.43 32.21
CA CYS A 7 -9.60 -5.68 30.97
C CYS A 7 -8.31 -5.62 30.14
N GLY A 8 -7.22 -5.27 30.79
CA GLY A 8 -5.99 -4.88 30.14
C GLY A 8 -5.82 -3.37 30.12
N ALA A 9 -4.55 -2.96 29.99
CA ALA A 9 -4.13 -1.57 30.20
C ALA A 9 -4.81 -0.57 29.26
N ASN A 10 -4.92 -0.92 27.96
CA ASN A 10 -5.40 0.00 26.94
C ASN A 10 -6.86 -0.21 26.57
N THR A 11 -7.54 -1.17 27.20
CA THR A 11 -8.82 -1.67 26.71
C THR A 11 -9.99 -0.74 27.04
N VAL A 12 -9.94 -0.04 28.17
CA VAL A 12 -11.04 0.84 28.55
C VAL A 12 -10.49 2.24 28.81
N PRO A 13 -10.02 2.96 27.77
CA PRO A 13 -9.29 4.20 28.03
C PRO A 13 -10.18 5.35 28.48
N TYR A 14 -11.51 5.22 28.39
CA TYR A 14 -12.49 6.19 28.85
C TYR A 14 -12.89 6.01 30.31
N GLN A 15 -12.49 4.90 30.94
CA GLN A 15 -12.78 4.69 32.36
C GLN A 15 -11.96 5.63 33.22
N VAL A 16 -12.59 6.27 34.21
CA VAL A 16 -11.84 7.01 35.23
C VAL A 16 -12.28 6.58 36.61
N SER A 17 -11.50 6.99 37.61
CA SER A 17 -11.75 6.76 39.02
C SER A 17 -12.06 8.09 39.69
N LEU A 18 -13.10 8.12 40.54
CA LEU A 18 -13.32 9.28 41.42
C LEU A 18 -12.63 9.01 42.75
N ASN A 19 -11.82 9.98 43.18
CA ASN A 19 -10.92 9.81 44.31
C ASN A 19 -11.09 10.95 45.30
N SER A 20 -11.10 10.62 46.59
CA SER A 20 -11.08 11.62 47.66
C SER A 20 -10.16 11.14 48.78
N GLY A 21 -8.93 10.76 48.43
CA GLY A 21 -8.08 10.05 49.36
C GLY A 21 -8.20 8.54 49.30
N TYR A 22 -9.20 8.03 48.59
CA TYR A 22 -9.45 6.62 48.34
C TYR A 22 -10.34 6.57 47.11
N HIS A 23 -10.26 5.46 46.34
CA HIS A 23 -11.20 5.23 45.25
C HIS A 23 -12.60 5.00 45.79
N PHE A 24 -13.59 5.73 45.30
CA PHE A 24 -14.93 5.41 45.73
C PHE A 24 -15.98 5.28 44.64
N CYS A 25 -15.69 5.70 43.41
CA CYS A 25 -16.62 5.57 42.29
C CYS A 25 -15.88 5.52 40.96
N GLY A 26 -16.50 4.89 39.97
CA GLY A 26 -16.05 5.02 38.61
C GLY A 26 -16.71 6.20 37.91
N GLY A 27 -16.30 6.44 36.67
CA GLY A 27 -16.85 7.48 35.81
C GLY A 27 -16.38 7.25 34.39
N SER A 28 -16.88 8.09 33.47
CA SER A 28 -16.58 7.97 32.05
C SER A 28 -16.11 9.32 31.52
N LEU A 29 -14.97 9.32 30.84
CA LEU A 29 -14.52 10.51 30.13
C LEU A 29 -15.28 10.62 28.80
N ILE A 30 -16.03 11.70 28.62
CA ILE A 30 -16.83 11.89 27.42
C ILE A 30 -16.27 12.97 26.51
N ASN A 31 -15.32 13.76 26.99
CA ASN A 31 -14.40 14.53 26.15
C ASN A 31 -13.21 14.89 27.04
N SER A 32 -12.27 15.65 26.49
CA SER A 32 -11.00 15.89 27.18
C SER A 32 -11.18 16.62 28.52
N GLN A 33 -12.33 17.25 28.76
CA GLN A 33 -12.51 18.01 29.99
C GLN A 33 -13.78 17.66 30.78
N TRP A 34 -14.57 16.66 30.37
CA TRP A 34 -15.84 16.37 31.04
C TRP A 34 -16.00 14.88 31.31
N VAL A 35 -16.51 14.57 32.50
CA VAL A 35 -16.71 13.20 32.99
C VAL A 35 -18.18 13.03 33.37
N VAL A 36 -18.74 11.84 33.08
CA VAL A 36 -20.07 11.45 33.55
C VAL A 36 -19.95 10.40 34.65
N SER A 37 -20.71 10.54 35.73
CA SER A 37 -20.73 9.54 36.79
C SER A 37 -22.14 9.49 37.39
N ALA A 38 -22.28 8.82 38.52
CA ALA A 38 -23.60 8.70 39.13
C ALA A 38 -23.78 9.86 40.09
N ALA A 39 -25.03 10.35 40.17
CA ALA A 39 -25.37 11.40 41.12
C ALA A 39 -25.04 11.01 42.56
N HIS A 40 -25.29 9.75 42.94
CA HIS A 40 -25.04 9.33 44.30
C HIS A 40 -23.56 9.28 44.65
N CYS A 41 -22.67 9.47 43.66
CA CYS A 41 -21.24 9.57 43.89
C CYS A 41 -20.77 11.00 44.19
N TYR A 42 -21.67 11.99 44.20
CA TYR A 42 -21.23 13.34 44.47
C TYR A 42 -20.55 13.46 45.83
N LYS A 43 -19.42 14.16 45.83
CA LYS A 43 -18.57 14.42 46.99
C LYS A 43 -17.86 15.74 46.73
N SER A 44 -17.54 16.46 47.81
CA SER A 44 -16.76 17.69 47.67
C SER A 44 -15.31 17.38 47.37
N GLY A 45 -14.68 18.22 46.54
CA GLY A 45 -13.27 18.09 46.28
C GLY A 45 -12.88 16.75 45.67
N ILE A 46 -13.64 16.29 44.68
CA ILE A 46 -13.29 15.08 43.94
C ILE A 46 -12.02 15.29 43.13
N GLN A 47 -11.15 14.30 43.12
CA GLN A 47 -10.04 14.21 42.19
C GLN A 47 -10.29 13.08 41.20
N VAL A 48 -10.10 13.35 39.91
CA VAL A 48 -10.29 12.34 38.87
C VAL A 48 -8.92 11.77 38.50
N ARG A 49 -8.82 10.45 38.46
CA ARG A 49 -7.61 9.79 38.03
C ARG A 49 -7.89 9.12 36.68
N LEU A 50 -7.07 9.45 35.69
CA LEU A 50 -7.26 8.97 34.32
C LEU A 50 -6.03 8.17 33.94
N GLY A 51 -6.22 7.17 33.07
CA GLY A 51 -5.08 6.36 32.72
C GLY A 51 -4.64 5.37 33.77
N GLU A 52 -5.44 5.12 34.81
CA GLU A 52 -5.12 4.10 35.81
C GLU A 52 -5.61 2.73 35.34
N ASP A 53 -4.72 1.74 35.39
CA ASP A 53 -5.14 0.34 35.30
C ASP A 53 -5.05 -0.33 36.65
N ASN A 54 -3.85 -0.34 37.23
CA ASN A 54 -3.64 -0.80 38.59
C ASN A 54 -3.95 0.35 39.53
N ILE A 55 -5.00 0.19 40.34
CA ILE A 55 -5.45 1.27 41.19
C ILE A 55 -4.49 1.53 42.34
N ASN A 56 -3.58 0.60 42.61
CA ASN A 56 -2.72 0.67 43.78
C ASN A 56 -1.32 1.16 43.46
N VAL A 57 -0.98 1.33 42.19
CA VAL A 57 0.33 1.86 41.80
C VAL A 57 0.18 3.31 41.38
N VAL A 58 1.17 4.12 41.73
CA VAL A 58 1.26 5.48 41.23
C VAL A 58 2.23 5.53 40.06
N GLU A 59 1.79 5.07 38.88
CA GLU A 59 2.63 5.09 37.63
C GLU A 59 2.62 6.49 36.96
N GLY A 60 3.37 6.69 35.88
CA GLY A 60 3.42 8.02 35.24
C GLY A 60 2.72 8.18 33.89
N ASN A 61 1.95 7.21 33.40
CA ASN A 61 1.11 7.44 32.17
C ASN A 61 -0.30 7.87 32.62
N GLU A 62 -0.51 7.98 33.93
CA GLU A 62 -1.76 8.42 34.54
C GLU A 62 -1.76 9.93 34.71
N GLN A 63 -2.94 10.47 34.89
CA GLN A 63 -3.18 11.87 35.19
C GLN A 63 -4.11 11.99 36.39
N PHE A 64 -3.80 12.88 37.33
CA PHE A 64 -4.70 13.23 38.42
C PHE A 64 -5.17 14.65 38.19
N ILE A 65 -6.47 14.85 38.05
CA ILE A 65 -7.01 16.17 37.74
C ILE A 65 -8.17 16.47 38.67
N SER A 66 -8.13 17.65 39.30
CA SER A 66 -9.18 18.04 40.20
C SER A 66 -10.47 18.35 39.44
N ALA A 67 -11.60 18.06 40.08
CA ALA A 67 -12.87 18.58 39.61
C ALA A 67 -12.90 20.07 39.83
N SER A 68 -13.33 20.81 38.82
CA SER A 68 -13.64 22.22 38.97
C SER A 68 -15.11 22.46 39.21
N LYS A 69 -15.97 21.63 38.63
CA LYS A 69 -17.41 21.73 38.77
C LYS A 69 -17.94 20.31 38.83
N SER A 70 -18.78 20.01 39.82
CA SER A 70 -19.47 18.71 39.89
C SER A 70 -20.97 18.98 39.93
N ILE A 71 -21.67 18.63 38.86
CA ILE A 71 -23.06 19.04 38.61
C ILE A 71 -23.95 17.80 38.68
N VAL A 72 -24.65 17.62 39.81
CA VAL A 72 -25.67 16.57 39.89
C VAL A 72 -26.88 17.01 39.07
N HIS A 73 -27.53 16.05 38.42
CA HIS A 73 -28.75 16.34 37.69
C HIS A 73 -29.73 17.07 38.61
N PRO A 74 -30.36 18.14 38.15
CA PRO A 74 -31.23 18.93 39.04
C PRO A 74 -32.43 18.15 39.55
N SER A 75 -32.85 17.08 38.88
CA SER A 75 -33.98 16.29 39.34
C SER A 75 -33.56 15.01 40.03
N TYR A 76 -32.29 14.86 40.39
CA TYR A 76 -31.87 13.66 41.09
C TYR A 76 -32.72 13.49 42.33
N ASN A 77 -33.28 12.29 42.50
CA ASN A 77 -34.21 11.99 43.57
C ASN A 77 -33.60 10.90 44.45
N SER A 78 -33.07 11.31 45.61
CA SER A 78 -32.43 10.39 46.54
C SER A 78 -33.41 9.37 47.15
N ASN A 79 -34.72 9.61 47.07
CA ASN A 79 -35.70 8.65 47.59
C ASN A 79 -36.00 7.55 46.58
N THR A 80 -35.96 7.87 45.29
CA THR A 80 -36.32 6.93 44.24
C THR A 80 -35.14 6.46 43.41
N LEU A 81 -33.96 7.09 43.56
CA LEU A 81 -32.77 6.82 42.79
C LEU A 81 -32.92 7.25 41.33
N ASN A 82 -33.98 8.00 41.01
CA ASN A 82 -34.24 8.47 39.66
C ASN A 82 -33.33 9.64 39.30
N ASN A 83 -32.94 9.70 38.02
CA ASN A 83 -32.06 10.73 37.48
C ASN A 83 -30.67 10.68 38.11
N ASP A 84 -30.13 9.48 38.20
CA ASP A 84 -28.85 9.21 38.89
C ASP A 84 -27.69 9.44 37.91
N ILE A 85 -27.42 10.72 37.64
CA ILE A 85 -26.36 11.12 36.71
C ILE A 85 -25.75 12.43 37.18
N MET A 86 -24.43 12.53 37.07
CA MET A 86 -23.68 13.71 37.46
C MET A 86 -22.64 14.02 36.40
N LEU A 87 -22.46 15.31 36.11
CA LEU A 87 -21.39 15.78 35.25
C LEU A 87 -20.28 16.42 36.06
N ILE A 88 -19.03 16.11 35.70
CA ILE A 88 -17.86 16.73 36.30
C ILE A 88 -17.07 17.45 35.21
N LYS A 89 -16.82 18.74 35.41
CA LYS A 89 -15.86 19.45 34.58
C LYS A 89 -14.49 19.41 35.25
N LEU A 90 -13.48 18.97 34.50
CA LEU A 90 -12.13 18.87 35.04
C LEU A 90 -11.47 20.24 35.06
N LYS A 91 -10.58 20.46 36.03
CA LYS A 91 -9.94 21.77 36.10
C LYS A 91 -9.00 22.02 34.92
N SER A 92 -8.47 20.97 34.31
CA SER A 92 -7.67 21.09 33.09
C SER A 92 -8.01 19.93 32.16
N ALA A 93 -7.80 20.16 30.86
CA ALA A 93 -8.04 19.10 29.87
C ALA A 93 -7.12 17.90 30.08
N ALA A 94 -7.66 16.71 29.90
CA ALA A 94 -6.83 15.51 29.91
C ALA A 94 -5.95 15.45 28.67
N SER A 95 -4.71 15.00 28.85
CA SER A 95 -3.86 14.66 27.71
C SER A 95 -4.19 13.24 27.26
N LEU A 96 -4.57 13.09 26.01
CA LEU A 96 -5.00 11.81 25.48
C LEU A 96 -3.81 10.96 25.05
N ASN A 97 -3.87 9.66 25.34
CA ASN A 97 -2.80 8.74 25.01
C ASN A 97 -3.40 7.34 24.91
N SER A 98 -2.54 6.32 24.91
CA SER A 98 -3.01 4.95 24.80
C SER A 98 -4.02 4.60 25.88
N ARG A 99 -3.92 5.20 27.06
CA ARG A 99 -4.74 4.83 28.19
C ARG A 99 -5.80 5.88 28.55
N VAL A 100 -5.90 6.97 27.80
CA VAL A 100 -6.84 8.05 28.08
C VAL A 100 -7.46 8.47 26.75
N ALA A 101 -8.76 8.23 26.59
CA ALA A 101 -9.54 8.62 25.42
C ALA A 101 -11.00 8.73 25.83
N SER A 102 -11.75 9.53 25.11
CA SER A 102 -13.16 9.76 25.46
C SER A 102 -14.08 8.75 24.77
N ILE A 103 -15.21 8.51 25.41
CA ILE A 103 -16.32 7.75 24.85
C ILE A 103 -17.42 8.73 24.45
N SER A 104 -18.09 8.47 23.34
CA SER A 104 -19.09 9.40 22.85
C SER A 104 -20.49 9.03 23.33
N LEU A 105 -21.39 10.00 23.27
CA LEU A 105 -22.77 9.80 23.70
C LEU A 105 -23.58 9.11 22.61
N PRO A 106 -24.60 8.34 22.99
CA PRO A 106 -25.36 7.60 21.99
C PRO A 106 -26.27 8.49 21.17
N THR A 107 -26.57 8.00 19.95
CA THR A 107 -27.55 8.66 19.10
C THR A 107 -28.95 8.13 19.35
N SER A 108 -29.07 6.91 19.87
CA SER A 108 -30.36 6.33 20.21
C SER A 108 -30.17 5.37 21.37
N CYS A 109 -31.27 5.02 22.00
CA CYS A 109 -31.25 4.02 23.07
C CYS A 109 -30.99 2.63 22.50
N ALA A 110 -30.34 1.79 23.29
CA ALA A 110 -30.03 0.44 22.85
C ALA A 110 -31.18 -0.53 23.11
N SER A 111 -31.26 -1.57 22.28
CA SER A 111 -32.31 -2.58 22.32
C SER A 111 -31.96 -3.78 23.20
N ALA A 112 -33.00 -4.46 23.67
CA ALA A 112 -32.85 -5.71 24.39
C ALA A 112 -31.97 -6.70 23.64
N GLY A 113 -31.06 -7.33 24.37
CA GLY A 113 -30.14 -8.33 23.82
C GLY A 113 -28.83 -7.81 23.31
N THR A 114 -28.67 -6.48 23.16
CA THR A 114 -27.39 -5.92 22.75
C THR A 114 -26.36 -6.18 23.84
N GLN A 115 -25.17 -6.66 23.44
CA GLN A 115 -24.09 -6.94 24.37
C GLN A 115 -23.32 -5.65 24.68
N CYS A 116 -23.11 -5.38 25.96
CA CYS A 116 -22.45 -4.18 26.44
C CYS A 116 -21.20 -4.51 27.26
N LEU A 117 -20.31 -3.54 27.39
CA LEU A 117 -19.11 -3.69 28.21
C LEU A 117 -19.24 -2.85 29.49
N ILE A 118 -19.23 -3.51 30.65
CA ILE A 118 -19.31 -2.86 31.94
C ILE A 118 -17.98 -3.04 32.64
N SER A 119 -17.46 -1.99 33.26
CA SER A 119 -16.08 -2.04 33.77
C SER A 119 -15.97 -1.31 35.11
N GLY A 120 -15.07 -1.79 35.98
CA GLY A 120 -14.77 -1.06 37.20
C GLY A 120 -13.84 -1.83 38.12
N TRP A 121 -13.54 -1.19 39.26
CA TRP A 121 -12.65 -1.74 40.29
C TRP A 121 -13.38 -2.22 41.54
N GLY A 122 -14.67 -2.52 41.43
CA GLY A 122 -15.45 -2.95 42.56
C GLY A 122 -15.19 -4.38 42.99
N ASN A 123 -15.91 -4.77 44.03
CA ASN A 123 -15.91 -6.11 44.59
C ASN A 123 -16.10 -7.16 43.49
N THR A 124 -15.31 -8.23 43.55
CA THR A 124 -15.43 -9.30 42.57
C THR A 124 -16.16 -10.55 43.12
N LYS A 125 -16.68 -10.49 44.35
CA LYS A 125 -17.38 -11.60 44.98
C LYS A 125 -18.84 -11.27 45.24
N SER A 126 -19.71 -12.26 45.03
CA SER A 126 -21.13 -12.09 45.36
C SER A 126 -21.44 -12.35 46.84
N SER A 127 -20.58 -13.09 47.54
CA SER A 127 -20.67 -13.25 48.98
C SER A 127 -19.28 -12.97 49.53
N GLY A 128 -19.20 -12.06 50.48
CA GLY A 128 -17.91 -11.57 50.96
C GLY A 128 -17.37 -10.46 50.06
N THR A 129 -16.09 -10.16 50.24
CA THR A 129 -15.50 -9.04 49.53
C THR A 129 -14.10 -9.37 49.04
N SER A 130 -13.82 -8.96 47.81
CA SER A 130 -12.46 -8.98 47.29
C SER A 130 -12.40 -7.89 46.25
N TYR A 131 -11.47 -6.96 46.42
CA TYR A 131 -11.27 -5.81 45.53
C TYR A 131 -10.03 -6.00 44.67
N PRO A 132 -10.14 -5.79 43.36
CA PRO A 132 -9.02 -6.05 42.46
C PRO A 132 -8.03 -4.89 42.40
N ASP A 133 -6.81 -5.22 41.99
CA ASP A 133 -5.82 -4.19 41.68
C ASP A 133 -6.06 -3.60 40.30
N VAL A 134 -6.41 -4.43 39.33
CA VAL A 134 -6.52 -4.01 37.94
C VAL A 134 -7.99 -3.89 37.56
N LEU A 135 -8.24 -3.08 36.53
CA LEU A 135 -9.59 -2.85 36.07
C LEU A 135 -10.21 -4.14 35.54
N LYS A 136 -11.46 -4.42 35.94
CA LYS A 136 -12.18 -5.61 35.49
C LYS A 136 -13.29 -5.23 34.51
N CYS A 137 -13.63 -6.19 33.64
CA CYS A 137 -14.58 -6.00 32.55
C CYS A 137 -15.57 -7.15 32.57
N LEU A 138 -16.77 -6.86 32.06
CA LEU A 138 -17.86 -7.83 31.97
C LEU A 138 -18.65 -7.53 30.70
N LYS A 139 -18.95 -8.56 29.92
CA LYS A 139 -19.90 -8.44 28.81
C LYS A 139 -21.27 -8.92 29.29
N ALA A 140 -22.28 -8.07 29.14
CA ALA A 140 -23.61 -8.46 29.58
C ALA A 140 -24.64 -7.82 28.69
N PRO A 141 -25.77 -8.50 28.44
CA PRO A 141 -26.81 -7.95 27.56
C PRO A 141 -27.86 -7.05 28.22
N ILE A 142 -28.35 -6.10 27.43
CA ILE A 142 -29.48 -5.28 27.86
C ILE A 142 -30.75 -6.12 27.90
N LEU A 143 -31.52 -5.97 28.97
CA LEU A 143 -32.79 -6.65 29.16
C LEU A 143 -33.93 -5.71 28.79
N SER A 144 -35.04 -6.30 28.32
CA SER A 144 -36.22 -5.49 28.04
C SER A 144 -36.70 -4.82 29.31
N ASP A 145 -37.24 -3.61 29.14
CA ASP A 145 -37.79 -2.87 30.27
C ASP A 145 -38.88 -3.64 31.01
N SER A 146 -39.69 -4.44 30.31
CA SER A 146 -40.73 -5.21 30.99
C SER A 146 -40.12 -6.22 31.96
N SER A 147 -39.03 -6.90 31.55
CA SER A 147 -38.36 -7.84 32.45
C SER A 147 -37.69 -7.09 33.61
N CYS A 148 -37.17 -5.90 33.34
CA CYS A 148 -36.55 -5.10 34.38
C CYS A 148 -37.58 -4.72 35.45
N LYS A 149 -38.75 -4.29 35.00
CA LYS A 149 -39.80 -3.96 35.96
C LYS A 149 -40.32 -5.24 36.61
N SER A 150 -40.26 -6.36 35.89
CA SER A 150 -40.69 -7.62 36.48
C SER A 150 -39.70 -8.11 37.55
N ALA A 151 -38.40 -7.86 37.36
CA ALA A 151 -37.43 -8.22 38.40
C ALA A 151 -37.53 -7.30 39.61
N TYR A 152 -37.82 -6.02 39.40
CA TYR A 152 -37.83 -5.01 40.46
C TYR A 152 -39.14 -4.25 40.44
N PRO A 153 -40.25 -4.91 40.81
CA PRO A 153 -41.56 -4.28 40.73
C PRO A 153 -41.63 -2.98 41.51
N GLY A 154 -42.15 -1.94 40.86
CA GLY A 154 -42.42 -0.65 41.47
C GLY A 154 -41.20 0.22 41.66
N GLN A 155 -40.05 -0.17 41.13
CA GLN A 155 -38.83 0.60 41.38
CA GLN A 155 -38.80 0.55 41.38
C GLN A 155 -38.12 1.08 40.12
N ILE A 156 -38.53 0.65 38.93
CA ILE A 156 -37.85 1.00 37.69
C ILE A 156 -38.55 2.20 37.07
N THR A 157 -37.82 3.30 36.93
CA THR A 157 -38.33 4.45 36.20
C THR A 157 -37.91 4.36 34.74
N SER A 158 -38.44 5.28 33.94
CA SER A 158 -38.10 5.38 32.53
C SER A 158 -36.64 5.75 32.28
N ASN A 159 -35.92 6.23 33.29
CA ASN A 159 -34.54 6.64 33.13
C ASN A 159 -33.56 5.58 33.62
N MET A 160 -34.03 4.36 33.76
CA MET A 160 -33.23 3.24 34.21
C MET A 160 -33.39 2.11 33.21
N PHE A 161 -32.37 1.27 33.13
CA PHE A 161 -32.50 0.00 32.45
C PHE A 161 -31.70 -1.05 33.20
N CYS A 162 -32.04 -2.31 32.96
CA CYS A 162 -31.34 -3.46 33.52
C CYS A 162 -30.43 -4.05 32.44
N ALA A 163 -29.32 -4.59 32.90
CA ALA A 163 -28.39 -5.33 32.05
C ALA A 163 -27.86 -6.45 32.90
N GLY A 164 -27.60 -7.60 32.27
CA GLY A 164 -27.03 -8.72 32.99
C GLY A 164 -27.70 -10.04 32.68
N TYR A 165 -27.71 -10.93 33.68
CA TYR A 165 -28.18 -12.30 33.52
C TYR A 165 -29.03 -12.67 34.73
N LEU A 166 -30.27 -13.08 34.51
CA LEU A 166 -31.08 -13.50 35.66
C LEU A 166 -30.62 -14.83 36.23
N GLU A 167 -29.81 -15.61 35.49
CA GLU A 167 -29.19 -16.76 36.12
C GLU A 167 -28.17 -16.36 37.16
N GLY A 168 -27.74 -15.09 37.19
CA GLY A 168 -26.75 -14.66 38.15
C GLY A 168 -25.33 -14.94 37.69
N GLY A 169 -24.39 -14.74 38.62
CA GLY A 169 -23.01 -15.10 38.40
C GLY A 169 -22.15 -14.02 37.78
N LYS A 170 -22.76 -13.08 37.07
CA LYS A 170 -22.05 -11.99 36.42
C LYS A 170 -22.83 -10.70 36.65
N ASP A 171 -22.16 -9.68 37.21
CA ASP A 171 -22.83 -8.43 37.56
C ASP A 171 -21.77 -7.41 37.92
N SER A 172 -22.14 -6.14 37.87
CA SER A 172 -21.40 -5.13 38.60
C SER A 172 -21.66 -5.31 40.10
N CYS A 173 -20.77 -4.75 40.93
CA CYS A 173 -20.87 -4.90 42.38
C CYS A 173 -20.40 -3.61 43.07
N GLN A 174 -20.45 -3.60 44.40
CA GLN A 174 -20.10 -2.39 45.15
C GLN A 174 -18.70 -1.88 44.82
N GLY A 175 -18.59 -0.58 44.54
CA GLY A 175 -17.36 0.01 44.09
C GLY A 175 -17.33 0.27 42.60
N ASP A 176 -18.28 -0.28 41.84
CA ASP A 176 -18.39 -0.02 40.42
C ASP A 176 -19.26 1.18 40.11
N SER A 177 -19.97 1.73 41.12
CA SER A 177 -20.87 2.87 40.96
C SER A 177 -20.27 3.94 40.06
N GLY A 178 -21.09 4.49 39.17
CA GLY A 178 -20.64 5.57 38.32
C GLY A 178 -19.94 5.12 37.07
N GLY A 179 -19.54 3.84 36.98
CA GLY A 179 -18.81 3.33 35.85
C GLY A 179 -19.61 3.17 34.57
N PRO A 180 -18.89 2.99 33.46
CA PRO A 180 -19.53 2.97 32.13
C PRO A 180 -20.17 1.64 31.78
N VAL A 181 -21.26 1.74 31.02
CA VAL A 181 -21.86 0.64 30.28
C VAL A 181 -21.85 1.04 28.81
N VAL A 182 -21.01 0.39 28.01
CA VAL A 182 -20.79 0.78 26.63
C VAL A 182 -21.36 -0.29 25.71
N CYS A 183 -22.23 0.12 24.79
CA CYS A 183 -22.88 -0.76 23.82
C CYS A 183 -22.69 -0.13 22.45
N SER A 184 -22.17 -0.91 21.48
CA SER A 184 -21.98 -0.45 20.09
C SER A 184 -21.10 0.80 20.05
N GLY A 185 -20.12 0.87 20.93
CA GLY A 185 -19.20 1.99 20.92
C GLY A 185 -19.70 3.29 21.54
N LYS A 186 -20.86 3.28 22.20
CA LYS A 186 -21.44 4.48 22.78
C LYS A 186 -21.78 4.26 24.26
N LEU A 187 -21.71 5.34 25.05
CA LEU A 187 -22.02 5.27 26.48
C LEU A 187 -23.53 5.19 26.67
N GLN A 188 -24.03 4.01 27.06
CA GLN A 188 -25.45 3.79 27.25
C GLN A 188 -25.86 3.74 28.73
N GLY A 189 -24.94 3.45 29.63
CA GLY A 189 -25.30 3.26 31.02
C GLY A 189 -24.28 3.79 32.00
N ILE A 190 -24.77 4.02 33.21
CA ILE A 190 -23.95 4.36 34.38
C ILE A 190 -24.31 3.37 35.47
N VAL A 191 -23.30 2.71 36.05
CA VAL A 191 -23.58 1.76 37.14
C VAL A 191 -24.30 2.49 38.27
N SER A 192 -25.43 1.93 38.71
CA SER A 192 -26.24 2.65 39.68
C SER A 192 -26.59 1.80 40.92
N TRP A 193 -27.44 0.77 40.79
CA TRP A 193 -27.87 0.02 41.96
C TRP A 193 -28.27 -1.41 41.57
N GLY A 194 -28.62 -2.19 42.56
CA GLY A 194 -29.08 -3.55 42.33
C GLY A 194 -29.33 -4.20 43.67
N SER A 195 -30.02 -5.33 43.62
CA SER A 195 -30.29 -6.11 44.84
C SER A 195 -29.18 -7.15 44.99
N GLY A 196 -28.21 -6.90 45.90
CA GLY A 196 -27.01 -7.73 45.96
C GLY A 196 -26.15 -7.57 44.70
N CYS A 197 -25.30 -8.57 44.47
CA CYS A 197 -24.41 -8.66 43.30
C CYS A 197 -24.51 -10.08 42.76
N ALA A 198 -24.79 -10.21 41.46
CA ALA A 198 -24.75 -11.50 40.76
C ALA A 198 -25.73 -12.51 41.35
N GLN A 199 -26.84 -12.02 41.91
CA GLN A 199 -27.85 -12.91 42.46
C GLN A 199 -28.84 -13.33 41.40
N LYS A 200 -29.44 -14.49 41.60
CA LYS A 200 -30.44 -14.99 40.67
C LYS A 200 -31.63 -14.03 40.62
N ASN A 201 -32.08 -13.71 39.40
CA ASN A 201 -33.26 -12.90 39.13
C ASN A 201 -33.13 -11.46 39.61
N LYS A 202 -31.89 -10.98 39.76
CA LYS A 202 -31.61 -9.64 40.28
C LYS A 202 -30.48 -8.98 39.49
N PRO A 203 -30.74 -8.59 38.24
CA PRO A 203 -29.69 -7.96 37.43
C PRO A 203 -29.34 -6.57 37.93
N GLY A 204 -28.22 -6.06 37.44
CA GLY A 204 -27.86 -4.68 37.75
C GLY A 204 -28.76 -3.69 37.05
N VAL A 205 -28.99 -2.54 37.71
CA VAL A 205 -29.78 -1.44 37.15
C VAL A 205 -28.86 -0.27 36.86
N TYR A 206 -29.10 0.42 35.74
CA TYR A 206 -28.19 1.40 35.16
C TYR A 206 -28.98 2.65 34.73
N THR A 207 -28.35 3.82 34.89
CA THR A 207 -28.91 5.07 34.41
C THR A 207 -28.97 5.08 32.88
N LYS A 208 -30.12 5.41 32.31
CA LYS A 208 -30.33 5.39 30.85
C LYS A 208 -29.77 6.65 30.24
N VAL A 209 -28.50 6.60 29.84
CA VAL A 209 -27.80 7.81 29.39
C VAL A 209 -28.42 8.40 28.12
N CYS A 210 -28.98 7.57 27.24
CA CYS A 210 -29.64 8.11 26.05
C CYS A 210 -30.67 9.19 26.37
N ASN A 211 -31.40 9.06 27.49
CA ASN A 211 -32.39 10.07 27.86
C ASN A 211 -31.77 11.38 28.30
N TYR A 212 -30.46 11.43 28.50
CA TYR A 212 -29.82 12.61 29.09
C TYR A 212 -28.89 13.35 28.13
N VAL A 213 -28.83 12.94 26.86
CA VAL A 213 -27.83 13.50 25.95
C VAL A 213 -28.07 15.00 25.75
N SER A 214 -29.33 15.41 25.63
CA SER A 214 -29.62 16.83 25.50
C SER A 214 -29.16 17.63 26.70
N TRP A 215 -29.50 17.17 27.90
CA TRP A 215 -29.08 17.88 29.12
C TRP A 215 -27.56 17.94 29.25
N ILE A 216 -26.88 16.84 28.93
CA ILE A 216 -25.42 16.81 28.99
C ILE A 216 -24.84 17.87 28.06
N LYS A 217 -25.29 17.85 26.79
CA LYS A 217 -24.78 18.79 25.79
C LYS A 217 -25.08 20.24 26.19
N GLN A 218 -26.28 20.49 26.69
CA GLN A 218 -26.64 21.83 27.15
C GLN A 218 -25.76 22.28 28.31
N THR A 219 -25.54 21.39 29.28
CA THR A 219 -24.74 21.76 30.44
C THR A 219 -23.30 22.03 30.06
N ILE A 220 -22.73 21.19 29.20
CA ILE A 220 -21.38 21.42 28.70
C ILE A 220 -21.32 22.74 27.94
N ALA A 221 -22.35 23.03 27.13
CA ALA A 221 -22.37 24.27 26.36
C ALA A 221 -22.49 25.50 27.24
N SER A 222 -23.14 25.37 28.38
CA SER A 222 -23.37 26.50 29.28
C SER A 222 -22.27 26.64 30.34
N ASN A 223 -21.33 25.70 30.41
CA ASN A 223 -20.28 25.74 31.42
C ASN A 223 -18.89 25.70 30.82
N SER B 2 -25.52 14.95 54.51
CA SER B 2 -25.22 14.05 53.39
C SER B 2 -23.71 13.77 53.29
N SER B 3 -22.97 14.04 54.37
CA SER B 3 -21.57 13.66 54.44
C SER B 3 -21.43 12.15 54.57
N VAL B 4 -20.20 11.68 54.37
CA VAL B 4 -19.87 10.28 54.53
C VAL B 4 -19.88 9.90 56.00
N VAL B 5 -20.43 8.73 56.31
CA VAL B 5 -20.42 8.21 57.67
C VAL B 5 -19.05 7.63 57.97
N VAL B 6 -18.49 7.97 59.15
CA VAL B 6 -17.13 7.68 59.53
C VAL B 6 -17.10 6.91 60.85
N ASP B 7 -16.20 5.92 60.95
CA ASP B 7 -16.03 5.15 62.19
C ASP B 7 -15.08 5.87 63.15
N THR B 8 -14.84 5.23 64.29
CA THR B 8 -14.00 5.84 65.32
C THR B 8 -12.54 5.97 64.89
N ASN B 9 -12.11 5.24 63.86
CA ASN B 9 -10.75 5.33 63.34
C ASN B 9 -10.59 6.40 62.27
N GLY B 10 -11.65 7.14 61.96
CA GLY B 10 -11.60 8.10 60.90
C GLY B 10 -11.79 7.53 59.51
N GLN B 11 -12.27 6.26 59.39
CA GLN B 11 -12.44 5.64 58.08
C GLN B 11 -13.91 5.63 57.67
N PRO B 12 -14.20 5.80 56.39
CA PRO B 12 -15.58 5.71 55.95
C PRO B 12 -16.17 4.35 56.29
N VAL B 13 -17.41 4.37 56.79
CA VAL B 13 -18.16 3.15 57.05
C VAL B 13 -18.49 2.49 55.72
N SER B 14 -18.26 1.19 55.64
CA SER B 14 -18.45 0.50 54.37
C SER B 14 -19.91 0.08 54.16
N ASN B 15 -20.24 -0.17 52.90
CA ASN B 15 -21.54 -0.67 52.49
C ASN B 15 -21.51 -2.21 52.55
N GLY B 16 -21.90 -2.75 53.70
CA GLY B 16 -22.08 -4.19 53.88
C GLY B 16 -20.85 -5.01 54.21
N ALA B 17 -19.67 -4.53 53.81
CA ALA B 17 -18.47 -5.36 53.87
C ALA B 17 -18.04 -5.64 55.31
N ASP B 18 -18.21 -4.68 56.20
CA ASP B 18 -17.71 -4.73 57.56
C ASP B 18 -18.82 -4.54 58.56
N ALA B 19 -18.64 -5.13 59.74
CA ALA B 19 -19.54 -4.95 60.87
C ALA B 19 -18.97 -3.90 61.80
N TYR B 20 -19.87 -3.21 62.52
CA TYR B 20 -19.53 -2.11 63.41
C TYR B 20 -20.31 -2.24 64.71
N TYR B 21 -19.65 -1.95 65.83
CA TYR B 21 -20.37 -1.77 67.08
C TYR B 21 -20.94 -0.36 67.17
N LEU B 22 -22.19 -0.26 67.61
CA LEU B 22 -22.80 1.01 67.98
C LEU B 22 -22.52 1.24 69.47
N VAL B 23 -21.66 2.20 69.77
CA VAL B 23 -21.16 2.44 71.12
C VAL B 23 -21.88 3.68 71.68
N PRO B 24 -22.76 3.52 72.66
CA PRO B 24 -23.49 4.69 73.19
C PRO B 24 -22.56 5.66 73.91
N VAL B 25 -22.86 6.95 73.81
CA VAL B 25 -22.02 7.95 74.54
C VAL B 25 -22.66 8.23 75.90
N SER B 26 -23.99 8.11 76.03
CA SER B 26 -24.65 8.34 77.33
C SER B 26 -24.59 7.10 78.23
N HIS B 27 -24.89 5.95 77.67
CA HIS B 27 -25.02 4.72 78.50
C HIS B 27 -23.66 4.26 79.01
N GLY B 28 -22.65 4.16 78.14
CA GLY B 28 -21.27 3.78 78.53
C GLY B 28 -21.02 2.30 78.78
N HIS B 29 -21.90 1.61 79.47
CA HIS B 29 -21.70 0.20 79.84
C HIS B 29 -22.84 -0.61 79.25
N ALA B 30 -23.25 -0.27 78.04
CA ALA B 30 -24.30 -1.06 77.42
C ALA B 30 -23.97 -1.35 75.97
N GLY B 31 -24.44 -2.50 75.51
CA GLY B 31 -24.21 -2.91 74.13
C GLY B 31 -25.47 -3.52 73.54
N LEU B 32 -25.53 -3.51 72.21
CA LEU B 32 -26.71 -4.02 71.51
C LEU B 32 -26.88 -5.52 71.72
N ALA B 33 -28.13 -5.92 71.98
CA ALA B 33 -28.48 -7.32 72.21
C ALA B 33 -29.93 -7.51 71.80
N LEU B 34 -30.39 -8.74 71.86
CA LEU B 34 -31.79 -9.07 71.65
C LEU B 34 -32.47 -9.40 72.97
N ALA B 35 -33.76 -9.05 73.06
CA ALA B 35 -34.55 -9.32 74.24
C ALA B 35 -35.96 -9.71 73.81
N LYS B 36 -36.68 -10.33 74.72
CA LYS B 36 -38.06 -10.70 74.46
C LYS B 36 -38.94 -9.46 74.62
N ILE B 37 -39.94 -9.33 73.75
CA ILE B 37 -40.95 -8.27 73.86
C ILE B 37 -42.33 -8.90 73.97
N GLY B 38 -43.10 -8.46 74.97
CA GLY B 38 -44.45 -8.95 75.11
C GLY B 38 -44.49 -10.45 75.35
N ASN B 39 -45.32 -11.15 74.57
CA ASN B 39 -45.61 -12.56 74.77
C ASN B 39 -44.74 -13.50 73.93
N GLU B 40 -43.69 -12.98 73.30
CA GLU B 40 -42.91 -13.77 72.35
C GLU B 40 -41.92 -14.69 73.06
N ALA B 41 -41.75 -15.89 72.50
CA ALA B 41 -40.84 -16.86 73.08
C ALA B 41 -39.38 -16.51 72.81
N GLU B 42 -39.07 -16.20 71.59
CA GLU B 42 -37.71 -15.87 71.14
C GLU B 42 -37.46 -14.37 71.22
N PRO B 43 -36.22 -13.99 71.53
CA PRO B 43 -35.89 -12.56 71.62
C PRO B 43 -35.75 -11.94 70.23
N ARG B 44 -36.60 -10.95 69.96
CA ARG B 44 -36.67 -10.32 68.66
C ARG B 44 -36.59 -8.80 68.74
N ALA B 45 -36.65 -8.21 69.93
CA ALA B 45 -36.53 -6.77 70.09
C ALA B 45 -35.07 -6.40 70.27
N VAL B 46 -34.65 -5.31 69.63
CA VAL B 46 -33.29 -4.80 69.76
C VAL B 46 -33.21 -3.92 70.99
N VAL B 47 -32.28 -4.24 71.89
CA VAL B 47 -32.11 -3.53 73.14
C VAL B 47 -30.64 -3.16 73.33
N LEU B 48 -30.43 -2.16 74.17
CA LEU B 48 -29.13 -1.88 74.78
C LEU B 48 -29.13 -2.53 76.16
N ASP B 49 -28.18 -3.43 76.37
CA ASP B 49 -28.09 -4.23 77.58
C ASP B 49 -26.85 -3.83 78.33
N PRO B 50 -26.98 -3.28 79.53
CA PRO B 50 -25.78 -2.98 80.35
C PRO B 50 -24.83 -4.17 80.56
N HIS B 51 -25.34 -5.40 80.49
CA HIS B 51 -24.53 -6.58 80.74
C HIS B 51 -23.80 -7.07 79.50
N HIS B 52 -24.09 -6.51 78.33
CA HIS B 52 -23.60 -7.04 77.07
C HIS B 52 -22.84 -5.96 76.31
N ARG B 53 -21.58 -5.70 76.69
CA ARG B 53 -20.81 -4.69 75.99
C ARG B 53 -19.54 -5.31 75.42
N PRO B 54 -19.14 -4.97 74.17
CA PRO B 54 -19.67 -3.98 73.23
C PRO B 54 -20.95 -4.37 72.49
N GLY B 55 -21.40 -5.60 72.63
CA GLY B 55 -22.67 -5.97 72.06
C GLY B 55 -22.57 -6.58 70.68
N LEU B 56 -23.73 -6.76 70.08
CA LEU B 56 -23.79 -7.36 68.76
C LEU B 56 -23.44 -6.31 67.71
N PRO B 57 -22.53 -6.60 66.77
CA PRO B 57 -22.23 -5.64 65.71
C PRO B 57 -23.25 -5.66 64.58
N VAL B 58 -23.34 -4.53 63.87
CA VAL B 58 -24.32 -4.32 62.81
C VAL B 58 -23.59 -4.08 61.49
N ARG B 59 -24.30 -4.31 60.40
CA ARG B 59 -23.86 -3.92 59.07
C ARG B 59 -24.83 -2.91 58.49
N PHE B 60 -24.29 -1.96 57.72
CA PHE B 60 -25.06 -0.91 57.08
C PHE B 60 -25.13 -1.23 55.59
N GLU B 61 -26.33 -1.33 55.04
CA GLU B 61 -26.47 -1.85 53.68
C GLU B 61 -27.34 -0.94 52.82
N SER B 62 -26.82 -0.56 51.65
CA SER B 62 -27.54 0.18 50.64
C SER B 62 -27.47 -0.58 49.32
N PRO B 63 -28.53 -0.56 48.49
CA PRO B 63 -28.43 -1.20 47.18
C PRO B 63 -27.51 -0.49 46.20
N LEU B 64 -27.12 0.75 46.47
CA LEU B 64 -26.21 1.49 45.61
C LEU B 64 -24.87 0.76 45.49
N MET B 65 -24.28 0.83 44.31
CA MET B 65 -23.07 0.05 43.99
C MET B 65 -21.79 0.75 44.43
N ILE B 66 -21.78 1.33 45.63
CA ILE B 66 -20.67 2.11 46.17
C ILE B 66 -20.31 1.49 47.51
N ASN B 67 -19.05 1.63 47.94
CA ASN B 67 -18.61 1.00 49.17
C ASN B 67 -18.46 1.99 50.32
N ILE B 68 -19.02 3.17 50.20
CA ILE B 68 -19.12 4.08 51.33
C ILE B 68 -20.59 4.36 51.57
N ILE B 69 -20.88 4.82 52.78
CA ILE B 69 -22.23 5.15 53.23
C ILE B 69 -22.27 6.65 53.50
N LYS B 70 -23.22 7.33 52.89
CA LYS B 70 -23.44 8.74 53.19
C LYS B 70 -24.58 8.88 54.18
N GLU B 71 -24.59 10.00 54.90
CA GLU B 71 -25.68 10.23 55.84
C GLU B 71 -27.01 10.32 55.11
N SER B 72 -26.99 10.62 53.80
CA SER B 72 -28.22 10.74 53.01
C SER B 72 -28.76 9.41 52.52
N TYR B 73 -28.03 8.31 52.65
CA TYR B 73 -28.47 7.03 52.07
C TYR B 73 -29.48 6.33 52.95
N PHE B 74 -30.53 5.79 52.32
CA PHE B 74 -31.42 4.89 53.02
C PHE B 74 -30.74 3.54 53.20
N LEU B 75 -30.82 3.01 54.42
CA LEU B 75 -30.06 1.85 54.82
C LEU B 75 -30.96 0.79 55.41
N ASN B 76 -30.62 -0.45 55.14
CA ASN B 76 -30.94 -1.54 56.04
C ASN B 76 -29.83 -1.65 57.07
N ILE B 77 -30.21 -1.99 58.30
CA ILE B 77 -29.25 -2.30 59.36
C ILE B 77 -29.52 -3.74 59.75
N LYS B 78 -28.45 -4.53 59.91
CA LYS B 78 -28.64 -5.94 60.20
C LYS B 78 -27.60 -6.48 61.17
N PHE B 79 -28.04 -7.39 62.02
CA PHE B 79 -27.13 -8.28 62.71
C PHE B 79 -26.72 -9.38 61.75
N GLY B 80 -25.57 -10.01 62.00
CA GLY B 80 -25.20 -11.18 61.26
C GLY B 80 -24.56 -10.89 59.93
N PRO B 81 -24.44 -11.91 59.08
CA PRO B 81 -23.68 -11.77 57.83
C PRO B 81 -24.35 -10.82 56.88
N SER B 82 -23.53 -10.25 55.99
CA SER B 82 -24.05 -9.27 55.04
C SER B 82 -25.07 -9.87 54.09
N SER B 83 -24.80 -11.07 53.58
CA SER B 83 -25.71 -11.67 52.61
C SER B 83 -26.93 -12.31 53.26
N SER B 84 -26.84 -12.68 54.54
CA SER B 84 -27.90 -13.42 55.21
C SER B 84 -29.13 -12.54 55.34
N ASP B 85 -30.30 -13.13 55.14
CA ASP B 85 -31.54 -12.38 55.21
C ASP B 85 -32.12 -12.28 56.62
N SER B 86 -31.53 -12.93 57.61
CA SER B 86 -32.05 -12.81 58.96
C SER B 86 -31.37 -11.66 59.70
N GLY B 87 -31.97 -11.27 60.83
CA GLY B 87 -31.40 -10.21 61.64
C GLY B 87 -31.57 -8.79 61.10
N VAL B 88 -32.43 -8.58 60.12
CA VAL B 88 -32.66 -7.26 59.53
C VAL B 88 -33.57 -6.44 60.45
N TRP B 89 -33.13 -5.24 60.79
CA TRP B 89 -33.91 -4.37 61.66
C TRP B 89 -35.15 -3.86 60.98
N ASP B 90 -36.21 -3.70 61.77
CA ASP B 90 -37.39 -2.98 61.34
C ASP B 90 -38.06 -2.38 62.57
N VAL B 91 -39.05 -1.52 62.34
CA VAL B 91 -39.80 -0.88 63.41
C VAL B 91 -41.20 -1.47 63.41
N ILE B 92 -41.64 -1.94 64.58
CA ILE B 92 -42.89 -2.67 64.75
C ILE B 92 -43.62 -2.03 65.92
N GLN B 93 -44.87 -1.61 65.71
CA GLN B 93 -45.66 -1.17 66.86
C GLN B 93 -45.96 -2.38 67.73
N GLN B 94 -45.52 -2.36 68.97
CA GLN B 94 -45.79 -3.51 69.81
C GLN B 94 -45.75 -3.08 71.27
N ASP B 95 -46.83 -3.32 71.98
CA ASP B 95 -46.86 -3.09 73.41
C ASP B 95 -45.89 -4.04 74.11
N PRO B 96 -45.27 -3.62 75.21
CA PRO B 96 -45.40 -2.31 75.86
C PRO B 96 -44.35 -1.28 75.48
N ILE B 97 -43.62 -1.49 74.39
CA ILE B 97 -42.50 -0.62 74.06
C ILE B 97 -42.94 0.56 73.18
N GLY B 98 -43.84 0.32 72.24
CA GLY B 98 -44.25 1.36 71.34
C GLY B 98 -43.81 1.04 69.93
N LEU B 99 -43.15 1.97 69.27
CA LEU B 99 -42.64 1.70 67.92
C LEU B 99 -41.27 1.05 68.09
N ALA B 100 -41.30 -0.26 68.30
CA ALA B 100 -40.13 -0.99 68.73
C ALA B 100 -39.24 -1.41 67.56
N VAL B 101 -37.92 -1.28 67.75
CA VAL B 101 -36.97 -1.83 66.79
C VAL B 101 -36.87 -3.34 67.02
N LYS B 102 -37.13 -4.13 65.98
CA LYS B 102 -37.11 -5.58 66.03
C LYS B 102 -36.33 -6.11 64.83
N VAL B 103 -35.99 -7.40 64.86
CA VAL B 103 -35.36 -8.10 63.74
C VAL B 103 -36.38 -9.01 63.05
N THR B 104 -36.24 -9.13 61.73
CA THR B 104 -37.06 -10.01 60.90
C THR B 104 -36.16 -10.82 59.97
N ASP B 105 -36.77 -11.78 59.28
CA ASP B 105 -36.04 -12.68 58.39
C ASP B 105 -36.07 -12.25 56.92
N THR B 106 -36.51 -11.02 56.64
CA THR B 106 -36.73 -10.57 55.27
C THR B 106 -35.92 -9.29 55.06
N LYS B 107 -35.46 -9.01 53.83
CA LYS B 107 -34.71 -7.77 53.62
C LYS B 107 -35.29 -7.01 52.43
N SER B 108 -35.85 -5.83 52.70
CA SER B 108 -36.32 -4.95 51.62
C SER B 108 -35.17 -4.28 50.89
N LEU B 109 -35.38 -3.98 49.60
CA LEU B 109 -34.35 -3.37 48.78
C LEU B 109 -33.78 -2.10 49.40
N LEU B 110 -34.63 -1.09 49.63
CA LEU B 110 -34.21 0.14 50.29
C LEU B 110 -34.71 0.11 51.72
N GLY B 111 -33.79 0.17 52.67
CA GLY B 111 -34.14 0.13 54.07
C GLY B 111 -34.74 1.43 54.53
N PRO B 112 -35.33 1.44 55.72
CA PRO B 112 -36.01 2.64 56.21
C PRO B 112 -35.16 3.52 57.13
N PHE B 113 -33.87 3.24 57.29
CA PHE B 113 -33.02 3.91 58.26
C PHE B 113 -32.01 4.81 57.57
N LYS B 114 -31.62 5.87 58.27
CA LYS B 114 -30.44 6.64 57.93
C LYS B 114 -29.61 6.80 59.20
N VAL B 115 -28.33 7.10 58.99
CA VAL B 115 -27.38 7.41 60.04
C VAL B 115 -27.02 8.88 59.88
N GLU B 116 -27.31 9.69 60.90
CA GLU B 116 -27.17 11.12 60.80
C GLU B 116 -26.29 11.64 61.93
N LYS B 117 -25.39 12.55 61.60
CA LYS B 117 -24.55 13.18 62.59
C LYS B 117 -25.41 13.87 63.65
N GLU B 118 -25.12 13.60 64.92
CA GLU B 118 -25.86 14.27 65.99
C GLU B 118 -24.93 14.50 67.16
N GLY B 119 -24.80 15.76 67.57
CA GLY B 119 -23.91 16.09 68.66
C GLY B 119 -22.51 15.59 68.39
N GLU B 120 -22.01 14.71 69.25
CA GLU B 120 -20.65 14.20 69.13
C GLU B 120 -20.58 12.79 68.53
N GLY B 121 -21.66 12.27 67.99
CA GLY B 121 -21.64 10.97 67.34
C GLY B 121 -22.66 10.88 66.24
N TYR B 122 -23.34 9.75 66.16
CA TYR B 122 -24.36 9.52 65.15
C TYR B 122 -25.60 9.01 65.87
N LYS B 123 -26.75 9.30 65.29
CA LYS B 123 -28.01 8.72 65.70
C LYS B 123 -28.58 7.91 64.56
N ILE B 124 -29.45 6.96 64.90
CA ILE B 124 -30.25 6.22 63.93
C ILE B 124 -31.61 6.91 63.79
N VAL B 125 -32.03 7.15 62.55
CA VAL B 125 -33.30 7.81 62.25
C VAL B 125 -34.14 6.89 61.35
N TYR B 126 -35.42 6.70 61.71
CA TYR B 126 -36.31 5.80 60.99
C TYR B 126 -37.34 6.60 60.19
N TYR B 127 -37.55 6.20 58.93
CA TYR B 127 -38.46 6.86 57.99
C TYR B 127 -39.62 5.93 57.65
N PRO B 128 -40.84 6.19 58.14
CA PRO B 128 -42.01 5.37 57.75
C PRO B 128 -42.22 5.31 56.24
N GLU B 129 -41.95 6.38 55.51
CA GLU B 129 -41.88 6.38 54.06
C GLU B 129 -40.74 7.28 53.62
N ARG B 130 -40.20 7.02 52.43
CA ARG B 130 -39.01 7.73 51.99
C ARG B 130 -39.26 9.22 51.79
N GLY B 131 -40.46 9.62 51.35
CA GLY B 131 -40.73 11.05 51.16
C GLY B 131 -40.85 11.88 52.44
N GLN B 132 -40.87 11.26 53.61
CA GLN B 132 -41.31 11.92 54.85
C GLN B 132 -40.12 12.37 55.72
N THR B 133 -40.45 13.09 56.77
CA THR B 133 -39.48 13.39 57.82
C THR B 133 -39.21 12.15 58.66
N GLY B 134 -38.02 12.10 59.28
CA GLY B 134 -37.60 10.92 60.02
C GLY B 134 -37.87 11.00 61.52
N LEU B 135 -37.81 9.84 62.16
CA LEU B 135 -38.04 9.72 63.60
C LEU B 135 -36.78 9.15 64.24
N ASP B 136 -36.21 9.89 65.19
CA ASP B 136 -35.02 9.42 65.89
C ASP B 136 -35.32 8.14 66.63
N ILE B 137 -34.37 7.23 66.63
CA ILE B 137 -34.42 6.07 67.49
C ILE B 137 -33.79 6.42 68.83
N GLY B 138 -34.54 6.21 69.91
CA GLY B 138 -34.08 6.37 71.27
C GLY B 138 -34.35 5.10 72.07
N LEU B 139 -34.47 5.27 73.39
CA LEU B 139 -34.49 4.16 74.32
C LEU B 139 -35.70 4.22 75.26
N VAL B 140 -36.34 3.08 75.45
CA VAL B 140 -37.43 2.91 76.41
C VAL B 140 -36.92 1.98 77.50
N HIS B 141 -36.73 2.51 78.71
CA HIS B 141 -36.19 1.74 79.82
C HIS B 141 -37.25 0.80 80.36
N ARG B 142 -36.99 -0.50 80.26
CA ARG B 142 -37.91 -1.51 80.80
C ARG B 142 -37.12 -2.78 81.07
N ASN B 143 -37.45 -3.47 82.18
CA ASN B 143 -36.83 -4.74 82.52
C ASN B 143 -35.32 -4.61 82.61
N ASP B 144 -34.85 -3.49 83.17
CA ASP B 144 -33.43 -3.25 83.38
C ASP B 144 -32.65 -3.24 82.07
N LYS B 145 -33.33 -2.98 80.96
CA LYS B 145 -32.67 -2.81 79.68
C LYS B 145 -33.37 -1.68 78.94
N TYR B 146 -32.70 -1.19 77.91
CA TYR B 146 -33.18 -0.05 77.12
C TYR B 146 -33.64 -0.55 75.77
N TYR B 147 -34.95 -0.66 75.59
CA TYR B 147 -35.47 -1.04 74.28
C TYR B 147 -35.30 0.11 73.28
N LEU B 148 -34.69 -0.19 72.15
CA LEU B 148 -34.60 0.78 71.07
C LEU B 148 -35.97 0.95 70.44
N ALA B 149 -36.41 2.20 70.32
CA ALA B 149 -37.75 2.49 69.83
C ALA B 149 -37.75 3.92 69.32
N VAL B 150 -38.74 4.26 68.49
CA VAL B 150 -38.90 5.64 68.04
C VAL B 150 -39.12 6.55 69.24
N LYS B 151 -38.31 7.61 69.32
CA LYS B 151 -38.43 8.56 70.42
C LYS B 151 -37.92 9.89 69.84
N ASP B 152 -38.75 10.52 69.03
CA ASP B 152 -38.28 11.64 68.22
C ASP B 152 -37.93 12.82 69.13
N GLY B 153 -36.76 13.40 68.89
CA GLY B 153 -36.21 14.44 69.73
C GLY B 153 -35.35 13.94 70.87
N GLU B 154 -35.34 12.66 71.14
CA GLU B 154 -34.52 12.11 72.21
C GLU B 154 -33.68 10.95 71.69
N PRO B 155 -32.88 11.20 70.63
CA PRO B 155 -32.13 10.12 70.00
C PRO B 155 -31.09 9.53 70.93
N CYS B 156 -30.80 8.25 70.72
CA CYS B 156 -29.61 7.66 71.33
C CYS B 156 -28.40 7.96 70.43
N VAL B 157 -27.35 8.54 71.00
CA VAL B 157 -26.17 8.93 70.23
C VAL B 157 -25.08 7.86 70.35
N PHE B 158 -24.57 7.43 69.19
CA PHE B 158 -23.62 6.33 69.06
C PHE B 158 -22.34 6.80 68.37
N LYS B 159 -21.21 6.27 68.79
CA LYS B 159 -20.04 6.25 67.91
C LYS B 159 -19.99 4.89 67.23
N ILE B 160 -19.45 4.86 66.03
CA ILE B 160 -19.46 3.66 65.21
C ILE B 160 -18.06 3.08 65.25
N ARG B 161 -17.90 1.97 65.97
CA ARG B 161 -16.59 1.36 66.19
C ARG B 161 -16.51 0.07 65.37
N LYS B 162 -15.62 0.05 64.38
CA LYS B 162 -15.48 -1.15 63.58
C LYS B 162 -15.07 -2.34 64.45
N ALA B 163 -15.77 -3.46 64.25
CA ALA B 163 -15.54 -4.67 65.03
C ALA B 163 -14.14 -5.22 64.80
N THR B 164 -13.58 -4.96 63.61
CA THR B 164 -12.25 -5.35 63.13
C THR B 164 -12.20 -6.84 62.85
N ILE C 1 7.68 -12.42 52.10
CA ILE C 1 8.84 -11.55 51.85
C ILE C 1 8.43 -10.09 51.93
N VAL C 2 9.06 -9.35 52.84
CA VAL C 2 8.82 -7.92 52.99
C VAL C 2 9.92 -7.18 52.27
N GLY C 3 9.54 -6.23 51.41
CA GLY C 3 10.51 -5.39 50.72
C GLY C 3 11.20 -6.01 49.52
N GLY C 4 10.61 -7.03 48.92
CA GLY C 4 11.21 -7.75 47.82
C GLY C 4 10.66 -7.36 46.47
N TYR C 5 10.82 -8.27 45.51
CA TYR C 5 10.37 -8.06 44.14
C TYR C 5 9.77 -9.36 43.63
N THR C 6 8.93 -9.23 42.62
CA THR C 6 8.35 -10.38 41.94
C THR C 6 9.43 -11.18 41.20
N CYS C 7 9.56 -12.47 41.53
CA CYS C 7 10.67 -13.26 40.99
C CYS C 7 10.58 -13.40 39.48
N GLY C 8 9.43 -13.78 38.96
CA GLY C 8 9.32 -14.20 37.57
C GLY C 8 9.30 -15.72 37.45
N ALA C 9 8.68 -16.19 36.36
CA ALA C 9 8.26 -17.58 36.23
C ALA C 9 9.43 -18.56 36.32
N ASN C 10 10.55 -18.26 35.64
CA ASN C 10 11.67 -19.17 35.53
C ASN C 10 12.78 -18.86 36.53
N THR C 11 12.61 -17.85 37.38
CA THR C 11 13.71 -17.31 38.15
C THR C 11 14.10 -18.20 39.34
N VAL C 12 13.14 -18.86 39.98
CA VAL C 12 13.44 -19.68 41.15
C VAL C 12 12.90 -21.10 40.92
N PRO C 13 13.52 -21.89 40.04
CA PRO C 13 12.93 -23.20 39.66
C PRO C 13 13.05 -24.27 40.75
N TYR C 14 13.86 -24.05 41.78
CA TYR C 14 14.00 -24.97 42.90
C TYR C 14 13.03 -24.67 44.05
N GLN C 15 12.33 -23.55 44.01
CA GLN C 15 11.33 -23.26 45.04
C GLN C 15 10.14 -24.19 44.89
N VAL C 16 9.70 -24.77 46.01
CA VAL C 16 8.46 -25.54 46.01
C VAL C 16 7.54 -24.98 47.07
N SER C 17 6.29 -25.41 47.00
CA SER C 17 5.25 -25.12 47.99
C SER C 17 4.90 -26.41 48.71
N LEU C 18 4.80 -26.37 50.05
CA LEU C 18 4.23 -27.47 50.81
C LEU C 18 2.76 -27.18 51.05
N ASN C 19 1.89 -28.15 50.72
CA ASN C 19 0.45 -27.94 50.73
C ASN C 19 -0.25 -29.08 51.48
N SER C 20 -1.23 -28.72 52.29
CA SER C 20 -2.06 -29.68 52.99
C SER C 20 -3.51 -29.21 52.89
N GLY C 21 -3.94 -28.95 51.67
CA GLY C 21 -5.17 -28.26 51.39
C GLY C 21 -5.03 -26.76 51.26
N TYR C 22 -3.89 -26.22 51.68
CA TYR C 22 -3.56 -24.80 51.60
C TYR C 22 -2.03 -24.71 51.63
N HIS C 23 -1.48 -23.65 51.03
CA HIS C 23 -0.05 -23.40 51.15
C HIS C 23 0.27 -23.03 52.59
N PHE C 24 1.24 -23.70 53.19
CA PHE C 24 1.64 -23.34 54.55
C PHE C 24 3.15 -23.20 54.76
N CYS C 25 3.99 -23.71 53.85
CA CYS C 25 5.44 -23.66 53.95
C CYS C 25 6.09 -23.66 52.57
N GLY C 26 7.26 -23.04 52.49
CA GLY C 26 8.14 -23.22 51.35
C GLY C 26 9.05 -24.44 51.54
N GLY C 27 9.82 -24.73 50.49
CA GLY C 27 10.80 -25.81 50.48
C GLY C 27 11.71 -25.61 49.28
N SER C 28 12.74 -26.45 49.19
CA SER C 28 13.73 -26.39 48.11
C SER C 28 13.94 -27.76 47.51
N LEU C 29 13.83 -27.87 46.19
CA LEU C 29 14.11 -29.13 45.49
C LEU C 29 15.62 -29.30 45.33
N ILE C 30 16.18 -30.36 45.94
CA ILE C 30 17.63 -30.59 45.90
C ILE C 30 18.01 -31.75 44.97
N ASN C 31 17.07 -32.56 44.54
CA ASN C 31 17.23 -33.44 43.39
C ASN C 31 15.83 -33.80 42.91
N SER C 32 15.74 -34.66 41.89
CA SER C 32 14.42 -34.91 41.31
C SER C 32 13.43 -35.53 42.29
N GLN C 33 13.90 -36.08 43.44
CA GLN C 33 12.99 -36.78 44.34
C GLN C 33 12.98 -36.26 45.78
N TRP C 34 13.75 -35.23 46.11
CA TRP C 34 13.92 -34.84 47.50
C TRP C 34 13.83 -33.34 47.67
N VAL C 35 13.15 -32.92 48.74
CA VAL C 35 12.92 -31.52 49.07
C VAL C 35 13.50 -31.25 50.46
N VAL C 36 14.10 -30.07 50.63
CA VAL C 36 14.56 -29.59 51.94
C VAL C 36 13.60 -28.51 52.42
N SER C 37 13.16 -28.61 53.69
CA SER C 37 12.30 -27.60 54.31
C SER C 37 12.62 -27.53 55.80
N ALA C 38 11.77 -26.85 56.57
CA ALA C 38 12.00 -26.68 58.00
C ALA C 38 11.27 -27.77 58.77
N ALA C 39 11.91 -28.24 59.85
CA ALA C 39 11.28 -29.22 60.73
C ALA C 39 9.93 -28.76 61.28
N HIS C 40 9.82 -27.49 61.66
CA HIS C 40 8.56 -27.01 62.23
C HIS C 40 7.43 -27.00 61.21
N CYS C 41 7.72 -27.26 59.92
CA CYS C 41 6.73 -27.43 58.87
C CYS C 41 6.16 -28.84 58.79
N TYR C 42 6.61 -29.76 59.63
CA TYR C 42 6.18 -31.15 59.55
C TYR C 42 4.67 -31.26 59.74
N LYS C 43 4.04 -32.01 58.83
CA LYS C 43 2.59 -32.19 58.73
C LYS C 43 2.34 -33.57 58.17
N SER C 44 1.19 -34.16 58.51
CA SER C 44 0.81 -35.42 57.87
C SER C 44 0.34 -35.17 56.44
N GLY C 45 0.68 -36.09 55.54
CA GLY C 45 0.20 -36.05 54.16
C GLY C 45 0.56 -34.79 53.37
N ILE C 46 1.80 -34.32 53.48
CA ILE C 46 2.22 -33.16 52.69
C ILE C 46 2.19 -33.49 51.20
N GLN C 47 1.70 -32.53 50.43
CA GLN C 47 1.81 -32.52 48.97
C GLN C 47 2.79 -31.42 48.56
N VAL C 48 3.70 -31.74 47.66
CA VAL C 48 4.67 -30.77 47.16
C VAL C 48 4.21 -30.26 45.80
N ARG C 49 4.18 -28.95 45.63
CA ARG C 49 3.81 -28.33 44.36
C ARG C 49 5.03 -27.67 43.74
N LEU C 50 5.34 -28.06 42.50
CA LEU C 50 6.53 -27.62 41.78
C LEU C 50 6.13 -26.90 40.50
N GLY C 51 6.97 -25.95 40.09
CA GLY C 51 6.65 -25.15 38.92
C GLY C 51 5.60 -24.09 39.15
N GLU C 52 5.26 -23.82 40.41
CA GLU C 52 4.28 -22.78 40.72
C GLU C 52 4.95 -21.42 40.73
N ASP C 53 4.38 -20.48 40.00
CA ASP C 53 4.70 -19.08 40.23
C ASP C 53 3.53 -18.38 40.90
N ASN C 54 2.38 -18.35 40.23
CA ASN C 54 1.14 -17.90 40.86
C ASN C 54 0.58 -19.11 41.60
N ILE C 55 0.56 -19.04 42.93
CA ILE C 55 0.16 -20.19 43.72
C ILE C 55 -1.33 -20.40 43.69
N ASN C 56 -2.08 -19.40 43.27
CA ASN C 56 -3.51 -19.49 43.35
C ASN C 56 -4.13 -19.88 42.00
N VAL C 57 -3.31 -20.05 40.99
CA VAL C 57 -3.84 -20.50 39.67
C VAL C 57 -3.27 -21.89 39.42
N VAL C 58 -4.11 -22.80 38.93
CA VAL C 58 -3.71 -24.19 38.61
C VAL C 58 -3.49 -24.19 37.10
N GLU C 59 -2.24 -24.14 36.67
CA GLU C 59 -1.90 -23.82 35.25
C GLU C 59 -1.33 -24.93 34.36
N GLY C 60 -1.43 -26.21 34.66
CA GLY C 60 -0.87 -27.14 33.67
C GLY C 60 0.62 -27.39 33.83
N ASN C 61 1.49 -26.40 33.61
CA ASN C 61 3.00 -26.40 33.69
C ASN C 61 3.58 -26.91 35.05
N GLU C 62 2.77 -26.88 36.09
CA GLU C 62 3.10 -27.35 37.45
C GLU C 62 3.02 -28.86 37.58
N GLN C 63 3.57 -29.33 38.67
CA GLN C 63 3.49 -30.70 39.16
C GLN C 63 3.04 -30.71 40.62
N PHE C 64 2.11 -31.61 40.95
CA PHE C 64 1.72 -31.90 42.32
C PHE C 64 2.18 -33.32 42.65
N ILE C 65 3.01 -33.47 43.67
CA ILE C 65 3.57 -34.77 44.02
C ILE C 65 3.44 -34.97 45.52
N SER C 66 2.85 -36.08 45.92
CA SER C 66 2.70 -36.36 47.34
C SER C 66 4.05 -36.63 47.99
N ALA C 67 4.16 -36.23 49.26
CA ALA C 67 5.27 -36.68 50.08
C ALA C 67 5.11 -38.18 50.31
N SER C 68 6.20 -38.90 50.15
CA SER C 68 6.23 -40.31 50.51
C SER C 68 6.80 -40.52 51.91
N LYS C 69 7.78 -39.71 52.29
CA LYS C 69 8.47 -39.76 53.56
C LYS C 69 8.78 -38.34 53.98
N SER C 70 8.46 -38.00 55.24
CA SER C 70 8.81 -36.72 55.84
C SER C 70 9.72 -37.01 57.01
N ILE C 71 10.98 -36.62 56.90
CA ILE C 71 12.02 -36.99 57.86
C ILE C 71 12.46 -35.73 58.58
N VAL C 72 11.97 -35.53 59.80
CA VAL C 72 12.45 -34.45 60.65
C VAL C 72 13.83 -34.82 61.16
N HIS C 73 14.71 -33.83 61.27
CA HIS C 73 16.02 -34.07 61.85
C HIS C 73 15.86 -34.75 63.22
N PRO C 74 16.63 -35.81 63.51
CA PRO C 74 16.46 -36.54 64.78
C PRO C 74 16.79 -35.74 66.02
N SER C 75 17.55 -34.65 65.93
CA SER C 75 17.83 -33.82 67.09
C SER C 75 16.98 -32.57 67.11
N TYR C 76 15.95 -32.50 66.27
CA TYR C 76 15.11 -31.32 66.24
C TYR C 76 14.51 -31.05 67.61
N ASN C 77 14.67 -29.82 68.08
CA ASN C 77 14.25 -29.43 69.42
C ASN C 77 13.16 -28.36 69.29
N SER C 78 11.90 -28.77 69.50
CA SER C 78 10.76 -27.87 69.45
C SER C 78 10.77 -26.82 70.56
N ASN C 79 11.57 -27.02 71.62
CA ASN C 79 11.66 -26.03 72.70
C ASN C 79 12.66 -24.93 72.39
N THR C 80 13.74 -25.24 71.66
CA THR C 80 14.81 -24.29 71.38
C THR C 80 14.87 -23.88 69.92
N LEU C 81 14.09 -24.52 69.05
CA LEU C 81 14.08 -24.30 67.60
C LEU C 81 15.38 -24.72 66.93
N ASN C 82 16.27 -25.39 67.64
CA ASN C 82 17.53 -25.86 67.08
C ASN C 82 17.27 -27.07 66.17
N ASN C 83 18.10 -27.20 65.12
CA ASN C 83 18.02 -28.31 64.17
C ASN C 83 16.69 -28.31 63.40
N ASP C 84 16.31 -27.14 62.89
CA ASP C 84 15.03 -26.93 62.22
C ASP C 84 15.15 -27.25 60.72
N ILE C 85 15.24 -28.54 60.42
CA ILE C 85 15.40 -29.02 59.04
C ILE C 85 14.69 -30.37 58.90
N MET C 86 14.00 -30.52 57.77
CA MET C 86 13.27 -31.74 57.41
C MET C 86 13.55 -32.06 55.95
N LEU C 87 13.67 -33.34 55.62
CA LEU C 87 13.73 -33.84 54.25
C LEU C 87 12.40 -34.48 53.87
N ILE C 88 11.93 -34.22 52.66
CA ILE C 88 10.72 -34.85 52.11
C ILE C 88 11.11 -35.65 50.87
N LYS C 89 10.81 -36.95 50.88
CA LYS C 89 10.94 -37.76 49.66
C LYS C 89 9.62 -37.75 48.92
N LEU C 90 9.66 -37.38 47.64
CA LEU C 90 8.46 -37.36 46.80
C LEU C 90 8.13 -38.78 46.34
N LYS C 91 6.84 -39.03 46.14
CA LYS C 91 6.44 -40.39 45.74
C LYS C 91 6.98 -40.75 44.36
N SER C 92 7.24 -39.77 43.52
CA SER C 92 7.88 -39.99 42.24
C SER C 92 8.85 -38.84 41.98
N ALA C 93 9.85 -39.10 41.15
CA ALA C 93 10.77 -38.05 40.75
C ALA C 93 10.04 -36.98 39.97
N ALA C 94 10.40 -35.72 40.21
CA ALA C 94 9.88 -34.63 39.40
C ALA C 94 10.47 -34.66 38.00
N SER C 95 9.67 -34.27 37.01
CA SER C 95 10.17 -34.03 35.67
C SER C 95 10.78 -32.63 35.61
N LEU C 96 12.06 -32.57 35.28
CA LEU C 96 12.80 -31.31 35.30
C LEU C 96 12.67 -30.59 33.96
N ASN C 97 12.49 -29.27 34.02
CA ASN C 97 12.29 -28.46 32.82
C ASN C 97 12.64 -27.00 33.15
N SER C 98 12.17 -26.07 32.31
CA SER C 98 12.47 -24.64 32.49
C SER C 98 12.08 -24.11 33.86
N ARG C 99 10.99 -24.63 34.45
CA ARG C 99 10.46 -24.08 35.68
C ARG C 99 10.68 -24.98 36.89
N VAL C 100 11.28 -26.15 36.70
CA VAL C 100 11.51 -27.12 37.76
C VAL C 100 12.93 -27.65 37.60
N ALA C 101 13.80 -27.31 38.55
CA ALA C 101 15.18 -27.75 38.56
C ALA C 101 15.67 -27.70 40.00
N SER C 102 16.68 -28.51 40.29
CA SER C 102 17.17 -28.64 41.65
C SER C 102 18.27 -27.63 41.96
N ILE C 103 18.40 -27.30 43.25
CA ILE C 103 19.48 -26.50 43.79
C ILE C 103 20.46 -27.43 44.52
N SER C 104 21.75 -27.18 44.36
CA SER C 104 22.72 -28.11 44.92
C SER C 104 23.15 -27.68 46.33
N LEU C 105 23.63 -28.64 47.09
CA LEU C 105 24.04 -28.43 48.46
C LEU C 105 25.43 -27.82 48.53
N PRO C 106 25.72 -27.06 49.59
CA PRO C 106 27.01 -26.39 49.68
C PRO C 106 28.15 -27.34 49.99
N THR C 107 29.33 -26.95 49.54
CA THR C 107 30.54 -27.66 49.93
C THR C 107 31.16 -27.05 51.18
N SER C 108 30.87 -25.79 51.48
CA SER C 108 31.35 -25.15 52.68
C SER C 108 30.36 -24.07 53.08
N CYS C 109 30.49 -23.61 54.32
CA CYS C 109 29.62 -22.55 54.81
C CYS C 109 29.96 -21.22 54.19
N ALA C 110 28.94 -20.37 54.04
CA ALA C 110 29.12 -19.07 53.41
C ALA C 110 29.57 -18.06 54.44
N SER C 111 30.31 -17.06 53.98
CA SER C 111 30.90 -16.05 54.83
C SER C 111 29.99 -14.85 55.02
N ALA C 112 30.19 -14.15 56.13
CA ALA C 112 29.50 -12.89 56.40
C ALA C 112 29.64 -11.96 55.20
N GLY C 113 28.54 -11.30 54.86
CA GLY C 113 28.51 -10.37 53.75
C GLY C 113 28.20 -10.99 52.41
N THR C 114 28.18 -12.32 52.30
CA THR C 114 27.80 -12.95 51.05
C THR C 114 26.34 -12.65 50.77
N GLN C 115 26.04 -12.26 49.52
CA GLN C 115 24.68 -11.93 49.13
C GLN C 115 23.90 -13.20 48.82
N CYS C 116 22.69 -13.31 49.36
CA CYS C 116 21.81 -14.46 49.17
C CYS C 116 20.46 -14.05 48.60
N LEU C 117 19.79 -15.03 47.99
CA LEU C 117 18.44 -14.84 47.45
C LEU C 117 17.44 -15.61 48.30
N ILE C 118 16.48 -14.89 48.87
CA ILE C 118 15.41 -15.47 49.68
C ILE C 118 14.08 -15.29 48.96
N SER C 119 13.24 -16.32 48.97
CA SER C 119 12.03 -16.32 48.16
C SER C 119 10.89 -17.00 48.91
N GLY C 120 9.67 -16.59 48.60
CA GLY C 120 8.49 -17.27 49.12
C GLY C 120 7.21 -16.54 48.78
N TRP C 121 6.10 -17.13 49.25
CA TRP C 121 4.76 -16.58 49.08
C TRP C 121 4.16 -16.03 50.37
N GLY C 122 5.00 -15.72 51.35
CA GLY C 122 4.54 -15.22 52.63
C GLY C 122 4.10 -13.77 52.61
N ASN C 123 3.68 -13.31 53.77
CA ASN C 123 3.25 -11.94 54.01
C ASN C 123 4.28 -10.94 53.52
N THR C 124 3.83 -9.92 52.79
CA THR C 124 4.72 -8.87 52.29
C THR C 124 4.67 -7.58 53.11
N LYS C 125 3.96 -7.58 54.22
CA LYS C 125 3.86 -6.39 55.06
C LYS C 125 4.51 -6.66 56.40
N SER C 126 5.30 -5.69 56.87
CA SER C 126 5.88 -5.78 58.21
C SER C 126 4.90 -5.34 59.28
N SER C 127 3.87 -4.59 58.89
CA SER C 127 2.75 -4.25 59.74
C SER C 127 1.47 -4.58 58.98
N GLY C 128 0.59 -5.37 59.58
CA GLY C 128 -0.56 -5.83 58.86
C GLY C 128 -0.22 -7.05 58.02
N THR C 129 -1.10 -7.35 57.07
CA THR C 129 -0.96 -8.56 56.28
C THR C 129 -1.29 -8.30 54.83
N SER C 130 -0.51 -8.88 53.93
CA SER C 130 -0.88 -8.97 52.54
C SER C 130 -0.15 -10.15 51.93
N TYR C 131 -0.89 -11.13 51.43
CA TYR C 131 -0.23 -12.29 50.87
C TYR C 131 -0.33 -12.26 49.35
N PRO C 132 0.79 -12.46 48.66
CA PRO C 132 0.83 -12.32 47.19
C PRO C 132 0.33 -13.54 46.46
N ASP C 133 -0.06 -13.31 45.20
CA ASP C 133 -0.32 -14.41 44.27
C ASP C 133 0.96 -14.99 43.72
N VAL C 134 1.95 -14.14 43.43
CA VAL C 134 3.16 -14.57 42.74
C VAL C 134 4.31 -14.65 43.74
N LEU C 135 5.29 -15.48 43.40
CA LEU C 135 6.48 -15.66 44.22
C LEU C 135 7.30 -14.39 44.30
N LYS C 136 7.72 -14.03 45.50
CA LYS C 136 8.53 -12.84 45.75
C LYS C 136 9.95 -13.25 46.08
N CYS C 137 10.88 -12.35 45.80
CA CYS C 137 12.30 -12.60 45.96
C CYS C 137 12.93 -11.47 46.76
N LEU C 138 14.02 -11.78 47.44
CA LEU C 138 14.74 -10.78 48.22
C LEU C 138 16.23 -11.07 48.13
N LYS C 139 17.02 -10.04 47.88
CA LYS C 139 18.45 -10.15 48.01
C LYS C 139 18.83 -9.65 49.39
N ALA C 140 19.50 -10.50 50.16
CA ALA C 140 19.87 -10.11 51.52
C ALA C 140 21.20 -10.77 51.83
N PRO C 141 22.10 -10.07 52.51
CA PRO C 141 23.43 -10.62 52.79
C PRO C 141 23.45 -11.41 54.07
N ILE C 142 24.37 -12.38 54.14
CA ILE C 142 24.62 -13.07 55.39
C ILE C 142 25.25 -12.07 56.36
N LEU C 143 24.74 -12.05 57.58
CA LEU C 143 25.26 -11.16 58.60
C LEU C 143 26.28 -11.91 59.44
N SER C 144 27.21 -11.14 60.02
CA SER C 144 28.21 -11.73 60.89
C SER C 144 27.57 -12.47 62.06
N ASP C 145 28.27 -13.51 62.51
CA ASP C 145 27.87 -14.23 63.71
C ASP C 145 27.65 -13.27 64.87
N SER C 146 28.50 -12.25 64.97
CA SER C 146 28.40 -11.28 66.06
C SER C 146 27.13 -10.44 65.95
N SER C 147 26.76 -10.00 64.75
CA SER C 147 25.53 -9.22 64.61
C SER C 147 24.31 -10.05 65.00
N CYS C 148 24.32 -11.33 64.66
CA CYS C 148 23.19 -12.19 64.93
C CYS C 148 22.96 -12.36 66.44
N LYS C 149 24.02 -12.67 67.19
CA LYS C 149 23.87 -12.93 68.62
C LYS C 149 23.64 -11.66 69.42
N SER C 150 24.16 -10.52 68.96
CA SER C 150 23.82 -9.28 69.65
C SER C 150 22.36 -8.90 69.38
N ALA C 151 21.83 -9.27 68.21
CA ALA C 151 20.41 -9.06 67.93
C ALA C 151 19.53 -9.99 68.76
N TYR C 152 19.98 -11.23 68.97
CA TYR C 152 19.18 -12.28 69.60
C TYR C 152 19.97 -12.94 70.71
N PRO C 153 20.22 -12.24 71.82
CA PRO C 153 21.07 -12.79 72.87
C PRO C 153 20.53 -14.12 73.39
N GLY C 154 21.43 -15.10 73.47
CA GLY C 154 21.14 -16.39 74.07
C GLY C 154 20.33 -17.34 73.23
N GLN C 155 20.03 -16.99 71.98
CA GLN C 155 19.11 -17.79 71.17
C GLN C 155 19.70 -18.33 69.88
N ILE C 156 20.90 -17.89 69.48
CA ILE C 156 21.49 -18.34 68.23
C ILE C 156 22.40 -19.52 68.54
N THR C 157 22.10 -20.68 67.97
CA THR C 157 22.99 -21.81 68.08
C THR C 157 23.96 -21.83 66.88
N SER C 158 24.90 -22.77 66.92
CA SER C 158 25.80 -22.96 65.79
C SER C 158 25.09 -23.42 64.53
N ASN C 159 23.84 -23.88 64.62
CA ASN C 159 23.09 -24.32 63.46
C ASN C 159 22.14 -23.25 62.94
N MET C 160 22.40 -21.99 63.30
CA MET C 160 21.60 -20.86 62.87
C MET C 160 22.52 -19.79 62.29
N PHE C 161 22.00 -19.02 61.35
CA PHE C 161 22.67 -17.80 60.93
C PHE C 161 21.62 -16.75 60.65
N CYS C 162 22.06 -15.49 60.66
CA CYS C 162 21.22 -14.35 60.33
C CYS C 162 21.51 -13.85 58.93
N ALA C 163 20.49 -13.34 58.27
CA ALA C 163 20.61 -12.70 56.97
C ALA C 163 19.60 -11.58 56.92
N GLY C 164 19.97 -10.50 56.23
CA GLY C 164 19.05 -9.40 56.13
C GLY C 164 19.69 -8.05 56.36
N TYR C 165 18.92 -7.14 56.95
CA TYR C 165 19.33 -5.75 57.09
C TYR C 165 18.99 -5.31 58.50
N LEU C 166 20.00 -4.84 59.23
CA LEU C 166 19.80 -4.47 60.62
C LEU C 166 18.92 -3.24 60.76
N GLU C 167 18.89 -2.37 59.75
CA GLU C 167 17.99 -1.22 59.80
C GLU C 167 16.54 -1.64 59.65
N GLY C 168 16.28 -2.84 59.15
CA GLY C 168 14.92 -3.31 58.94
C GLY C 168 14.47 -3.03 57.53
N GLY C 169 13.17 -3.24 57.29
CA GLY C 169 12.55 -2.91 56.03
C GLY C 169 12.51 -4.02 55.01
N LYS C 170 13.41 -4.99 55.10
CA LYS C 170 13.48 -6.11 54.18
C LYS C 170 13.75 -7.37 54.99
N ASP C 171 12.88 -8.37 54.84
CA ASP C 171 13.00 -9.56 55.67
C ASP C 171 12.08 -10.63 55.12
N SER C 172 12.35 -11.88 55.50
CA SER C 172 11.34 -12.91 55.42
C SER C 172 10.20 -12.62 56.40
N CYS C 173 9.05 -13.23 56.14
CA CYS C 173 7.91 -13.05 57.02
C CYS C 173 7.09 -14.33 57.09
N GLN C 174 6.02 -14.30 57.88
CA GLN C 174 5.19 -15.48 58.06
C GLN C 174 4.65 -15.99 56.74
N GLY C 175 4.76 -17.29 56.53
CA GLY C 175 4.41 -17.92 55.28
C GLY C 175 5.60 -18.24 54.38
N ASP C 176 6.79 -17.74 54.72
CA ASP C 176 8.01 -18.09 54.02
C ASP C 176 8.75 -19.25 54.65
N SER C 177 8.32 -19.70 55.85
CA SER C 177 9.00 -20.78 56.56
C SER C 177 9.36 -21.92 55.63
N GLY C 178 10.57 -22.44 55.82
CA GLY C 178 11.03 -23.58 55.07
C GLY C 178 11.61 -23.26 53.72
N GLY C 179 11.40 -22.04 53.23
CA GLY C 179 11.89 -21.63 51.94
C GLY C 179 13.40 -21.47 51.87
N PRO C 180 13.93 -21.38 50.65
CA PRO C 180 15.37 -21.40 50.44
C PRO C 180 16.07 -20.08 50.71
N VAL C 181 17.32 -20.19 51.18
CA VAL C 181 18.29 -19.09 51.17
C VAL C 181 19.48 -19.58 50.34
N VAL C 182 19.64 -19.02 49.16
CA VAL C 182 20.62 -19.51 48.19
C VAL C 182 21.72 -18.47 48.06
N CYS C 183 22.97 -18.89 48.29
CA CYS C 183 24.12 -18.00 48.21
C CYS C 183 25.18 -18.66 47.34
N SER C 184 25.66 -17.93 46.32
CA SER C 184 26.69 -18.41 45.40
C SER C 184 26.25 -19.71 44.73
N GLY C 185 24.96 -19.80 44.46
CA GLY C 185 24.39 -20.92 43.75
C GLY C 185 24.13 -22.17 44.58
N LYS C 186 24.29 -22.11 45.91
CA LYS C 186 24.10 -23.27 46.77
C LYS C 186 23.12 -22.95 47.88
N LEU C 187 22.38 -23.97 48.33
CA LEU C 187 21.41 -23.79 49.41
C LEU C 187 22.13 -23.64 50.75
N GLN C 188 22.15 -22.43 51.29
CA GLN C 188 22.82 -22.18 52.56
C GLN C 188 21.88 -22.07 53.74
N GLY C 189 20.61 -21.74 53.53
CA GLY C 189 19.72 -21.50 54.64
C GLY C 189 18.31 -22.01 54.40
N ILE C 190 17.60 -22.18 55.51
CA ILE C 190 16.17 -22.48 55.50
C ILE C 190 15.46 -21.42 56.32
N VAL C 191 14.45 -20.77 55.74
CA VAL C 191 13.67 -19.78 56.48
C VAL C 191 13.12 -20.42 57.76
N SER C 192 13.43 -19.82 58.90
CA SER C 192 13.06 -20.46 60.17
C SER C 192 12.27 -19.53 61.09
N TRP C 193 12.89 -18.51 61.67
CA TRP C 193 12.22 -17.69 62.68
C TRP C 193 12.81 -16.28 62.70
N GLY C 194 12.17 -15.42 63.49
CA GLY C 194 12.62 -14.04 63.67
C GLY C 194 11.67 -13.36 64.63
N SER C 195 12.08 -12.18 65.11
CA SER C 195 11.24 -11.36 65.97
C SER C 195 10.48 -10.34 65.11
N GLY C 196 9.19 -10.59 64.88
CA GLY C 196 8.48 -9.76 63.92
C GLY C 196 9.03 -10.00 62.53
N CYS C 197 8.79 -9.02 61.65
CA CYS C 197 9.27 -9.03 60.27
C CYS C 197 9.83 -7.65 59.95
N ALA C 198 11.06 -7.60 59.43
CA ALA C 198 11.64 -6.37 58.88
C ALA C 198 11.75 -5.26 59.91
N GLN C 199 11.90 -5.62 61.17
CA GLN C 199 12.06 -4.68 62.26
C GLN C 199 13.54 -4.36 62.47
N LYS C 200 13.80 -3.22 63.11
CA LYS C 200 15.15 -2.77 63.37
C LYS C 200 15.92 -3.77 64.25
N ASN C 201 17.12 -4.13 63.80
CA ASN C 201 18.03 -4.98 64.55
C ASN C 201 17.40 -6.33 64.89
N LYS C 202 16.47 -6.80 64.05
CA LYS C 202 15.80 -8.09 64.23
C LYS C 202 15.76 -8.81 62.90
N PRO C 203 16.92 -9.23 62.38
CA PRO C 203 16.97 -9.89 61.07
C PRO C 203 16.37 -11.29 61.11
N GLY C 204 16.15 -11.86 59.93
CA GLY C 204 15.68 -13.24 59.88
C GLY C 204 16.75 -14.21 60.35
N VAL C 205 16.31 -15.30 60.98
CA VAL C 205 17.21 -16.38 61.40
C VAL C 205 16.92 -17.61 60.54
N TYR C 206 17.97 -18.30 60.14
CA TYR C 206 17.86 -19.34 59.14
C TYR C 206 18.67 -20.57 59.56
N THR C 207 18.13 -21.75 59.27
CA THR C 207 18.86 -22.98 59.53
C THR C 207 20.08 -23.05 58.64
N LYS C 208 21.23 -23.33 59.25
CA LYS C 208 22.53 -23.35 58.58
C LYS C 208 22.71 -24.69 57.87
N VAL C 209 22.38 -24.72 56.58
CA VAL C 209 22.31 -25.98 55.83
C VAL C 209 23.68 -26.67 55.68
N CYS C 210 24.77 -25.91 55.56
CA CYS C 210 26.10 -26.51 55.44
C CYS C 210 26.41 -27.51 56.55
N ASN C 211 25.90 -27.28 57.77
CA ASN C 211 26.12 -28.18 58.90
C ASN C 211 25.39 -29.51 58.75
N TYR C 212 24.48 -29.63 57.80
CA TYR C 212 23.60 -30.79 57.67
C TYR C 212 23.89 -31.62 56.43
N VAL C 213 24.94 -31.27 55.67
CA VAL C 213 25.15 -31.90 54.37
C VAL C 213 25.38 -33.39 54.53
N SER C 214 26.16 -33.78 55.53
CA SER C 214 26.42 -35.21 55.77
C SER C 214 25.14 -35.96 56.08
N TRP C 215 24.33 -35.41 56.99
CA TRP C 215 23.06 -36.05 57.34
C TRP C 215 22.13 -36.13 56.12
N ILE C 216 22.10 -35.08 55.30
CA ILE C 216 21.25 -35.09 54.12
C ILE C 216 21.67 -36.20 53.15
N LYS C 217 22.96 -36.27 52.84
CA LYS C 217 23.49 -37.26 51.89
C LYS C 217 23.27 -38.68 52.40
N GLN C 218 23.55 -38.92 53.69
CA GLN C 218 23.34 -40.23 54.27
C GLN C 218 21.87 -40.62 54.25
N THR C 219 20.98 -39.67 54.61
CA THR C 219 19.55 -39.97 54.68
C THR C 219 18.99 -40.31 53.30
N ILE C 220 19.36 -39.53 52.29
CA ILE C 220 18.98 -39.81 50.91
C ILE C 220 19.55 -41.15 50.46
N ALA C 221 20.78 -41.45 50.87
CA ALA C 221 21.43 -42.69 50.50
C ALA C 221 20.73 -43.89 51.13
N SER C 222 20.14 -43.71 52.31
CA SER C 222 19.49 -44.78 53.04
C SER C 222 17.98 -44.85 52.80
N ASN C 223 17.39 -43.92 52.05
CA ASN C 223 15.94 -43.93 51.82
C ASN C 223 15.55 -43.96 50.35
N ILE D 1 20.63 -18.59 20.60
CA ILE D 1 20.18 -19.86 21.18
C ILE D 1 19.09 -20.47 20.32
N VAL D 2 19.34 -21.69 19.82
CA VAL D 2 18.39 -22.43 18.98
C VAL D 2 17.67 -23.46 19.84
N GLY D 3 16.34 -23.48 19.74
CA GLY D 3 15.53 -24.46 20.44
C GLY D 3 15.30 -24.15 21.91
N GLY D 4 15.48 -22.89 22.31
CA GLY D 4 15.39 -22.50 23.70
C GLY D 4 14.07 -21.83 24.03
N TYR D 5 14.10 -21.05 25.11
CA TYR D 5 12.91 -20.36 25.58
C TYR D 5 13.32 -18.98 26.08
N THR D 6 12.35 -18.10 26.19
CA THR D 6 12.59 -16.79 26.76
C THR D 6 12.96 -16.93 28.24
N CYS D 7 14.10 -16.36 28.63
CA CYS D 7 14.56 -16.50 30.01
C CYS D 7 13.61 -15.83 30.98
N GLY D 8 13.22 -14.60 30.68
CA GLY D 8 12.57 -13.79 31.69
C GLY D 8 13.51 -12.80 32.34
N ALA D 9 12.91 -11.74 32.88
CA ALA D 9 13.63 -10.53 33.27
C ALA D 9 14.71 -10.78 34.31
N ASN D 10 14.39 -11.48 35.40
CA ASN D 10 15.29 -11.61 36.55
C ASN D 10 16.06 -12.92 36.57
N THR D 11 15.88 -13.76 35.54
CA THR D 11 16.27 -15.16 35.56
C THR D 11 17.77 -15.36 35.37
N VAL D 12 18.44 -14.50 34.60
CA VAL D 12 19.87 -14.66 34.38
C VAL D 12 20.57 -13.35 34.74
N PRO D 13 20.65 -12.98 36.03
CA PRO D 13 21.18 -11.66 36.39
C PRO D 13 22.69 -11.50 36.23
N TYR D 14 23.45 -12.59 36.04
CA TYR D 14 24.90 -12.56 35.82
C TYR D 14 25.29 -12.44 34.36
N GLN D 15 24.34 -12.60 33.43
CA GLN D 15 24.61 -12.41 32.02
C GLN D 15 24.84 -10.94 31.72
N VAL D 16 25.87 -10.64 30.95
CA VAL D 16 26.07 -9.31 30.41
C VAL D 16 26.24 -9.40 28.90
N SER D 17 26.19 -8.23 28.27
CA SER D 17 26.41 -8.03 26.85
C SER D 17 27.70 -7.24 26.69
N LEU D 18 28.56 -7.66 25.76
CA LEU D 18 29.71 -6.86 25.34
C LEU D 18 29.31 -6.03 24.12
N ASN D 19 29.58 -4.72 24.17
CA ASN D 19 29.07 -3.78 23.18
C ASN D 19 30.21 -2.93 22.63
N SER D 20 30.18 -2.71 21.31
CA SER D 20 31.11 -1.80 20.65
C SER D 20 30.37 -1.03 19.57
N GLY D 21 29.26 -0.39 19.96
CA GLY D 21 28.34 0.18 19.00
C GLY D 21 27.25 -0.77 18.57
N TYR D 22 27.38 -2.04 18.91
CA TYR D 22 26.40 -3.10 18.65
C TYR D 22 26.75 -4.23 19.60
N HIS D 23 25.75 -5.05 19.96
CA HIS D 23 26.05 -6.27 20.71
C HIS D 23 26.84 -7.22 19.82
N PHE D 24 27.96 -7.75 20.32
CA PHE D 24 28.70 -8.76 19.57
C PHE D 24 29.10 -10.00 20.37
N CYS D 25 29.04 -9.98 21.71
CA CYS D 25 29.35 -11.14 22.55
C CYS D 25 28.59 -11.06 23.87
N GLY D 26 28.32 -12.23 24.45
CA GLY D 26 27.87 -12.30 25.82
C GLY D 26 29.05 -12.34 26.78
N GLY D 27 28.73 -12.35 28.07
CA GLY D 27 29.73 -12.43 29.14
C GLY D 27 29.07 -12.78 30.45
N SER D 28 29.89 -12.99 31.49
CA SER D 28 29.40 -13.37 32.82
C SER D 28 29.98 -12.44 33.88
N LEU D 29 29.12 -11.87 34.70
CA LEU D 29 29.57 -11.11 35.86
C LEU D 29 29.95 -12.08 36.97
N ILE D 30 31.22 -12.09 37.38
CA ILE D 30 31.68 -13.01 38.40
C ILE D 30 31.95 -12.31 39.73
N ASN D 31 32.00 -10.99 39.75
CA ASN D 31 31.82 -10.18 40.95
C ASN D 31 31.46 -8.79 40.46
N SER D 32 31.32 -7.84 41.40
CA SER D 32 30.77 -6.54 41.04
C SER D 32 31.62 -5.78 40.03
N GLN D 33 32.90 -6.16 39.84
CA GLN D 33 33.81 -5.42 38.99
C GLN D 33 34.51 -6.21 37.91
N TRP D 34 34.25 -7.51 37.77
CA TRP D 34 34.98 -8.35 36.85
C TRP D 34 34.03 -9.23 36.05
N VAL D 35 34.31 -9.37 34.77
CA VAL D 35 33.50 -10.13 33.82
C VAL D 35 34.40 -11.22 33.21
N VAL D 36 33.81 -12.39 32.96
CA VAL D 36 34.47 -13.45 32.19
C VAL D 36 33.81 -13.56 30.82
N SER D 37 34.61 -13.64 29.77
CA SER D 37 34.10 -13.84 28.42
C SER D 37 35.11 -14.66 27.62
N ALA D 38 34.91 -14.74 26.30
CA ALA D 38 35.78 -15.56 25.47
C ALA D 38 36.91 -14.70 24.91
N ALA D 39 38.10 -15.29 24.82
CA ALA D 39 39.25 -14.61 24.22
C ALA D 39 38.98 -14.13 22.80
N HIS D 40 38.27 -14.92 21.99
CA HIS D 40 38.00 -14.50 20.63
C HIS D 40 37.06 -13.31 20.56
N CYS D 41 36.46 -12.89 21.68
CA CYS D 41 35.62 -11.69 21.79
C CYS D 41 36.38 -10.42 22.08
N TYR D 42 37.69 -10.49 22.24
CA TYR D 42 38.44 -9.29 22.55
C TYR D 42 38.25 -8.21 21.47
N LYS D 43 38.05 -6.99 21.94
CA LYS D 43 37.83 -5.81 21.12
C LYS D 43 38.35 -4.61 21.90
N SER D 44 38.83 -3.59 21.18
CA SER D 44 39.24 -2.38 21.87
C SER D 44 38.01 -1.57 22.28
N GLY D 45 38.12 -0.92 23.44
CA GLY D 45 37.06 -0.05 23.93
C GLY D 45 35.73 -0.74 24.12
N ILE D 46 35.73 -1.94 24.72
CA ILE D 46 34.48 -2.64 25.01
C ILE D 46 33.65 -1.86 26.02
N GLN D 47 32.35 -1.82 25.78
CA GLN D 47 31.38 -1.39 26.77
C GLN D 47 30.57 -2.60 27.22
N VAL D 48 30.40 -2.75 28.54
CA VAL D 48 29.62 -3.84 29.12
C VAL D 48 28.23 -3.34 29.49
N ARG D 49 27.19 -4.07 29.07
CA ARG D 49 25.81 -3.74 29.43
C ARG D 49 25.30 -4.78 30.41
N LEU D 50 24.81 -4.31 31.56
CA LEU D 50 24.31 -5.15 32.64
C LEU D 50 22.86 -4.82 32.92
N GLY D 51 22.11 -5.81 33.41
CA GLY D 51 20.71 -5.58 33.68
C GLY D 51 19.84 -5.55 32.45
N GLU D 52 20.39 -5.91 31.29
CA GLU D 52 19.66 -5.96 30.04
C GLU D 52 18.90 -7.27 29.87
N ASP D 53 17.62 -7.17 29.57
CA ASP D 53 16.84 -8.29 29.06
C ASP D 53 16.55 -8.09 27.59
N ASN D 54 15.90 -6.99 27.27
CA ASN D 54 15.65 -6.56 25.90
C ASN D 54 16.89 -5.82 25.41
N ILE D 55 17.56 -6.37 24.40
CA ILE D 55 18.80 -5.76 23.91
C ILE D 55 18.53 -4.50 23.09
N ASN D 56 17.29 -4.28 22.70
CA ASN D 56 16.90 -3.17 21.84
C ASN D 56 16.34 -2.01 22.63
N VAL D 57 16.18 -2.15 23.93
CA VAL D 57 15.60 -1.11 24.77
C VAL D 57 16.69 -0.34 25.51
N VAL D 58 16.46 0.95 25.65
CA VAL D 58 17.20 1.85 26.52
C VAL D 58 16.45 1.96 27.86
N GLU D 59 16.44 0.91 28.68
CA GLU D 59 15.74 0.89 30.00
C GLU D 59 16.55 1.62 31.11
N GLY D 60 15.94 1.90 32.26
CA GLY D 60 16.54 2.60 33.43
C GLY D 60 17.34 1.73 34.41
N ASN D 61 16.89 0.54 34.82
CA ASN D 61 17.59 -0.44 35.74
C ASN D 61 18.86 -1.09 35.12
N GLU D 62 19.20 -0.79 33.86
CA GLU D 62 20.39 -1.31 33.15
C GLU D 62 21.59 -0.41 33.46
N GLN D 63 22.77 -0.97 33.42
CA GLN D 63 24.00 -0.21 33.58
C GLN D 63 24.90 -0.42 32.37
N PHE D 64 25.47 0.67 31.86
CA PHE D 64 26.49 0.62 30.81
C PHE D 64 27.80 1.01 31.46
N ILE D 65 28.79 0.12 31.41
CA ILE D 65 30.05 0.35 32.11
C ILE D 65 31.20 0.02 31.18
N SER D 66 32.12 0.96 31.03
CA SER D 66 33.27 0.76 30.17
C SER D 66 34.21 -0.29 30.74
N ALA D 67 34.82 -1.06 29.85
CA ALA D 67 35.94 -1.90 30.25
C ALA D 67 37.10 -1.00 30.64
N SER D 68 37.75 -1.35 31.76
CA SER D 68 38.98 -0.71 32.17
C SER D 68 40.19 -1.49 31.72
N LYS D 69 40.12 -2.81 31.79
CA LYS D 69 41.19 -3.72 31.42
C LYS D 69 40.54 -4.92 30.77
N SER D 70 41.03 -5.32 29.60
CA SER D 70 40.55 -6.52 28.92
C SER D 70 41.74 -7.45 28.74
N ILE D 71 41.74 -8.55 29.49
CA ILE D 71 42.92 -9.41 29.64
C ILE D 71 42.62 -10.76 29.00
N VAL D 72 43.14 -10.96 27.79
CA VAL D 72 43.05 -12.25 27.12
C VAL D 72 44.02 -13.22 27.78
N HIS D 73 43.61 -14.48 27.88
CA HIS D 73 44.48 -15.49 28.45
C HIS D 73 45.84 -15.48 27.75
N PRO D 74 46.94 -15.53 28.50
CA PRO D 74 48.27 -15.43 27.87
C PRO D 74 48.60 -16.59 26.95
N SER D 75 47.94 -17.74 27.10
CA SER D 75 48.18 -18.87 26.21
C SER D 75 47.09 -19.04 25.17
N TYR D 76 46.23 -18.04 24.97
CA TYR D 76 45.19 -18.15 23.95
C TYR D 76 45.82 -18.41 22.59
N ASN D 77 45.32 -19.43 21.90
CA ASN D 77 45.86 -19.89 20.63
C ASN D 77 44.79 -19.77 19.53
N SER D 78 44.90 -18.72 18.69
CA SER D 78 43.93 -18.52 17.62
C SER D 78 43.94 -19.61 16.54
N ASN D 79 45.01 -20.41 16.48
CA ASN D 79 45.05 -21.51 15.51
C ASN D 79 44.32 -22.75 16.02
N THR D 80 44.33 -22.97 17.33
CA THR D 80 43.70 -24.15 17.90
C THR D 80 42.45 -23.84 18.71
N LEU D 81 42.16 -22.56 18.97
CA LEU D 81 41.06 -22.09 19.80
C LEU D 81 41.23 -22.48 21.26
N ASN D 82 42.42 -22.95 21.65
CA ASN D 82 42.69 -23.35 23.02
C ASN D 82 42.85 -22.14 23.92
N ASN D 83 42.41 -22.28 25.19
CA ASN D 83 42.51 -21.23 26.21
C ASN D 83 41.66 -20.00 25.86
N ASP D 84 40.41 -20.26 25.46
CA ASP D 84 39.49 -19.22 24.98
C ASP D 84 38.75 -18.59 26.17
N ILE D 85 39.47 -17.77 26.90
CA ILE D 85 38.92 -17.09 28.07
C ILE D 85 39.57 -15.72 28.18
N MET D 86 38.76 -14.74 28.52
CA MET D 86 39.19 -13.37 28.70
C MET D 86 38.55 -12.83 29.96
N LEU D 87 39.30 -12.07 30.75
CA LEU D 87 38.76 -11.32 31.89
C LEU D 87 38.68 -9.84 31.53
N ILE D 88 37.57 -9.21 31.91
CA ILE D 88 37.38 -7.78 31.76
C ILE D 88 37.19 -7.15 33.13
N LYS D 89 38.05 -6.18 33.48
CA LYS D 89 37.81 -5.38 34.66
C LYS D 89 37.01 -4.14 34.28
N LEU D 90 35.89 -3.93 34.98
CA LEU D 90 35.00 -2.81 34.71
C LEU D 90 35.57 -1.51 35.28
N LYS D 91 35.23 -0.41 34.61
CA LYS D 91 35.69 0.91 35.03
C LYS D 91 35.07 1.35 36.34
N SER D 92 33.87 0.85 36.66
CA SER D 92 33.21 1.09 37.94
C SER D 92 32.52 -0.20 38.37
N ALA D 93 32.32 -0.34 39.69
CA ALA D 93 31.61 -1.50 40.20
C ALA D 93 30.15 -1.51 39.75
N ALA D 94 29.65 -2.70 39.43
CA ALA D 94 28.24 -2.82 39.10
C ALA D 94 27.37 -2.57 40.33
N SER D 95 26.23 -1.92 40.11
CA SER D 95 25.17 -1.83 41.12
C SER D 95 24.34 -3.09 41.05
N LEU D 96 24.29 -3.83 42.15
CA LEU D 96 23.56 -5.07 42.19
C LEU D 96 22.07 -4.81 42.46
N ASN D 97 21.20 -5.54 41.76
CA ASN D 97 19.75 -5.40 41.90
C ASN D 97 19.10 -6.69 41.41
N SER D 98 17.79 -6.65 41.20
CA SER D 98 17.08 -7.86 40.78
C SER D 98 17.65 -8.44 39.50
N ARG D 99 18.19 -7.59 38.63
CA ARG D 99 18.63 -8.01 37.31
C ARG D 99 20.14 -8.08 37.16
N VAL D 100 20.90 -7.76 38.21
CA VAL D 100 22.36 -7.70 38.14
C VAL D 100 22.90 -8.38 39.39
N ALA D 101 23.55 -9.52 39.21
CA ALA D 101 24.13 -10.28 40.31
C ALA D 101 25.26 -11.11 39.72
N SER D 102 26.21 -11.48 40.57
CA SER D 102 27.35 -12.24 40.09
C SER D 102 27.09 -13.74 40.16
N ILE D 103 27.74 -14.48 39.26
CA ILE D 103 27.78 -15.93 39.29
C ILE D 103 29.15 -16.34 39.82
N SER D 104 29.18 -17.36 40.68
CA SER D 104 30.44 -17.75 41.30
C SER D 104 31.10 -18.89 40.52
N LEU D 105 32.43 -19.01 40.72
CA LEU D 105 33.29 -19.99 40.05
C LEU D 105 33.18 -21.37 40.68
N PRO D 106 33.40 -22.43 39.89
CA PRO D 106 33.25 -23.79 40.42
C PRO D 106 34.41 -24.20 41.29
N THR D 107 34.13 -25.12 42.22
CA THR D 107 35.19 -25.75 43.00
C THR D 107 35.67 -27.05 42.36
N SER D 108 34.86 -27.67 41.51
CA SER D 108 35.30 -28.84 40.78
C SER D 108 34.59 -28.87 39.44
N CYS D 109 35.13 -29.68 38.53
CA CYS D 109 34.57 -29.80 37.20
C CYS D 109 33.26 -30.58 37.24
N ALA D 110 32.38 -30.27 36.30
CA ALA D 110 31.10 -30.95 36.25
C ALA D 110 31.20 -32.25 35.44
N SER D 111 30.35 -33.22 35.81
CA SER D 111 30.33 -34.52 35.16
C SER D 111 29.30 -34.61 34.03
N ALA D 112 29.56 -35.56 33.13
CA ALA D 112 28.66 -35.90 32.05
C ALA D 112 27.24 -36.16 32.58
N GLY D 113 26.26 -35.64 31.84
CA GLY D 113 24.86 -35.75 32.16
C GLY D 113 24.32 -34.66 33.06
N THR D 114 25.19 -33.83 33.64
CA THR D 114 24.72 -32.70 34.44
C THR D 114 23.99 -31.71 33.53
N GLN D 115 22.80 -31.27 33.96
CA GLN D 115 22.05 -30.30 33.18
C GLN D 115 22.55 -28.88 33.49
N CYS D 116 22.80 -28.09 32.43
CA CYS D 116 23.32 -26.74 32.53
C CYS D 116 22.39 -25.72 31.87
N LEU D 117 22.52 -24.47 32.27
CA LEU D 117 21.76 -23.37 31.69
C LEU D 117 22.71 -22.52 30.84
N ILE D 118 22.42 -22.43 29.53
CA ILE D 118 23.20 -21.65 28.58
C ILE D 118 22.32 -20.49 28.10
N SER D 119 22.88 -19.28 28.03
CA SER D 119 22.04 -18.12 27.76
C SER D 119 22.74 -17.14 26.83
N GLY D 120 21.96 -16.48 25.97
CA GLY D 120 22.49 -15.40 25.15
C GLY D 120 21.44 -14.82 24.21
N TRP D 121 21.87 -13.80 23.44
CA TRP D 121 21.04 -13.08 22.47
C TRP D 121 21.39 -13.43 21.03
N GLY D 122 22.01 -14.59 20.80
CA GLY D 122 22.40 -15.00 19.48
C GLY D 122 21.25 -15.48 18.60
N ASN D 123 21.63 -15.87 17.39
CA ASN D 123 20.72 -16.44 16.41
C ASN D 123 19.89 -17.58 17.00
N THR D 124 18.59 -17.59 16.71
CA THR D 124 17.72 -18.66 17.20
C THR D 124 17.37 -19.68 16.13
N LYS D 125 17.95 -19.56 14.94
CA LYS D 125 17.69 -20.46 13.81
C LYS D 125 18.95 -21.22 13.42
N SER D 126 18.79 -22.50 13.08
CA SER D 126 19.90 -23.29 12.52
C SER D 126 20.01 -23.13 11.00
N SER D 127 18.97 -22.65 10.33
CA SER D 127 19.02 -22.30 8.92
C SER D 127 18.48 -20.89 8.76
N GLY D 128 19.28 -20.00 8.18
CA GLY D 128 18.93 -18.60 8.16
C GLY D 128 19.29 -17.95 9.48
N THR D 129 18.75 -16.75 9.71
CA THR D 129 19.09 -15.99 10.90
C THR D 129 17.85 -15.34 11.46
N SER D 130 17.73 -15.36 12.78
CA SER D 130 16.71 -14.60 13.47
C SER D 130 17.26 -14.26 14.83
N TYR D 131 17.32 -12.97 15.16
CA TYR D 131 17.89 -12.50 16.41
C TYR D 131 16.80 -12.02 17.36
N PRO D 132 16.84 -12.44 18.61
CA PRO D 132 15.78 -12.09 19.56
C PRO D 132 15.95 -10.71 20.16
N ASP D 133 14.85 -10.16 20.64
CA ASP D 133 14.93 -8.96 21.46
C ASP D 133 15.33 -9.29 22.89
N VAL D 134 14.79 -10.37 23.44
CA VAL D 134 14.98 -10.68 24.84
C VAL D 134 15.93 -11.86 24.97
N LEU D 135 16.58 -11.94 26.12
CA LEU D 135 17.54 -13.00 26.38
C LEU D 135 16.86 -14.36 26.32
N LYS D 136 17.52 -15.32 25.65
CA LYS D 136 17.05 -16.68 25.48
C LYS D 136 17.89 -17.65 26.32
N CYS D 137 17.24 -18.76 26.73
CA CYS D 137 17.79 -19.75 27.65
C CYS D 137 17.64 -21.15 27.08
N LEU D 138 18.56 -22.04 27.46
CA LEU D 138 18.57 -23.42 27.01
C LEU D 138 19.12 -24.32 28.12
N LYS D 139 18.48 -25.45 28.36
CA LYS D 139 19.01 -26.50 29.22
C LYS D 139 19.68 -27.57 28.35
N ALA D 140 20.94 -27.88 28.63
CA ALA D 140 21.66 -28.87 27.84
C ALA D 140 22.61 -29.64 28.75
N PRO D 141 22.82 -30.93 28.48
CA PRO D 141 23.71 -31.74 29.32
C PRO D 141 25.16 -31.70 28.88
N ILE D 142 26.05 -31.88 29.86
CA ILE D 142 27.47 -32.09 29.57
C ILE D 142 27.68 -33.47 28.96
N LEU D 143 28.49 -33.53 27.92
CA LEU D 143 28.88 -34.78 27.27
C LEU D 143 30.27 -35.19 27.77
N SER D 144 30.49 -36.51 27.79
CA SER D 144 31.82 -37.03 28.13
C SER D 144 32.87 -36.53 27.13
N ASP D 145 34.07 -36.28 27.63
CA ASP D 145 35.18 -35.84 26.77
C ASP D 145 35.44 -36.81 25.62
N SER D 146 35.28 -38.12 25.85
CA SER D 146 35.50 -39.07 24.76
C SER D 146 34.48 -38.87 23.64
N SER D 147 33.20 -38.63 23.99
CA SER D 147 32.19 -38.34 22.98
C SER D 147 32.47 -37.01 22.28
N CYS D 148 32.95 -36.04 23.03
CA CYS D 148 33.29 -34.74 22.45
C CYS D 148 34.41 -34.92 21.42
N LYS D 149 35.43 -35.69 21.77
CA LYS D 149 36.55 -35.93 20.87
C LYS D 149 36.12 -36.80 19.70
N SER D 150 35.18 -37.72 19.91
CA SER D 150 34.68 -38.51 18.77
C SER D 150 33.80 -37.66 17.86
N ALA D 151 33.08 -36.66 18.41
CA ALA D 151 32.30 -35.77 17.56
C ALA D 151 33.20 -34.84 16.74
N TYR D 152 34.30 -34.38 17.32
CA TYR D 152 35.20 -33.40 16.70
C TYR D 152 36.62 -33.92 16.77
N PRO D 153 36.94 -34.98 16.03
CA PRO D 153 38.28 -35.59 16.13
C PRO D 153 39.40 -34.60 15.86
N GLY D 154 40.39 -34.60 16.74
CA GLY D 154 41.60 -33.82 16.56
C GLY D 154 41.47 -32.34 16.87
N GLN D 155 40.39 -31.93 17.54
CA GLN D 155 40.20 -30.52 17.84
C GLN D 155 39.95 -30.24 19.32
N ILE D 156 39.56 -31.23 20.11
CA ILE D 156 39.16 -31.00 21.49
C ILE D 156 40.39 -31.09 22.38
N THR D 157 40.72 -29.99 23.03
CA THR D 157 41.78 -29.96 24.02
C THR D 157 41.23 -30.25 25.41
N SER D 158 42.14 -30.35 26.37
CA SER D 158 41.77 -30.54 27.77
C SER D 158 41.01 -29.36 28.36
N ASN D 159 41.02 -28.21 27.72
CA ASN D 159 40.36 -27.02 28.24
C ASN D 159 39.01 -26.75 27.58
N MET D 160 38.44 -27.74 26.92
CA MET D 160 37.16 -27.58 26.26
C MET D 160 36.25 -28.70 26.71
N PHE D 161 34.95 -28.44 26.69
CA PHE D 161 33.97 -29.50 26.84
C PHE D 161 32.78 -29.25 25.93
N CYS D 162 32.04 -30.31 25.65
CA CYS D 162 30.85 -30.26 24.82
C CYS D 162 29.61 -30.29 25.72
N ALA D 163 28.56 -29.63 25.26
CA ALA D 163 27.26 -29.68 25.90
C ALA D 163 26.21 -29.63 24.82
N GLY D 164 25.11 -30.34 25.01
CA GLY D 164 24.05 -30.31 24.04
C GLY D 164 23.53 -31.68 23.67
N TYR D 165 23.07 -31.84 22.44
CA TYR D 165 22.35 -33.04 22.00
C TYR D 165 22.87 -33.48 20.64
N LEU D 166 23.32 -34.72 20.54
CA LEU D 166 23.81 -35.20 19.24
C LEU D 166 22.70 -35.33 18.21
N GLU D 167 21.44 -35.38 18.61
CA GLU D 167 20.37 -35.39 17.63
C GLU D 167 20.15 -34.02 17.00
N GLY D 168 20.69 -32.96 17.60
CA GLY D 168 20.50 -31.62 17.09
C GLY D 168 19.24 -30.98 17.63
N GLY D 169 18.93 -29.80 17.09
CA GLY D 169 17.72 -29.07 17.43
C GLY D 169 17.86 -28.07 18.56
N LYS D 170 18.87 -28.22 19.41
CA LYS D 170 19.11 -27.32 20.54
C LYS D 170 20.60 -27.06 20.64
N ASP D 171 20.99 -25.78 20.65
CA ASP D 171 22.41 -25.41 20.66
C ASP D 171 22.53 -23.92 20.97
N SER D 172 23.71 -23.51 21.44
CA SER D 172 24.07 -22.11 21.29
C SER D 172 24.34 -21.83 19.80
N CYS D 173 24.31 -20.55 19.43
CA CYS D 173 24.51 -20.18 18.03
C CYS D 173 25.24 -18.84 17.96
N GLN D 174 25.47 -18.38 16.73
CA GLN D 174 26.22 -17.15 16.51
C GLN D 174 25.60 -15.97 17.24
N GLY D 175 26.43 -15.23 17.96
CA GLY D 175 25.99 -14.15 18.82
C GLY D 175 25.95 -14.53 20.29
N ASP D 176 26.08 -15.82 20.61
CA ASP D 176 26.12 -16.27 22.00
C ASP D 176 27.54 -16.30 22.57
N SER D 177 28.56 -16.18 21.74
CA SER D 177 29.97 -16.23 22.17
C SER D 177 30.22 -15.44 23.43
N GLY D 178 31.01 -16.02 24.34
CA GLY D 178 31.37 -15.37 25.58
C GLY D 178 30.36 -15.55 26.69
N GLY D 179 29.15 -16.01 26.38
CA GLY D 179 28.10 -16.22 27.36
C GLY D 179 28.27 -17.41 28.28
N PRO D 180 27.49 -17.43 29.35
CA PRO D 180 27.67 -18.44 30.42
C PRO D 180 27.09 -19.80 30.12
N VAL D 181 27.75 -20.81 30.69
CA VAL D 181 27.20 -22.15 30.90
C VAL D 181 27.26 -22.39 32.40
N VAL D 182 26.09 -22.42 33.04
CA VAL D 182 25.99 -22.52 34.50
C VAL D 182 25.43 -23.90 34.84
N CYS D 183 26.17 -24.64 35.67
CA CYS D 183 25.79 -25.97 36.11
C CYS D 183 25.91 -25.99 37.63
N SER D 184 24.84 -26.43 38.31
CA SER D 184 24.83 -26.56 39.76
C SER D 184 25.16 -25.22 40.43
N GLY D 185 24.67 -24.13 39.86
CA GLY D 185 24.86 -22.83 40.45
C GLY D 185 26.24 -22.21 40.25
N LYS D 186 27.09 -22.81 39.42
CA LYS D 186 28.45 -22.31 39.22
C LYS D 186 28.72 -22.11 37.73
N LEU D 187 29.61 -21.16 37.43
CA LEU D 187 30.02 -20.92 36.04
C LEU D 187 30.98 -22.03 35.60
N GLN D 188 30.51 -22.92 34.74
CA GLN D 188 31.33 -24.03 34.27
C GLN D 188 31.83 -23.87 32.85
N GLY D 189 31.20 -23.04 32.03
CA GLY D 189 31.55 -22.97 30.62
C GLY D 189 31.46 -21.57 30.08
N ILE D 190 32.14 -21.37 28.96
CA ILE D 190 32.03 -20.17 28.14
C ILE D 190 31.70 -20.60 26.72
N VAL D 191 30.65 -20.03 26.14
CA VAL D 191 30.29 -20.34 24.76
C VAL D 191 31.48 -20.06 23.85
N SER D 192 31.88 -21.06 23.06
CA SER D 192 33.09 -20.88 22.27
C SER D 192 32.87 -21.19 20.78
N TRP D 193 32.68 -22.45 20.39
CA TRP D 193 32.60 -22.75 18.97
C TRP D 193 31.78 -24.02 18.74
N GLY D 194 31.54 -24.31 17.48
CA GLY D 194 30.84 -25.52 17.09
C GLY D 194 30.71 -25.56 15.59
N SER D 195 30.35 -26.73 15.07
CA SER D 195 30.12 -26.88 13.64
C SER D 195 28.66 -26.63 13.33
N GLY D 196 28.35 -25.45 12.78
CA GLY D 196 26.97 -24.99 12.61
C GLY D 196 26.32 -24.80 13.98
N CYS D 197 24.99 -24.80 13.99
CA CYS D 197 24.17 -24.69 15.19
C CYS D 197 23.08 -25.75 15.14
N ALA D 198 22.98 -26.55 16.21
CA ALA D 198 21.88 -27.51 16.36
C ALA D 198 21.87 -28.54 15.24
N GLN D 199 23.04 -28.84 14.69
CA GLN D 199 23.12 -29.87 13.67
C GLN D 199 23.35 -31.22 14.35
N LYS D 200 22.94 -32.27 13.65
CA LYS D 200 23.11 -33.63 14.16
C LYS D 200 24.59 -33.92 14.35
N ASN D 201 24.92 -34.54 15.49
CA ASN D 201 26.29 -35.00 15.80
C ASN D 201 27.29 -33.88 15.93
N LYS D 202 26.82 -32.65 16.19
CA LYS D 202 27.69 -31.47 16.23
C LYS D 202 27.33 -30.63 17.44
N PRO D 203 27.64 -31.09 18.64
CA PRO D 203 27.28 -30.31 19.84
C PRO D 203 28.11 -29.04 19.92
N GLY D 204 27.66 -28.12 20.77
CA GLY D 204 28.44 -26.94 21.05
C GLY D 204 29.64 -27.26 21.91
N VAL D 205 30.73 -26.51 21.67
CA VAL D 205 31.96 -26.63 22.44
C VAL D 205 32.12 -25.39 23.30
N TYR D 206 32.61 -25.58 24.52
CA TYR D 206 32.62 -24.58 25.58
C TYR D 206 33.97 -24.64 26.29
N THR D 207 34.48 -23.46 26.67
CA THR D 207 35.71 -23.38 27.45
C THR D 207 35.50 -23.94 28.86
N LYS D 208 36.40 -24.80 29.30
CA LYS D 208 36.30 -25.50 30.59
C LYS D 208 36.79 -24.58 31.69
N VAL D 209 35.87 -23.82 32.28
CA VAL D 209 36.23 -22.76 33.21
C VAL D 209 36.86 -23.31 34.48
N CYS D 210 36.45 -24.50 34.93
CA CYS D 210 37.05 -25.09 36.14
C CYS D 210 38.58 -25.13 36.05
N ASN D 211 39.14 -25.31 34.85
CA ASN D 211 40.59 -25.32 34.68
C ASN D 211 41.24 -23.94 34.85
N TYR D 212 40.46 -22.85 34.91
CA TYR D 212 41.00 -21.49 34.89
C TYR D 212 40.79 -20.74 36.20
N VAL D 213 40.24 -21.38 37.23
CA VAL D 213 39.84 -20.66 38.44
C VAL D 213 41.06 -20.05 39.13
N SER D 214 42.15 -20.81 39.25
CA SER D 214 43.35 -20.24 39.85
C SER D 214 43.86 -19.05 39.06
N TRP D 215 43.93 -19.17 37.74
CA TRP D 215 44.39 -18.04 36.93
C TRP D 215 43.46 -16.83 37.07
N ILE D 216 42.13 -17.05 37.13
CA ILE D 216 41.20 -15.94 37.30
C ILE D 216 41.44 -15.25 38.64
N LYS D 217 41.51 -16.05 39.71
CA LYS D 217 41.71 -15.50 41.05
C LYS D 217 43.04 -14.76 41.17
N GLN D 218 44.11 -15.33 40.60
CA GLN D 218 45.41 -14.67 40.59
C GLN D 218 45.36 -13.36 39.81
N THR D 219 44.71 -13.37 38.64
CA THR D 219 44.65 -12.17 37.81
C THR D 219 43.87 -11.05 38.50
N ILE D 220 42.73 -11.38 39.09
CA ILE D 220 41.97 -10.40 39.85
C ILE D 220 42.79 -9.87 41.03
N ALA D 221 43.52 -10.78 41.70
CA ALA D 221 44.31 -10.41 42.87
C ALA D 221 45.48 -9.50 42.51
N SER D 222 46.01 -9.63 41.31
CA SER D 222 47.15 -8.84 40.86
C SER D 222 46.72 -7.56 40.14
N ASN D 223 45.42 -7.37 39.91
CA ASN D 223 44.92 -6.21 39.21
C ASN D 223 43.88 -5.45 39.98
N ILE E 1 1.82 -0.46 11.22
CA ILE E 1 1.67 0.81 11.96
C ILE E 1 3.02 1.38 12.38
N VAL E 2 3.31 2.60 11.95
CA VAL E 2 4.55 3.30 12.28
C VAL E 2 4.29 4.31 13.39
N GLY E 3 5.11 4.26 14.46
CA GLY E 3 4.97 5.23 15.54
C GLY E 3 3.85 4.95 16.50
N GLY E 4 3.37 3.71 16.56
CA GLY E 4 2.25 3.34 17.39
C GLY E 4 2.70 2.64 18.66
N TYR E 5 1.78 1.87 19.22
CA TYR E 5 2.03 1.14 20.46
C TYR E 5 1.36 -0.22 20.36
N THR E 6 1.82 -1.12 21.19
CA THR E 6 1.20 -2.43 21.30
C THR E 6 -0.21 -2.30 21.88
N CYS E 7 -1.20 -2.85 21.14
CA CYS E 7 -2.61 -2.66 21.50
C CYS E 7 -2.91 -3.32 22.84
N GLY E 8 -2.54 -4.58 22.99
CA GLY E 8 -3.02 -5.42 24.07
C GLY E 8 -4.11 -6.39 23.62
N ALA E 9 -4.21 -7.48 24.38
CA ALA E 9 -4.99 -8.65 23.98
C ALA E 9 -6.47 -8.35 23.76
N ASN E 10 -7.09 -7.56 24.64
CA ASN E 10 -8.54 -7.34 24.55
C ASN E 10 -8.89 -6.01 23.91
N THR E 11 -7.90 -5.24 23.46
CA THR E 11 -8.14 -3.84 23.14
C THR E 11 -8.85 -3.65 21.80
N VAL E 12 -8.55 -4.49 20.81
CA VAL E 12 -9.15 -4.31 19.47
C VAL E 12 -9.86 -5.60 19.08
N PRO E 13 -11.03 -5.90 19.68
CA PRO E 13 -11.64 -7.21 19.46
C PRO E 13 -12.30 -7.37 18.09
N TYR E 14 -12.50 -6.29 17.35
CA TYR E 14 -13.06 -6.32 16.00
C TYR E 14 -11.98 -6.45 14.91
N GLN E 15 -10.71 -6.33 15.26
CA GLN E 15 -9.65 -6.55 14.27
C GLN E 15 -9.58 -8.02 13.89
N VAL E 16 -9.53 -8.29 12.58
CA VAL E 16 -9.26 -9.63 12.08
C VAL E 16 -8.10 -9.55 11.10
N SER E 17 -7.58 -10.72 10.74
CA SER E 17 -6.55 -10.85 9.72
C SER E 17 -7.15 -11.59 8.53
N LEU E 18 -6.86 -11.14 7.32
CA LEU E 18 -7.13 -11.97 6.14
C LEU E 18 -5.89 -12.78 5.77
N ASN E 19 -6.06 -14.11 5.66
CA ASN E 19 -4.92 -15.01 5.51
C ASN E 19 -5.14 -15.93 4.32
N SER E 20 -4.08 -16.14 3.56
CA SER E 20 -4.08 -17.05 2.42
C SER E 20 -2.81 -17.88 2.46
N GLY E 21 -2.56 -18.52 3.60
CA GLY E 21 -1.29 -19.14 3.90
C GLY E 21 -0.31 -18.24 4.61
N TYR E 22 -0.58 -16.94 4.66
CA TYR E 22 0.21 -15.91 5.30
C TYR E 22 -0.73 -14.75 5.56
N HIS E 23 -0.44 -13.93 6.57
CA HIS E 23 -1.21 -12.71 6.77
C HIS E 23 -0.94 -11.77 5.61
N PHE E 24 -1.98 -11.29 4.97
CA PHE E 24 -1.78 -10.30 3.91
C PHE E 24 -2.63 -9.06 4.02
N CYS E 25 -3.71 -9.05 4.82
CA CYS E 25 -4.57 -7.89 5.00
C CYS E 25 -5.24 -7.95 6.37
N GLY E 26 -5.58 -6.78 6.90
CA GLY E 26 -6.50 -6.69 8.01
C GLY E 26 -7.94 -6.58 7.52
N GLY E 27 -8.85 -6.59 8.51
CA GLY E 27 -10.28 -6.44 8.27
C GLY E 27 -10.95 -6.14 9.59
N SER E 28 -12.25 -5.85 9.53
CA SER E 28 -13.03 -5.51 10.71
C SER E 28 -14.30 -6.35 10.76
N LEU E 29 -14.53 -7.01 11.89
CA LEU E 29 -15.77 -7.75 12.12
C LEU E 29 -16.89 -6.77 12.46
N ILE E 30 -17.94 -6.72 11.65
CA ILE E 30 -19.04 -5.79 11.84
C ILE E 30 -20.31 -6.47 12.33
N ASN E 31 -20.38 -7.79 12.25
CA ASN E 31 -21.30 -8.61 13.02
C ASN E 31 -20.69 -10.02 13.04
N SER E 32 -21.38 -10.97 13.68
CA SER E 32 -20.76 -12.27 13.91
C SER E 32 -20.40 -13.02 12.62
N GLN E 33 -20.95 -12.64 11.46
CA GLN E 33 -20.69 -13.39 10.24
C GLN E 33 -20.14 -12.56 9.09
N TRP E 34 -19.87 -11.27 9.27
CA TRP E 34 -19.49 -10.41 8.16
C TRP E 34 -18.30 -9.55 8.53
N VAL E 35 -17.34 -9.43 7.62
CA VAL E 35 -16.11 -8.67 7.82
C VAL E 35 -16.04 -7.59 6.74
N VAL E 36 -15.57 -6.40 7.11
CA VAL E 36 -15.30 -5.31 6.15
C VAL E 36 -13.78 -5.19 5.97
N SER E 37 -13.35 -5.11 4.71
CA SER E 37 -11.94 -4.91 4.37
C SER E 37 -11.87 -4.08 3.10
N ALA E 38 -10.67 -4.04 2.49
CA ALA E 38 -10.42 -3.27 1.29
C ALA E 38 -10.60 -4.15 0.06
N ALA E 39 -11.14 -3.55 -1.01
CA ALA E 39 -11.31 -4.24 -2.29
C ALA E 39 -10.00 -4.79 -2.84
N HIS E 40 -8.91 -4.03 -2.72
CA HIS E 40 -7.63 -4.50 -3.24
C HIS E 40 -7.06 -5.68 -2.45
N CYS E 41 -7.70 -6.05 -1.33
CA CYS E 41 -7.38 -7.26 -0.56
C CYS E 41 -8.09 -8.51 -1.10
N TYR E 42 -8.87 -8.39 -2.16
CA TYR E 42 -9.58 -9.55 -2.72
C TYR E 42 -8.60 -10.63 -3.18
N LYS E 43 -8.88 -11.87 -2.76
CA LYS E 43 -8.06 -13.04 -3.00
C LYS E 43 -9.01 -14.24 -3.01
N SER E 44 -8.66 -15.29 -3.75
CA SER E 44 -9.47 -16.49 -3.73
C SER E 44 -9.23 -17.29 -2.45
N GLY E 45 -10.31 -17.85 -1.91
CA GLY E 45 -10.22 -18.71 -0.73
C GLY E 45 -9.62 -18.08 0.51
N ILE E 46 -10.00 -16.84 0.82
CA ILE E 46 -9.54 -16.17 2.03
C ILE E 46 -10.01 -16.93 3.27
N GLN E 47 -9.14 -17.01 4.27
CA GLN E 47 -9.47 -17.43 5.61
C GLN E 47 -9.39 -16.22 6.54
N VAL E 48 -10.36 -16.05 7.43
CA VAL E 48 -10.35 -14.97 8.41
C VAL E 48 -9.90 -15.53 9.76
N ARG E 49 -8.92 -14.87 10.39
CA ARG E 49 -8.45 -15.25 11.72
C ARG E 49 -8.87 -14.18 12.72
N LEU E 50 -9.60 -14.61 13.76
CA LEU E 50 -10.21 -13.74 14.76
C LEU E 50 -9.66 -14.09 16.14
N GLY E 51 -9.62 -13.09 17.03
CA GLY E 51 -9.08 -13.30 18.36
C GLY E 51 -7.58 -13.37 18.41
N GLU E 52 -6.92 -13.01 17.32
CA GLU E 52 -5.45 -13.01 17.22
C GLU E 52 -4.91 -11.73 17.83
N ASP E 53 -3.94 -11.86 18.72
CA ASP E 53 -3.10 -10.72 19.08
C ASP E 53 -1.72 -10.91 18.48
N ASN E 54 -1.05 -11.99 18.85
CA ASN E 54 0.18 -12.41 18.21
C ASN E 54 -0.22 -13.23 16.98
N ILE E 55 0.08 -12.71 15.78
CA ILE E 55 -0.34 -13.40 14.57
C ILE E 55 0.49 -14.62 14.26
N ASN E 56 1.65 -14.79 14.90
CA ASN E 56 2.54 -15.87 14.56
C ASN E 56 2.40 -17.06 15.50
N VAL E 57 1.58 -16.95 16.54
CA VAL E 57 1.31 -18.04 17.46
C VAL E 57 -0.06 -18.64 17.13
N VAL E 58 -0.09 -19.95 17.21
CA VAL E 58 -1.37 -20.68 17.03
C VAL E 58 -1.81 -20.98 18.45
N GLU E 59 -2.77 -20.19 18.94
CA GLU E 59 -3.37 -20.23 20.29
C GLU E 59 -4.61 -21.13 20.23
N GLY E 60 -5.45 -21.11 21.26
CA GLY E 60 -6.71 -21.87 21.33
C GLY E 60 -7.92 -20.96 21.23
N ASN E 61 -7.98 -19.85 21.98
CA ASN E 61 -9.07 -18.80 22.02
C ASN E 61 -9.27 -18.02 20.69
N GLU E 62 -8.49 -18.27 19.64
CA GLU E 62 -8.67 -17.66 18.32
C GLU E 62 -9.59 -18.55 17.50
N GLN E 63 -10.12 -17.98 16.45
CA GLN E 63 -10.95 -18.69 15.48
C GLN E 63 -10.41 -18.46 14.08
N PHE E 64 -10.38 -19.53 13.29
CA PHE E 64 -10.09 -19.50 11.86
C PHE E 64 -11.39 -19.86 11.15
N ILE E 65 -11.87 -18.97 10.31
CA ILE E 65 -13.13 -19.20 9.60
C ILE E 65 -12.93 -18.84 8.14
N SER E 66 -13.30 -19.76 7.24
CA SER E 66 -13.17 -19.50 5.83
C SER E 66 -14.14 -18.41 5.38
N ALA E 67 -13.72 -17.64 4.39
CA ALA E 67 -14.66 -16.80 3.67
C ALA E 67 -15.57 -17.70 2.85
N SER E 68 -16.87 -17.42 2.91
CA SER E 68 -17.85 -18.06 2.05
C SER E 68 -18.17 -17.21 0.82
N LYS E 69 -18.20 -15.90 0.99
CA LYS E 69 -18.50 -14.94 -0.07
C LYS E 69 -17.58 -13.75 0.13
N SER E 70 -16.93 -13.32 -0.95
CA SER E 70 -16.11 -12.11 -0.95
C SER E 70 -16.73 -11.18 -2.00
N ILE E 71 -17.31 -10.08 -1.55
CA ILE E 71 -18.09 -9.20 -2.41
C ILE E 71 -17.33 -7.89 -2.52
N VAL E 72 -16.63 -7.70 -3.64
CA VAL E 72 -16.00 -6.43 -3.94
C VAL E 72 -17.08 -5.43 -4.30
N HIS E 73 -16.91 -4.19 -3.89
CA HIS E 73 -17.83 -3.14 -4.28
C HIS E 73 -17.98 -3.13 -5.80
N PRO E 74 -19.20 -3.03 -6.34
CA PRO E 74 -19.38 -3.13 -7.79
C PRO E 74 -18.74 -2.02 -8.60
N SER E 75 -18.43 -0.87 -8.01
CA SER E 75 -17.76 0.21 -8.73
C SER E 75 -16.28 0.33 -8.38
N TYR E 76 -15.70 -0.68 -7.73
CA TYR E 76 -14.27 -0.60 -7.40
C TYR E 76 -13.44 -0.38 -8.66
N ASN E 77 -12.56 0.61 -8.62
CA ASN E 77 -11.77 1.03 -9.77
C ASN E 77 -10.29 0.85 -9.48
N SER E 78 -9.70 -0.22 -10.02
CA SER E 78 -8.27 -0.45 -9.81
C SER E 78 -7.40 0.62 -10.45
N ASN E 79 -7.93 1.40 -11.39
CA ASN E 79 -7.12 2.45 -12.00
C ASN E 79 -7.07 3.70 -11.13
N THR E 80 -8.14 4.00 -10.41
CA THR E 80 -8.21 5.21 -9.59
C THR E 80 -8.19 4.92 -8.10
N LEU E 81 -8.30 3.66 -7.70
CA LEU E 81 -8.38 3.21 -6.32
C LEU E 81 -9.67 3.66 -5.65
N ASN E 82 -10.64 4.18 -6.42
CA ASN E 82 -11.91 4.62 -5.85
C ASN E 82 -12.77 3.42 -5.49
N ASN E 83 -13.57 3.58 -4.42
CA ASN E 83 -14.50 2.54 -3.95
C ASN E 83 -13.76 1.29 -3.47
N ASP E 84 -12.75 1.51 -2.63
CA ASP E 84 -11.85 0.45 -2.16
C ASP E 84 -12.43 -0.23 -0.90
N ILE E 85 -13.47 -1.03 -1.11
CA ILE E 85 -14.14 -1.74 -0.02
C ILE E 85 -14.63 -3.11 -0.51
N MET E 86 -14.52 -4.10 0.36
CA MET E 86 -14.97 -5.47 0.13
C MET E 86 -15.68 -5.97 1.39
N LEU E 87 -16.76 -6.72 1.21
CA LEU E 87 -17.40 -7.45 2.30
C LEU E 87 -17.09 -8.93 2.18
N ILE E 88 -16.78 -9.58 3.30
CA ILE E 88 -16.56 -11.02 3.36
C ILE E 88 -17.63 -11.63 4.25
N LYS E 89 -18.40 -12.57 3.71
CA LYS E 89 -19.32 -13.35 4.52
C LYS E 89 -18.62 -14.62 4.97
N LEU E 90 -18.58 -14.85 6.29
CA LEU E 90 -17.92 -16.01 6.87
C LEU E 90 -18.83 -17.24 6.72
N LYS E 91 -18.20 -18.40 6.54
CA LYS E 91 -19.01 -19.60 6.35
C LYS E 91 -19.79 -19.97 7.61
N SER E 92 -19.34 -19.54 8.78
CA SER E 92 -20.10 -19.69 10.01
C SER E 92 -19.95 -18.42 10.84
N ALA E 93 -20.95 -18.14 11.67
CA ALA E 93 -20.85 -16.99 12.57
C ALA E 93 -19.75 -17.21 13.59
N ALA E 94 -19.00 -16.14 13.90
CA ALA E 94 -18.01 -16.18 14.96
C ALA E 94 -18.66 -16.28 16.33
N SER E 95 -17.95 -16.98 17.22
CA SER E 95 -18.30 -16.97 18.64
C SER E 95 -17.71 -15.71 19.26
N LEU E 96 -18.58 -14.85 19.80
CA LEU E 96 -18.18 -13.58 20.37
C LEU E 96 -17.80 -13.77 21.84
N ASN E 97 -16.71 -13.12 22.25
CA ASN E 97 -16.16 -13.26 23.60
C ASN E 97 -15.31 -12.01 23.90
N SER E 98 -14.47 -12.09 24.94
CA SER E 98 -13.63 -10.97 25.36
C SER E 98 -12.72 -10.46 24.25
N ARG E 99 -12.26 -11.35 23.36
CA ARG E 99 -11.28 -11.00 22.34
C ARG E 99 -11.88 -10.89 20.95
N VAL E 100 -13.17 -11.17 20.80
CA VAL E 100 -13.83 -11.18 19.51
C VAL E 100 -15.17 -10.48 19.68
N ALA E 101 -15.32 -9.32 19.06
CA ALA E 101 -16.56 -8.57 19.12
C ALA E 101 -16.62 -7.68 17.89
N SER E 102 -17.83 -7.33 17.49
CA SER E 102 -18.05 -6.57 16.28
C SER E 102 -18.00 -5.07 16.58
N ILE E 103 -17.62 -4.31 15.55
CA ILE E 103 -17.65 -2.85 15.56
C ILE E 103 -18.86 -2.40 14.75
N SER E 104 -19.56 -1.37 15.22
CA SER E 104 -20.76 -1.00 14.52
C SER E 104 -20.47 0.07 13.45
N LEU E 105 -21.36 0.15 12.48
CA LEU E 105 -21.22 1.08 11.37
C LEU E 105 -21.68 2.49 11.76
N PRO E 106 -21.12 3.52 11.15
CA PRO E 106 -21.47 4.88 11.55
C PRO E 106 -22.87 5.26 11.12
N THR E 107 -23.45 6.19 11.88
CA THR E 107 -24.72 6.78 11.51
C THR E 107 -24.54 8.03 10.66
N SER E 108 -23.38 8.70 10.76
CA SER E 108 -23.06 9.86 9.95
C SER E 108 -21.54 9.92 9.83
N CYS E 109 -21.06 10.73 8.88
CA CYS E 109 -19.62 10.87 8.69
C CYS E 109 -18.97 11.64 9.83
N ALA E 110 -17.70 11.34 10.07
CA ALA E 110 -16.92 11.99 11.11
C ALA E 110 -16.28 13.28 10.59
N SER E 111 -16.11 14.24 11.49
CA SER E 111 -15.57 15.54 11.13
C SER E 111 -14.06 15.59 11.30
N ALA E 112 -13.44 16.50 10.56
CA ALA E 112 -12.02 16.79 10.69
C ALA E 112 -11.65 17.08 12.14
N GLY E 113 -10.50 16.55 12.55
CA GLY E 113 -10.04 16.72 13.91
C GLY E 113 -10.53 15.66 14.87
N THR E 114 -11.48 14.82 14.47
CA THR E 114 -11.90 13.71 15.30
C THR E 114 -10.78 12.68 15.43
N GLN E 115 -10.57 12.22 16.66
CA GLN E 115 -9.53 11.24 16.96
C GLN E 115 -9.99 9.83 16.59
N CYS E 116 -9.14 9.10 15.86
CA CYS E 116 -9.41 7.73 15.47
C CYS E 116 -8.29 6.80 15.93
N LEU E 117 -8.63 5.53 16.07
CA LEU E 117 -7.70 4.47 16.42
C LEU E 117 -7.49 3.60 15.19
N ILE E 118 -6.25 3.46 14.74
CA ILE E 118 -5.88 2.65 13.59
C ILE E 118 -5.02 1.48 14.07
N SER E 119 -5.29 0.29 13.56
CA SER E 119 -4.61 -0.90 14.07
C SER E 119 -4.27 -1.85 12.93
N GLY E 120 -3.21 -2.62 13.12
CA GLY E 120 -2.86 -3.67 12.19
C GLY E 120 -1.52 -4.30 12.55
N TRP E 121 -1.13 -5.26 11.72
CA TRP E 121 0.15 -5.97 11.89
C TRP E 121 1.19 -5.60 10.84
N GLY E 122 1.03 -4.45 10.20
CA GLY E 122 1.94 -4.03 9.16
C GLY E 122 3.30 -3.56 9.64
N ASN E 123 4.10 -3.14 8.66
CA ASN E 123 5.44 -2.61 8.89
C ASN E 123 5.42 -1.48 9.91
N THR E 124 6.37 -1.53 10.84
CA THR E 124 6.52 -0.50 11.87
C THR E 124 7.64 0.49 11.59
N LYS E 125 8.29 0.42 10.43
CA LYS E 125 9.37 1.32 10.09
C LYS E 125 8.97 2.16 8.89
N SER E 126 9.28 3.46 8.95
CA SER E 126 9.02 4.34 7.82
C SER E 126 10.08 4.23 6.74
N SER E 127 11.26 3.73 7.09
CA SER E 127 12.29 3.37 6.13
C SER E 127 12.83 2.01 6.52
N GLY E 128 12.85 1.08 5.58
CA GLY E 128 13.17 -0.29 5.87
C GLY E 128 11.94 -1.03 6.36
N THR E 129 12.16 -2.21 6.92
CA THR E 129 11.05 -3.08 7.28
C THR E 129 11.29 -3.75 8.62
N SER E 130 10.23 -3.79 9.42
CA SER E 130 10.18 -4.65 10.60
C SER E 130 8.71 -4.93 10.84
N TYR E 131 8.33 -6.20 10.80
CA TYR E 131 6.94 -6.55 10.98
C TYR E 131 6.74 -7.17 12.36
N PRO E 132 5.76 -6.70 13.14
CA PRO E 132 5.61 -7.15 14.53
C PRO E 132 4.86 -8.46 14.66
N ASP E 133 5.09 -9.11 15.80
CA ASP E 133 4.28 -10.28 16.18
C ASP E 133 2.91 -9.87 16.69
N VAL E 134 2.84 -8.80 17.47
CA VAL E 134 1.60 -8.44 18.13
C VAL E 134 1.00 -7.24 17.41
N LEU E 135 -0.32 -7.10 17.56
CA LEU E 135 -1.06 -6.03 16.93
C LEU E 135 -0.63 -4.66 17.47
N LYS E 136 -0.43 -3.72 16.57
CA LYS E 136 -0.08 -2.35 16.94
C LYS E 136 -1.27 -1.43 16.69
N CYS E 137 -1.28 -0.34 17.44
CA CYS E 137 -2.37 0.63 17.46
C CYS E 137 -1.80 2.01 17.23
N LEU E 138 -2.62 2.90 16.71
CA LEU E 138 -2.19 4.29 16.50
C LEU E 138 -3.38 5.20 16.74
N LYS E 139 -3.21 6.24 17.53
CA LYS E 139 -4.23 7.29 17.62
C LYS E 139 -3.86 8.36 16.60
N ALA E 140 -4.81 8.68 15.73
CA ALA E 140 -4.56 9.69 14.71
C ALA E 140 -5.84 10.43 14.40
N PRO E 141 -5.76 11.73 14.13
CA PRO E 141 -6.97 12.49 13.84
C PRO E 141 -7.31 12.47 12.35
N ILE E 142 -8.61 12.59 12.06
CA ILE E 142 -9.07 12.81 10.69
C ILE E 142 -8.59 14.19 10.24
N LEU E 143 -8.06 14.27 9.04
CA LEU E 143 -7.59 15.52 8.47
C LEU E 143 -8.68 16.14 7.61
N SER E 144 -8.64 17.47 7.52
CA SER E 144 -9.60 18.23 6.73
C SER E 144 -9.60 17.78 5.27
N ASP E 145 -10.76 17.99 4.61
CA ASP E 145 -10.89 17.74 3.18
C ASP E 145 -9.82 18.50 2.40
N SER E 146 -9.55 19.74 2.78
CA SER E 146 -8.56 20.54 2.10
C SER E 146 -7.14 20.03 2.30
N SER E 147 -6.77 19.64 3.53
CA SER E 147 -5.42 19.15 3.78
C SER E 147 -5.13 17.90 2.96
N CYS E 148 -6.14 17.04 2.86
CA CYS E 148 -6.00 15.79 2.12
C CYS E 148 -5.75 16.02 0.64
N LYS E 149 -6.54 16.89 0.02
CA LYS E 149 -6.39 17.15 -1.41
C LYS E 149 -5.14 17.93 -1.74
N SER E 150 -4.65 18.78 -0.81
CA SER E 150 -3.39 19.48 -1.05
C SER E 150 -2.19 18.54 -0.94
N ALA E 151 -2.26 17.52 -0.09
CA ALA E 151 -1.19 16.55 -0.03
C ALA E 151 -1.17 15.67 -1.28
N TYR E 152 -2.34 15.34 -1.83
CA TYR E 152 -2.47 14.39 -2.93
C TYR E 152 -3.31 15.00 -4.05
N PRO E 153 -2.76 15.99 -4.76
CA PRO E 153 -3.54 16.67 -5.81
C PRO E 153 -4.06 15.72 -6.88
N GLY E 154 -5.35 15.84 -7.17
CA GLY E 154 -5.97 15.10 -8.25
C GLY E 154 -6.26 13.64 -7.98
N GLN E 155 -6.12 13.19 -6.73
CA GLN E 155 -6.33 11.78 -6.43
C GLN E 155 -7.33 11.47 -5.32
N ILE E 156 -7.81 12.46 -4.58
CA ILE E 156 -8.77 12.21 -3.50
C ILE E 156 -10.16 12.37 -4.07
N THR E 157 -10.96 11.31 -3.99
CA THR E 157 -12.37 11.34 -4.33
C THR E 157 -13.21 11.59 -3.08
N SER E 158 -14.51 11.77 -3.28
CA SER E 158 -15.46 11.88 -2.18
C SER E 158 -15.54 10.62 -1.32
N ASN E 159 -15.00 9.49 -1.80
CA ASN E 159 -15.05 8.23 -1.07
C ASN E 159 -13.74 7.94 -0.34
N MET E 160 -12.92 8.96 -0.11
CA MET E 160 -11.66 8.85 0.61
C MET E 160 -11.55 9.94 1.67
N PHE E 161 -10.79 9.65 2.73
CA PHE E 161 -10.37 10.70 3.67
C PHE E 161 -8.95 10.43 4.14
N CYS E 162 -8.31 11.47 4.65
CA CYS E 162 -6.97 11.39 5.21
C CYS E 162 -7.04 11.41 6.73
N ALA E 163 -6.10 10.72 7.35
CA ALA E 163 -5.96 10.72 8.79
C ALA E 163 -4.48 10.63 9.09
N GLY E 164 -4.05 11.26 10.18
CA GLY E 164 -2.64 11.17 10.52
C GLY E 164 -2.01 12.49 10.91
N TYR E 165 -0.74 12.65 10.53
CA TYR E 165 0.05 13.81 10.96
C TYR E 165 0.83 14.31 9.77
N LEU E 166 0.61 15.57 9.40
CA LEU E 166 1.28 16.14 8.24
C LEU E 166 2.79 16.26 8.42
N GLU E 167 3.26 16.42 9.67
CA GLU E 167 4.69 16.41 9.92
C GLU E 167 5.31 15.04 9.65
N GLY E 168 4.51 13.98 9.65
CA GLY E 168 5.05 12.63 9.49
C GLY E 168 5.35 11.97 10.81
N GLY E 169 5.99 10.81 10.71
CA GLY E 169 6.43 10.06 11.88
C GLY E 169 5.46 9.00 12.39
N LYS E 170 4.17 9.13 12.10
CA LYS E 170 3.15 8.19 12.56
C LYS E 170 2.20 7.95 11.39
N ASP E 171 1.94 6.69 11.03
CA ASP E 171 1.15 6.39 9.85
C ASP E 171 0.77 4.92 9.84
N SER E 172 -0.24 4.59 9.04
CA SER E 172 -0.39 3.22 8.57
C SER E 172 0.77 2.88 7.65
N CYS E 173 1.02 1.58 7.43
CA CYS E 173 2.10 1.18 6.53
C CYS E 173 1.73 -0.14 5.85
N GLN E 174 2.61 -0.60 4.95
CA GLN E 174 2.34 -1.83 4.20
C GLN E 174 2.09 -3.00 5.15
N GLY E 175 1.02 -3.73 4.90
CA GLY E 175 0.57 -4.79 5.76
C GLY E 175 -0.62 -4.42 6.63
N ASP E 176 -0.97 -3.13 6.70
CA ASP E 176 -2.14 -2.67 7.44
C ASP E 176 -3.39 -2.59 6.57
N SER E 177 -3.27 -2.74 5.25
CA SER E 177 -4.39 -2.64 4.31
C SER E 177 -5.62 -3.39 4.78
N GLY E 178 -6.79 -2.76 4.61
CA GLY E 178 -8.06 -3.36 4.95
C GLY E 178 -8.46 -3.21 6.40
N GLY E 179 -7.52 -2.84 7.27
CA GLY E 179 -7.75 -2.69 8.69
C GLY E 179 -8.59 -1.48 9.08
N PRO E 180 -9.07 -1.51 10.31
CA PRO E 180 -10.05 -0.51 10.76
C PRO E 180 -9.46 0.85 11.12
N VAL E 181 -10.26 1.88 10.86
CA VAL E 181 -10.09 3.22 11.42
C VAL E 181 -11.36 3.49 12.20
N VAL E 182 -11.29 3.48 13.52
CA VAL E 182 -12.47 3.58 14.38
C VAL E 182 -12.45 4.94 15.08
N CYS E 183 -13.52 5.71 14.92
CA CYS E 183 -13.66 7.05 15.48
C CYS E 183 -14.99 7.09 16.22
N SER E 184 -14.97 7.52 17.49
CA SER E 184 -16.19 7.67 18.27
C SER E 184 -16.95 6.37 18.33
N GLY E 185 -16.21 5.26 18.42
CA GLY E 185 -16.81 3.95 18.57
C GLY E 185 -17.37 3.34 17.31
N LYS E 186 -17.16 3.95 16.13
CA LYS E 186 -17.74 3.46 14.88
C LYS E 186 -16.66 3.31 13.80
N LEU E 187 -16.87 2.34 12.91
CA LEU E 187 -15.93 2.14 11.80
C LEU E 187 -16.14 3.23 10.76
N GLN E 188 -15.18 4.15 10.67
CA GLN E 188 -15.24 5.26 9.72
C GLN E 188 -14.32 5.07 8.52
N GLY E 189 -13.27 4.26 8.65
CA GLY E 189 -12.30 4.15 7.58
C GLY E 189 -11.80 2.72 7.43
N ILE E 190 -11.23 2.48 6.25
CA ILE E 190 -10.50 1.25 5.89
C ILE E 190 -9.12 1.65 5.38
N VAL E 191 -8.07 1.08 5.96
CA VAL E 191 -6.71 1.36 5.51
C VAL E 191 -6.60 1.03 4.03
N SER E 192 -6.18 2.01 3.22
CA SER E 192 -6.18 1.88 1.76
C SER E 192 -4.80 2.20 1.17
N TRP E 193 -4.38 3.47 1.17
CA TRP E 193 -3.16 3.84 0.45
C TRP E 193 -2.50 5.08 1.04
N GLY E 194 -1.34 5.41 0.48
CA GLY E 194 -0.57 6.58 0.86
C GLY E 194 0.70 6.58 0.05
N SER E 195 1.42 7.70 0.12
CA SER E 195 2.74 7.82 -0.52
C SER E 195 3.83 7.47 0.51
N GLY E 196 4.40 6.27 0.40
CA GLY E 196 5.31 5.86 1.47
C GLY E 196 4.55 5.71 2.78
N CYS E 197 5.30 5.75 3.88
CA CYS E 197 4.75 5.65 5.23
C CYS E 197 5.36 6.72 6.13
N ALA E 198 4.51 7.49 6.80
CA ALA E 198 4.91 8.42 7.84
C ALA E 198 5.84 9.51 7.33
N GLN E 199 5.70 9.87 6.06
CA GLN E 199 6.47 10.95 5.45
C GLN E 199 5.75 12.28 5.63
N LYS E 200 6.52 13.35 5.48
CA LYS E 200 6.00 14.71 5.60
C LYS E 200 4.94 15.01 4.55
N ASN E 201 3.79 15.48 5.01
CA ASN E 201 2.68 15.92 4.14
C ASN E 201 2.19 14.80 3.23
N LYS E 202 2.30 13.56 3.67
CA LYS E 202 1.80 12.40 2.93
C LYS E 202 1.06 11.50 3.90
N PRO E 203 -0.08 11.96 4.43
CA PRO E 203 -0.84 11.14 5.39
C PRO E 203 -1.47 9.95 4.71
N GLY E 204 -1.93 9.00 5.52
CA GLY E 204 -2.63 7.86 4.99
C GLY E 204 -3.98 8.26 4.42
N VAL E 205 -4.39 7.54 3.37
CA VAL E 205 -5.70 7.71 2.77
C VAL E 205 -6.50 6.47 3.10
N TYR E 206 -7.77 6.67 3.40
CA TYR E 206 -8.65 5.64 3.95
C TYR E 206 -9.98 5.72 3.23
N THR E 207 -10.57 4.55 2.97
CA THR E 207 -11.92 4.49 2.39
C THR E 207 -12.94 4.99 3.38
N LYS E 208 -13.82 5.88 2.91
CA LYS E 208 -14.81 6.58 3.72
C LYS E 208 -16.04 5.71 3.92
N VAL E 209 -16.06 4.96 5.02
CA VAL E 209 -17.08 3.92 5.24
C VAL E 209 -18.48 4.49 5.34
N CYS E 210 -18.64 5.68 5.89
CA CYS E 210 -19.98 6.29 6.02
C CYS E 210 -20.72 6.35 4.68
N ASN E 211 -20.00 6.55 3.57
CA ASN E 211 -20.63 6.62 2.27
C ASN E 211 -21.15 5.28 1.79
N TYR E 212 -20.81 4.18 2.45
CA TYR E 212 -21.16 2.83 2.01
C TYR E 212 -22.14 2.12 2.91
N VAL E 213 -22.68 2.80 3.93
CA VAL E 213 -23.49 2.12 4.93
C VAL E 213 -24.73 1.50 4.31
N SER E 214 -25.39 2.24 3.42
CA SER E 214 -26.57 1.69 2.75
C SER E 214 -26.21 0.46 1.92
N TRP E 215 -25.12 0.54 1.14
CA TRP E 215 -24.70 -0.61 0.36
C TRP E 215 -24.34 -1.79 1.25
N ILE E 216 -23.66 -1.54 2.37
CA ILE E 216 -23.31 -2.62 3.29
C ILE E 216 -24.57 -3.30 3.83
N LYS E 217 -25.52 -2.49 4.31
CA LYS E 217 -26.75 -3.03 4.89
C LYS E 217 -27.56 -3.81 3.85
N GLN E 218 -27.69 -3.26 2.64
CA GLN E 218 -28.39 -3.94 1.57
C GLN E 218 -27.71 -5.25 1.20
N THR E 219 -26.38 -5.23 1.09
CA THR E 219 -25.66 -6.43 0.66
C THR E 219 -25.79 -7.55 1.69
N ILE E 220 -25.63 -7.22 2.97
CA ILE E 220 -25.82 -8.19 4.03
C ILE E 220 -27.27 -8.69 4.02
N ALA E 221 -28.21 -7.78 3.77
CA ALA E 221 -29.63 -8.15 3.76
C ALA E 221 -29.97 -9.11 2.64
N SER E 222 -29.23 -9.06 1.53
CA SER E 222 -29.49 -9.90 0.37
C SER E 222 -28.68 -11.18 0.36
N ASN E 223 -27.78 -11.37 1.31
CA ASN E 223 -26.91 -12.55 1.37
C ASN E 223 -27.03 -13.28 2.70
N ILE F 1 9.84 15.00 -63.82
CA ILE F 1 11.02 15.82 -64.11
C ILE F 1 10.64 17.28 -64.01
N VAL F 2 11.28 18.05 -63.11
CA VAL F 2 11.00 19.48 -62.94
C VAL F 2 12.10 20.29 -63.63
N GLY F 3 11.71 21.23 -64.48
CA GLY F 3 12.69 22.12 -65.12
C GLY F 3 13.44 21.54 -66.29
N GLY F 4 12.90 20.49 -66.91
CA GLY F 4 13.54 19.79 -68.00
C GLY F 4 12.98 20.20 -69.34
N TYR F 5 13.13 19.30 -70.32
CA TYR F 5 12.67 19.56 -71.67
C TYR F 5 12.11 18.29 -72.30
N THR F 6 11.28 18.47 -73.33
CA THR F 6 10.74 17.34 -74.06
C THR F 6 11.85 16.58 -74.78
N CYS F 7 11.98 15.28 -74.47
CA CYS F 7 13.10 14.49 -75.02
C CYS F 7 13.01 14.37 -76.53
N GLY F 8 11.85 14.01 -77.04
CA GLY F 8 11.68 13.58 -78.40
C GLY F 8 11.67 12.07 -78.52
N ALA F 9 11.00 11.59 -79.57
CA ALA F 9 10.63 10.17 -79.70
C ALA F 9 11.83 9.23 -79.68
N ASN F 10 12.92 9.61 -80.35
CA ASN F 10 14.07 8.72 -80.54
C ASN F 10 15.19 9.00 -79.56
N THR F 11 15.03 9.98 -78.66
CA THR F 11 16.19 10.47 -77.93
C THR F 11 16.61 9.52 -76.81
N VAL F 12 15.64 8.88 -76.14
CA VAL F 12 15.94 8.02 -75.00
C VAL F 12 15.34 6.63 -75.24
N PRO F 13 15.90 5.84 -76.16
CA PRO F 13 15.27 4.56 -76.54
C PRO F 13 15.41 3.45 -75.50
N TYR F 14 16.24 3.59 -74.47
CA TYR F 14 16.33 2.61 -73.39
C TYR F 14 15.31 2.89 -72.28
N GLN F 15 14.63 4.01 -72.31
CA GLN F 15 13.60 4.29 -71.32
C GLN F 15 12.44 3.32 -71.48
N VAL F 16 12.01 2.70 -70.39
CA VAL F 16 10.77 1.94 -70.41
C VAL F 16 9.86 2.44 -69.30
N SER F 17 8.62 1.97 -69.37
CA SER F 17 7.56 2.21 -68.40
C SER F 17 7.22 0.89 -67.71
N LEU F 18 7.07 0.90 -66.39
CA LEU F 18 6.46 -0.22 -65.66
C LEU F 18 4.99 0.07 -65.44
N ASN F 19 4.13 -0.88 -65.84
CA ASN F 19 2.68 -0.70 -65.88
C ASN F 19 1.99 -1.81 -65.11
N SER F 20 0.95 -1.43 -64.37
CA SER F 20 0.12 -2.40 -63.67
C SER F 20 -1.33 -1.97 -63.76
N GLY F 21 -1.77 -1.73 -64.98
CA GLY F 21 -3.01 -1.07 -65.24
C GLY F 21 -2.85 0.43 -65.34
N TYR F 22 -1.72 0.95 -64.91
CA TYR F 22 -1.36 2.36 -64.98
C TYR F 22 0.16 2.42 -64.97
N HIS F 23 0.72 3.47 -65.56
CA HIS F 23 2.14 3.73 -65.43
C HIS F 23 2.44 4.05 -63.99
N PHE F 24 3.41 3.36 -63.39
CA PHE F 24 3.77 3.72 -62.05
C PHE F 24 5.26 3.89 -61.81
N CYS F 25 6.10 3.43 -62.74
N CYS F 25 6.11 3.50 -62.76
CA CYS F 25 7.54 3.61 -62.58
CA CYS F 25 7.56 3.49 -62.54
C CYS F 25 8.20 3.61 -63.95
C CYS F 25 8.25 3.50 -63.89
N GLY F 26 9.37 4.22 -64.00
CA GLY F 26 10.24 4.08 -65.14
C GLY F 26 11.21 2.92 -64.98
N GLY F 27 11.98 2.70 -66.03
CA GLY F 27 13.01 1.67 -66.05
C GLY F 27 13.90 1.89 -67.25
N SER F 28 14.95 1.07 -67.33
CA SER F 28 15.94 1.12 -68.40
C SER F 28 16.16 -0.27 -68.98
N LEU F 29 16.09 -0.37 -70.30
CA LEU F 29 16.41 -1.62 -71.00
C LEU F 29 17.92 -1.80 -71.06
N ILE F 30 18.43 -2.89 -70.49
CA ILE F 30 19.87 -3.10 -70.46
C ILE F 30 20.33 -4.21 -71.40
N ASN F 31 19.43 -5.06 -71.88
CA ASN F 31 19.65 -5.87 -73.07
C ASN F 31 18.25 -6.24 -73.54
N SER F 32 18.15 -7.03 -74.61
CA SER F 32 16.84 -7.22 -75.23
C SER F 32 15.84 -7.92 -74.31
N GLN F 33 16.28 -8.56 -73.22
CA GLN F 33 15.36 -9.30 -72.36
C GLN F 33 15.38 -8.87 -70.89
N TRP F 34 16.11 -7.82 -70.53
CA TRP F 34 16.26 -7.44 -69.13
C TRP F 34 16.11 -5.93 -68.93
N VAL F 35 15.41 -5.55 -67.85
CA VAL F 35 15.11 -4.17 -67.49
C VAL F 35 15.64 -3.88 -66.07
N VAL F 36 16.19 -2.69 -65.86
CA VAL F 36 16.65 -2.21 -64.56
C VAL F 36 15.69 -1.14 -64.03
N SER F 37 15.27 -1.27 -62.77
CA SER F 37 14.41 -0.26 -62.15
C SER F 37 14.71 -0.24 -60.65
N ALA F 38 13.83 0.38 -59.86
CA ALA F 38 14.04 0.49 -58.41
C ALA F 38 13.30 -0.63 -57.68
N ALA F 39 13.88 -1.12 -56.58
CA ALA F 39 13.22 -2.11 -55.71
C ALA F 39 11.87 -1.63 -55.18
N HIS F 40 11.77 -0.37 -54.78
CA HIS F 40 10.48 0.07 -54.24
C HIS F 40 9.40 0.11 -55.32
N CYS F 41 9.75 -0.11 -56.59
CA CYS F 41 8.79 -0.26 -57.67
C CYS F 41 8.27 -1.71 -57.83
N TYR F 42 8.68 -2.65 -56.97
CA TYR F 42 8.19 -4.01 -57.09
C TYR F 42 6.66 -4.10 -56.96
N LYS F 43 6.05 -4.83 -57.89
CA LYS F 43 4.63 -5.07 -58.01
C LYS F 43 4.43 -6.41 -58.69
N SER F 44 3.35 -7.10 -58.35
CA SER F 44 3.03 -8.35 -59.05
C SER F 44 2.49 -8.07 -60.45
N GLY F 45 2.85 -8.94 -61.40
CA GLY F 45 2.35 -8.88 -62.77
C GLY F 45 2.68 -7.60 -63.51
N ILE F 46 3.92 -7.09 -63.34
CA ILE F 46 4.35 -5.91 -64.09
C ILE F 46 4.39 -6.21 -65.57
N GLN F 47 3.89 -5.25 -66.36
CA GLN F 47 4.04 -5.23 -67.80
C GLN F 47 5.02 -4.10 -68.15
N VAL F 48 5.98 -4.39 -69.02
CA VAL F 48 6.93 -3.39 -69.48
C VAL F 48 6.48 -2.87 -70.85
N ARG F 49 6.41 -1.54 -70.98
CA ARG F 49 6.07 -0.92 -72.25
C ARG F 49 7.29 -0.18 -72.77
N LEU F 50 7.67 -0.49 -74.00
CA LEU F 50 8.89 0.02 -74.60
C LEU F 50 8.52 0.81 -75.85
N GLY F 51 9.35 1.79 -76.21
CA GLY F 51 9.09 2.59 -77.39
C GLY F 51 8.03 3.67 -77.26
N GLU F 52 7.59 3.98 -76.06
CA GLU F 52 6.59 5.03 -75.84
C GLU F 52 7.28 6.38 -75.85
N ASP F 53 6.69 7.33 -76.56
CA ASP F 53 7.02 8.71 -76.28
C ASP F 53 5.88 9.37 -75.52
N ASN F 54 4.70 9.43 -76.12
CA ASN F 54 3.48 9.83 -75.44
C ASN F 54 2.95 8.59 -74.73
N ILE F 55 2.96 8.59 -73.40
CA ILE F 55 2.57 7.38 -72.68
C ILE F 55 1.09 7.12 -72.70
N ASN F 56 0.29 8.11 -73.07
CA ASN F 56 -1.15 8.00 -72.93
C ASN F 56 -1.85 7.67 -74.24
N VAL F 57 -1.16 7.77 -75.37
CA VAL F 57 -1.71 7.32 -76.64
C VAL F 57 -1.01 6.03 -77.01
N VAL F 58 -1.77 5.08 -77.52
CA VAL F 58 -1.12 3.90 -78.08
C VAL F 58 -0.76 4.35 -79.48
N GLU F 59 0.48 4.86 -79.59
CA GLU F 59 1.01 5.25 -80.88
C GLU F 59 0.71 4.15 -81.90
N GLY F 60 1.02 2.91 -81.52
CA GLY F 60 0.83 1.77 -82.39
C GLY F 60 2.13 1.06 -82.70
N ASN F 61 3.26 1.70 -82.44
CA ASN F 61 4.58 1.06 -82.48
C ASN F 61 5.16 0.80 -81.10
N GLU F 62 4.35 0.87 -80.04
CA GLU F 62 4.84 0.47 -78.73
C GLU F 62 4.85 -1.05 -78.63
N GLN F 63 5.64 -1.56 -77.70
CA GLN F 63 5.65 -2.98 -77.37
C GLN F 63 5.30 -3.15 -75.90
N PHE F 64 4.40 -4.09 -75.62
CA PHE F 64 4.04 -4.48 -74.27
C PHE F 64 4.56 -5.89 -74.05
N ILE F 65 5.40 -6.06 -73.04
CA ILE F 65 5.99 -7.36 -72.76
C ILE F 65 5.88 -7.59 -71.27
N SER F 66 5.27 -8.71 -70.88
CA SER F 66 5.08 -9.00 -69.47
C SER F 66 6.42 -9.32 -68.81
N ALA F 67 6.53 -8.94 -67.53
CA ALA F 67 7.63 -9.43 -66.73
C ALA F 67 7.50 -10.93 -66.55
N SER F 68 8.62 -11.63 -66.67
CA SER F 68 8.72 -13.04 -66.34
C SER F 68 9.23 -13.27 -64.93
N LYS F 69 10.20 -12.47 -64.53
CA LYS F 69 10.84 -12.54 -63.24
C LYS F 69 11.11 -11.12 -62.78
N SER F 70 10.74 -10.80 -61.55
CA SER F 70 11.03 -9.52 -60.90
C SER F 70 11.90 -9.85 -59.70
N ILE F 71 13.15 -9.43 -59.75
CA ILE F 71 14.17 -9.82 -58.79
C ILE F 71 14.56 -8.58 -58.01
N VAL F 72 14.06 -8.45 -56.77
CA VAL F 72 14.50 -7.39 -55.88
C VAL F 72 15.90 -7.73 -55.37
N HIS F 73 16.75 -6.72 -55.25
CA HIS F 73 18.06 -6.95 -54.68
C HIS F 73 17.90 -7.65 -53.33
N PRO F 74 18.67 -8.71 -53.05
CA PRO F 74 18.44 -9.47 -51.81
C PRO F 74 18.73 -8.68 -50.53
N SER F 75 19.48 -7.59 -50.59
CA SER F 75 19.72 -6.76 -49.41
C SER F 75 18.87 -5.51 -49.41
N TYR F 76 17.87 -5.43 -50.27
CA TYR F 76 17.00 -4.26 -50.25
C TYR F 76 16.38 -4.11 -48.86
N ASN F 77 16.45 -2.89 -48.33
CA ASN F 77 15.95 -2.54 -47.01
C ASN F 77 14.90 -1.45 -47.14
N SER F 78 13.63 -1.79 -46.95
CA SER F 78 12.58 -0.79 -47.04
C SER F 78 12.67 0.28 -45.96
N ASN F 79 13.43 0.04 -44.87
CA ASN F 79 13.54 1.02 -43.79
C ASN F 79 14.59 2.09 -44.08
N THR F 80 15.66 1.73 -44.78
CA THR F 80 16.76 2.64 -45.04
C THR F 80 16.86 3.07 -46.49
N LEU F 81 16.07 2.45 -47.37
CA LEU F 81 16.07 2.65 -48.82
C LEU F 81 17.36 2.19 -49.46
N ASN F 82 18.20 1.47 -48.72
CA ASN F 82 19.46 1.00 -49.24
C ASN F 82 19.24 -0.20 -50.16
N ASN F 83 20.08 -0.28 -51.20
CA ASN F 83 20.03 -1.34 -52.21
C ASN F 83 18.72 -1.29 -53.00
N ASP F 84 18.37 -0.08 -53.46
CA ASP F 84 17.09 0.17 -54.14
C ASP F 84 17.22 -0.12 -55.64
N ILE F 85 17.27 -1.40 -55.98
CA ILE F 85 17.43 -1.83 -57.35
C ILE F 85 16.68 -3.13 -57.55
N MET F 86 16.05 -3.26 -58.70
CA MET F 86 15.28 -4.44 -59.09
C MET F 86 15.64 -4.78 -60.53
N LEU F 87 15.78 -6.08 -60.82
CA LEU F 87 15.91 -6.55 -62.19
C LEU F 87 14.59 -7.19 -62.63
N ILE F 88 14.15 -6.88 -63.84
CA ILE F 88 13.01 -7.54 -64.45
C ILE F 88 13.48 -8.27 -65.70
N LYS F 89 13.25 -9.58 -65.75
CA LYS F 89 13.46 -10.35 -66.98
C LYS F 89 12.16 -10.41 -67.76
N LEU F 90 12.21 -10.02 -69.04
CA LEU F 90 11.02 -10.00 -69.88
C LEU F 90 10.66 -11.39 -70.38
N LYS F 91 9.37 -11.61 -70.60
CA LYS F 91 8.93 -12.93 -71.05
C LYS F 91 9.48 -13.27 -72.43
N SER F 92 9.72 -12.26 -73.26
CA SER F 92 10.34 -12.42 -74.57
C SER F 92 11.26 -11.24 -74.83
N ALA F 93 12.25 -11.43 -75.71
CA ALA F 93 13.14 -10.34 -76.08
C ALA F 93 12.38 -9.22 -76.80
N ALA F 94 12.73 -7.98 -76.48
CA ALA F 94 12.19 -6.82 -77.17
C ALA F 94 12.75 -6.74 -78.59
N SER F 95 11.92 -6.26 -79.51
CA SER F 95 12.39 -5.93 -80.86
C SER F 95 13.03 -4.54 -80.84
N LEU F 96 14.31 -4.45 -81.23
CA LEU F 96 15.03 -3.20 -81.20
C LEU F 96 14.80 -2.39 -82.48
N ASN F 97 14.64 -1.07 -82.33
CA ASN F 97 14.35 -0.19 -83.46
C ASN F 97 14.78 1.23 -83.10
N SER F 98 14.34 2.21 -83.89
CA SER F 98 14.72 3.60 -83.63
C SER F 98 14.30 4.05 -82.23
N ARG F 99 13.23 3.48 -81.68
CA ARG F 99 12.66 3.91 -80.42
C ARG F 99 12.93 2.96 -79.24
N VAL F 100 13.63 1.84 -79.48
CA VAL F 100 13.88 0.82 -78.47
C VAL F 100 15.32 0.36 -78.61
N ALA F 101 16.14 0.61 -77.59
CA ALA F 101 17.54 0.20 -77.62
C ALA F 101 18.04 0.04 -76.19
N SER F 102 19.09 -0.75 -76.00
CA SER F 102 19.61 -0.99 -74.67
C SER F 102 20.64 0.08 -74.26
N ILE F 103 20.72 0.31 -72.94
CA ILE F 103 21.77 1.11 -72.31
C ILE F 103 22.75 0.16 -71.62
N SER F 104 24.04 0.46 -71.70
CA SER F 104 25.06 -0.44 -71.15
C SER F 104 25.42 -0.06 -69.72
N LEU F 105 25.94 -1.04 -68.99
CA LEU F 105 26.34 -0.86 -67.60
C LEU F 105 27.73 -0.23 -67.52
N PRO F 106 27.99 0.53 -66.46
CA PRO F 106 29.28 1.22 -66.35
C PRO F 106 30.43 0.30 -65.96
N THR F 107 31.65 0.68 -66.39
CA THR F 107 32.85 -0.02 -65.97
C THR F 107 33.47 0.57 -64.71
N SER F 108 33.19 1.85 -64.42
CA SER F 108 33.59 2.48 -63.17
C SER F 108 32.56 3.56 -62.85
N CYS F 109 32.61 4.06 -61.61
CA CYS F 109 31.70 5.10 -61.15
C CYS F 109 32.00 6.45 -61.82
N ALA F 110 30.98 7.29 -61.91
CA ALA F 110 31.16 8.60 -62.50
C ALA F 110 31.69 9.58 -61.47
N SER F 111 32.41 10.60 -61.92
CA SER F 111 32.98 11.61 -61.03
C SER F 111 32.07 12.82 -60.86
N ALA F 112 32.25 13.50 -59.72
CA ALA F 112 31.58 14.76 -59.43
C ALA F 112 31.75 15.76 -60.56
N GLY F 113 30.65 16.42 -60.92
CA GLY F 113 30.61 17.39 -61.99
C GLY F 113 30.30 16.81 -63.34
N THR F 114 30.35 15.49 -63.50
CA THR F 114 29.97 14.86 -64.77
C THR F 114 28.47 15.12 -64.97
N GLN F 115 28.08 15.59 -66.16
CA GLN F 115 26.68 15.88 -66.47
C GLN F 115 25.95 14.60 -66.85
N CYS F 116 24.79 14.37 -66.26
CA CYS F 116 24.01 13.17 -66.52
C CYS F 116 22.66 13.53 -67.11
N LEU F 117 22.06 12.56 -67.81
CA LEU F 117 20.73 12.72 -68.39
C LEU F 117 19.73 11.90 -67.57
N ILE F 118 18.73 12.57 -67.03
CA ILE F 118 17.67 11.95 -66.26
C ILE F 118 16.36 12.17 -66.98
N SER F 119 15.53 11.12 -67.07
CA SER F 119 14.33 11.19 -67.89
C SER F 119 13.17 10.45 -67.21
N GLY F 120 11.95 10.87 -67.53
CA GLY F 120 10.77 10.16 -67.08
C GLY F 120 9.50 10.93 -67.38
N TRP F 121 8.37 10.32 -66.99
CA TRP F 121 7.04 10.91 -67.19
C TRP F 121 6.42 11.42 -65.88
N GLY F 122 7.25 11.68 -64.87
CA GLY F 122 6.76 12.16 -63.60
C GLY F 122 6.32 13.62 -63.60
N ASN F 123 5.85 14.04 -62.44
CA ASN F 123 5.42 15.42 -62.16
C ASN F 123 6.47 16.45 -62.59
N THR F 124 6.01 17.51 -63.27
CA THR F 124 6.85 18.60 -63.74
C THR F 124 6.77 19.86 -62.90
N LYS F 125 6.07 19.83 -61.77
CA LYS F 125 5.94 20.98 -60.89
C LYS F 125 6.61 20.69 -59.56
N SER F 126 7.34 21.67 -59.02
CA SER F 126 7.91 21.56 -57.69
C SER F 126 6.91 21.93 -56.60
N SER F 127 5.87 22.67 -56.98
CA SER F 127 4.70 22.95 -56.15
C SER F 127 3.49 22.56 -56.98
N GLY F 128 2.63 21.71 -56.44
CA GLY F 128 1.50 21.18 -57.19
C GLY F 128 1.88 20.02 -58.09
N THR F 129 0.97 19.71 -59.01
CA THR F 129 1.16 18.55 -59.86
C THR F 129 0.76 18.87 -61.29
N SER F 130 1.58 18.41 -62.22
CA SER F 130 1.22 18.38 -63.62
C SER F 130 2.04 17.24 -64.20
N TYR F 131 1.37 16.23 -64.74
CA TYR F 131 2.03 15.07 -65.29
C TYR F 131 2.00 15.12 -66.80
N PRO F 132 3.15 14.92 -67.46
CA PRO F 132 3.23 15.13 -68.92
C PRO F 132 2.73 13.94 -69.72
N ASP F 133 2.41 14.22 -71.00
CA ASP F 133 2.14 13.14 -71.94
C ASP F 133 3.44 12.55 -72.49
N VAL F 134 4.41 13.41 -72.79
CA VAL F 134 5.62 12.97 -73.47
C VAL F 134 6.76 12.92 -72.47
N LEU F 135 7.76 12.13 -72.81
CA LEU F 135 8.93 11.96 -71.96
C LEU F 135 9.66 13.28 -71.80
N LYS F 136 10.06 13.59 -70.57
CA LYS F 136 10.84 14.78 -70.25
C LYS F 136 12.25 14.35 -69.86
N CYS F 137 13.21 15.25 -70.11
CA CYS F 137 14.64 15.00 -69.95
C CYS F 137 15.26 16.11 -69.12
N LEU F 138 16.35 15.79 -68.42
CA LEU F 138 17.04 16.79 -67.61
C LEU F 138 18.54 16.51 -67.59
N LYS F 139 19.37 17.55 -67.79
CA LYS F 139 20.81 17.41 -67.57
C LYS F 139 21.17 17.98 -66.19
N ALA F 140 21.82 17.17 -65.35
CA ALA F 140 22.23 17.62 -64.04
C ALA F 140 23.52 16.91 -63.65
N PRO F 141 24.39 17.55 -62.87
CA PRO F 141 25.67 16.94 -62.49
C PRO F 141 25.62 16.09 -61.23
N ILE F 142 26.55 15.12 -61.18
CA ILE F 142 26.81 14.37 -59.96
C ILE F 142 27.38 15.29 -58.89
N LEU F 143 26.87 15.15 -57.67
CA LEU F 143 27.42 15.86 -56.52
C LEU F 143 28.39 14.92 -55.82
N SER F 144 29.37 15.53 -55.16
CA SER F 144 30.34 14.79 -54.36
C SER F 144 29.65 13.98 -53.27
N ASP F 145 30.25 12.85 -52.90
CA ASP F 145 29.72 12.05 -51.80
C ASP F 145 29.55 12.89 -50.53
N SER F 146 30.48 13.81 -50.28
CA SER F 146 30.42 14.64 -49.08
C SER F 146 29.27 15.65 -49.15
N SER F 147 29.05 16.28 -50.31
CA SER F 147 27.92 17.21 -50.44
C SER F 147 26.59 16.49 -50.29
N CYS F 148 26.51 15.26 -50.81
CA CYS F 148 25.27 14.49 -50.72
C CYS F 148 24.97 14.16 -49.26
N LYS F 149 26.00 13.79 -48.49
CA LYS F 149 25.80 13.48 -47.08
C LYS F 149 25.48 14.73 -46.28
N SER F 150 26.02 15.90 -46.66
CA SER F 150 25.64 17.11 -45.95
C SER F 150 24.19 17.52 -46.24
N ALA F 151 23.70 17.25 -47.46
CA ALA F 151 22.31 17.54 -47.79
C ALA F 151 21.35 16.63 -47.04
N TYR F 152 21.75 15.39 -46.77
CA TYR F 152 20.89 14.38 -46.18
C TYR F 152 21.61 13.69 -45.02
N PRO F 153 21.81 14.38 -43.90
CA PRO F 153 22.60 13.81 -42.81
C PRO F 153 22.04 12.48 -42.35
N GLY F 154 22.92 11.49 -42.23
CA GLY F 154 22.54 10.18 -41.73
C GLY F 154 21.81 9.31 -42.72
N GLN F 155 21.45 9.81 -43.90
CA GLN F 155 20.56 9.09 -44.80
C GLN F 155 21.28 8.44 -45.99
N ILE F 156 22.50 8.85 -46.31
CA ILE F 156 23.18 8.44 -47.54
C ILE F 156 24.11 7.29 -47.23
N THR F 157 23.87 6.15 -47.88
CA THR F 157 24.78 5.02 -47.82
C THR F 157 25.75 5.09 -49.00
N SER F 158 26.71 4.17 -48.99
CA SER F 158 27.66 4.02 -50.09
C SER F 158 26.99 3.58 -51.40
N ASN F 159 25.73 3.14 -51.37
CA ASN F 159 25.02 2.73 -52.58
C ASN F 159 24.06 3.79 -53.08
N MET F 160 24.25 5.03 -52.66
CA MET F 160 23.45 6.17 -53.06
C MET F 160 24.36 7.29 -53.51
N PHE F 161 23.88 8.10 -54.45
CA PHE F 161 24.56 9.35 -54.79
C PHE F 161 23.53 10.44 -55.07
N CYS F 162 23.98 11.69 -55.03
CA CYS F 162 23.13 12.82 -55.38
C CYS F 162 23.52 13.37 -56.75
N ALA F 163 22.54 13.89 -57.46
CA ALA F 163 22.78 14.62 -58.69
C ALA F 163 21.74 15.72 -58.72
N GLY F 164 22.10 16.86 -59.28
CA GLY F 164 21.15 17.95 -59.36
C GLY F 164 21.77 19.26 -58.93
N TYR F 165 20.96 20.14 -58.36
CA TYR F 165 21.39 21.50 -58.07
C TYR F 165 20.89 21.91 -56.69
N LEU F 166 21.78 22.29 -55.78
CA LEU F 166 21.26 22.78 -54.51
C LEU F 166 20.52 24.10 -54.66
N GLU F 167 20.66 24.76 -55.81
CA GLU F 167 19.88 25.97 -56.02
CA GLU F 167 19.89 25.98 -56.08
C GLU F 167 18.40 25.69 -56.19
N GLY F 168 18.03 24.46 -56.56
CA GLY F 168 16.65 24.09 -56.78
C GLY F 168 16.21 24.37 -58.20
N GLY F 169 14.94 24.10 -58.48
CA GLY F 169 14.39 24.39 -59.79
C GLY F 169 14.49 23.26 -60.81
N LYS F 170 15.44 22.33 -60.64
CA LYS F 170 15.67 21.21 -61.58
C LYS F 170 15.88 19.93 -60.79
N ASP F 171 15.07 18.89 -61.06
CA ASP F 171 15.09 17.65 -60.30
C ASP F 171 14.22 16.60 -60.99
N SER F 172 14.44 15.34 -60.64
CA SER F 172 13.42 14.32 -60.81
C SER F 172 12.28 14.54 -59.80
N CYS F 173 11.11 13.95 -60.08
CA CYS F 173 9.97 14.13 -59.18
C CYS F 173 9.13 12.84 -59.15
N GLN F 174 8.05 12.87 -58.38
CA GLN F 174 7.20 11.69 -58.26
C GLN F 174 6.67 11.24 -59.63
N GLY F 175 6.78 9.96 -59.89
CA GLY F 175 6.49 9.38 -61.18
C GLY F 175 7.73 9.08 -62.00
N ASP F 176 8.90 9.57 -61.56
CA ASP F 176 10.16 9.29 -62.21
C ASP F 176 10.89 8.10 -61.61
N SER F 177 10.44 7.61 -60.44
CA SER F 177 11.07 6.49 -59.75
C SER F 177 11.42 5.37 -60.72
N GLY F 178 12.63 4.81 -60.53
CA GLY F 178 13.09 3.66 -61.28
C GLY F 178 13.75 4.00 -62.60
N GLY F 179 13.55 5.21 -63.11
CA GLY F 179 14.10 5.65 -64.37
C GLY F 179 15.61 5.86 -64.38
N PRO F 180 16.16 6.04 -65.57
CA PRO F 180 17.62 6.12 -65.75
C PRO F 180 18.26 7.46 -65.44
N VAL F 181 19.48 7.37 -64.92
CA VAL F 181 20.46 8.46 -64.87
C VAL F 181 21.66 7.98 -65.68
N VAL F 182 21.89 8.57 -66.85
CA VAL F 182 22.92 8.13 -67.80
C VAL F 182 24.05 9.16 -67.84
N CYS F 183 25.28 8.71 -67.63
CA CYS F 183 26.46 9.59 -67.62
C CYS F 183 27.50 8.97 -68.55
N SER F 184 28.01 9.76 -69.50
CA SER F 184 29.05 9.30 -70.44
C SER F 184 28.58 8.06 -71.19
N GLY F 185 27.29 8.00 -71.50
CA GLY F 185 26.74 6.89 -72.27
C GLY F 185 26.47 5.60 -71.50
N LYS F 186 26.54 5.61 -70.17
CA LYS F 186 26.35 4.40 -69.37
C LYS F 186 25.31 4.65 -68.28
N LEU F 187 24.58 3.60 -67.91
CA LEU F 187 23.59 3.71 -66.84
C LEU F 187 24.30 3.81 -65.49
N GLN F 188 24.31 5.00 -64.87
CA GLN F 188 24.99 5.15 -63.59
C GLN F 188 24.04 5.22 -62.40
N GLY F 189 22.78 5.56 -62.61
CA GLY F 189 21.87 5.78 -61.50
C GLY F 189 20.45 5.30 -61.79
N ILE F 190 19.69 5.12 -60.70
CA ILE F 190 18.25 4.84 -60.75
C ILE F 190 17.52 5.86 -59.87
N VAL F 191 16.50 6.52 -60.43
CA VAL F 191 15.74 7.51 -59.66
C VAL F 191 15.17 6.86 -58.41
N SER F 192 15.47 7.42 -57.23
CA SER F 192 15.02 6.72 -56.02
C SER F 192 14.25 7.64 -55.08
N TRP F 193 14.88 8.65 -54.45
CA TRP F 193 14.14 9.47 -53.49
C TRP F 193 14.73 10.87 -53.38
N GLY F 194 14.03 11.70 -52.61
CA GLY F 194 14.47 13.07 -52.37
C GLY F 194 13.47 13.72 -51.43
N SER F 195 13.87 14.86 -50.89
CA SER F 195 12.98 15.65 -50.03
C SER F 195 12.25 16.66 -50.91
N GLY F 196 10.97 16.40 -51.19
CA GLY F 196 10.28 17.20 -52.20
C GLY F 196 10.92 16.97 -53.56
N CYS F 197 10.66 17.93 -54.47
CA CYS F 197 11.21 17.96 -55.83
C CYS F 197 11.74 19.35 -56.14
N ALA F 198 13.01 19.44 -56.58
CA ALA F 198 13.58 20.70 -57.08
C ALA F 198 13.60 21.79 -56.01
N GLN F 199 13.71 21.39 -54.75
CA GLN F 199 13.78 22.34 -53.66
C GLN F 199 15.22 22.74 -53.42
N LYS F 200 15.38 23.92 -52.84
CA LYS F 200 16.70 24.43 -52.51
C LYS F 200 17.36 23.49 -51.52
N ASN F 201 18.63 23.14 -51.77
CA ASN F 201 19.44 22.33 -50.85
C ASN F 201 18.89 20.92 -50.65
N LYS F 202 18.07 20.42 -51.57
CA LYS F 202 17.46 19.11 -51.43
C LYS F 202 17.52 18.42 -52.77
N PRO F 203 18.72 18.01 -53.19
CA PRO F 203 18.89 17.34 -54.48
C PRO F 203 18.27 15.94 -54.47
N GLY F 204 18.14 15.39 -55.67
CA GLY F 204 17.70 14.02 -55.80
C GLY F 204 18.75 13.02 -55.36
N VAL F 205 18.29 11.88 -54.86
CA VAL F 205 19.14 10.76 -54.47
C VAL F 205 18.86 9.60 -55.42
N TYR F 206 19.91 8.88 -55.80
CA TYR F 206 19.89 7.90 -56.87
C TYR F 206 20.66 6.64 -56.44
N THR F 207 20.15 5.47 -56.84
CA THR F 207 20.86 4.22 -56.61
C THR F 207 22.12 4.19 -57.46
N LYS F 208 23.24 3.87 -56.81
CA LYS F 208 24.58 3.87 -57.40
C LYS F 208 24.75 2.57 -58.18
N VAL F 209 24.41 2.60 -59.47
CA VAL F 209 24.39 1.37 -60.26
C VAL F 209 25.77 0.72 -60.37
N CYS F 210 26.86 1.52 -60.43
CA CYS F 210 28.20 0.91 -60.49
C CYS F 210 28.48 -0.09 -59.37
N ASN F 211 27.90 0.10 -58.19
CA ASN F 211 28.15 -0.87 -57.13
C ASN F 211 27.47 -2.21 -57.37
N TYR F 212 26.59 -2.32 -58.36
CA TYR F 212 25.75 -3.48 -58.58
C TYR F 212 26.08 -4.25 -59.85
N VAL F 213 27.12 -3.85 -60.58
CA VAL F 213 27.38 -4.45 -61.89
C VAL F 213 27.63 -5.95 -61.75
N SER F 214 28.40 -6.35 -60.73
CA SER F 214 28.66 -7.76 -60.49
C SER F 214 27.36 -8.53 -60.21
N TRP F 215 26.51 -7.98 -59.35
CA TRP F 215 25.24 -8.64 -59.04
C TRP F 215 24.35 -8.73 -60.28
N ILE F 216 24.29 -7.66 -61.08
CA ILE F 216 23.45 -7.69 -62.27
C ILE F 216 23.93 -8.77 -63.24
N LYS F 217 25.23 -8.80 -63.52
CA LYS F 217 25.76 -9.75 -64.50
C LYS F 217 25.54 -11.19 -64.05
N GLN F 218 25.82 -11.48 -62.77
CA GLN F 218 25.64 -12.83 -62.24
C GLN F 218 24.17 -13.23 -62.26
N THR F 219 23.28 -12.31 -61.87
CA THR F 219 21.86 -12.62 -61.83
C THR F 219 21.33 -12.95 -63.22
N ILE F 220 21.73 -12.16 -64.22
CA ILE F 220 21.35 -12.43 -65.60
C ILE F 220 21.90 -13.78 -66.05
N ALA F 221 23.15 -14.07 -65.69
CA ALA F 221 23.82 -15.29 -66.11
C ALA F 221 23.21 -16.53 -65.47
N SER F 222 22.63 -16.40 -64.29
CA SER F 222 22.04 -17.54 -63.62
C SER F 222 20.54 -17.67 -63.91
N ASN F 223 19.96 -16.73 -64.64
CA ASN F 223 18.54 -16.76 -64.91
C ASN F 223 18.26 -16.74 -66.40
N ILE G 1 -13.58 21.49 -77.88
CA ILE G 1 -14.03 20.64 -78.99
C ILE G 1 -13.88 19.17 -78.60
N VAL G 2 -14.98 18.43 -78.61
CA VAL G 2 -14.97 17.01 -78.29
C VAL G 2 -14.96 16.23 -79.61
N GLY G 3 -14.03 15.29 -79.73
CA GLY G 3 -13.98 14.44 -80.91
C GLY G 3 -13.39 15.05 -82.15
N GLY G 4 -12.58 16.10 -82.01
CA GLY G 4 -11.99 16.80 -83.13
C GLY G 4 -10.53 16.42 -83.35
N TYR G 5 -9.82 17.28 -84.06
CA TYR G 5 -8.42 17.03 -84.38
C TYR G 5 -7.63 18.32 -84.24
N THR G 6 -6.32 18.18 -84.12
CA THR G 6 -5.44 19.33 -84.09
C THR G 6 -5.50 20.08 -85.42
N CYS G 7 -5.82 21.37 -85.37
CA CYS G 7 -5.97 22.12 -86.61
C CYS G 7 -4.65 22.23 -87.35
N GLY G 8 -3.61 22.65 -86.67
CA GLY G 8 -2.38 23.06 -87.31
C GLY G 8 -2.27 24.57 -87.42
N ALA G 9 -1.02 25.05 -87.51
CA ALA G 9 -0.69 26.46 -87.37
C ALA G 9 -1.41 27.36 -88.37
N ASN G 10 -1.49 26.94 -89.65
CA ASN G 10 -2.01 27.79 -90.71
C ASN G 10 -3.46 27.52 -91.09
N THR G 11 -4.12 26.53 -90.49
CA THR G 11 -5.38 26.08 -91.08
C THR G 11 -6.57 26.95 -90.67
N VAL G 12 -6.56 27.56 -89.48
CA VAL G 12 -7.69 28.43 -89.11
C VAL G 12 -7.13 29.82 -88.77
N PRO G 13 -6.63 30.58 -89.75
CA PRO G 13 -5.94 31.83 -89.42
C PRO G 13 -6.86 32.95 -88.93
N TYR G 14 -8.18 32.81 -89.07
CA TYR G 14 -9.16 33.78 -88.59
C TYR G 14 -9.60 33.54 -87.16
N GLN G 15 -9.23 32.42 -86.55
CA GLN G 15 -9.53 32.16 -85.15
C GLN G 15 -8.77 33.12 -84.25
N VAL G 16 -9.47 33.74 -83.30
CA VAL G 16 -8.80 34.51 -82.27
C VAL G 16 -9.27 34.01 -80.90
N SER G 17 -8.54 34.44 -79.87
CA SER G 17 -8.86 34.16 -78.48
C SER G 17 -9.12 35.47 -77.76
N LEU G 18 -10.17 35.51 -76.93
CA LEU G 18 -10.39 36.63 -76.03
C LEU G 18 -9.77 36.31 -74.67
N ASN G 19 -8.99 37.27 -74.13
CA ASN G 19 -8.14 37.07 -72.97
C ASN G 19 -8.43 38.15 -71.91
N SER G 20 -8.43 37.76 -70.64
CA SER G 20 -8.51 38.74 -69.55
C SER G 20 -7.59 38.30 -68.41
N GLY G 21 -6.35 38.01 -68.75
CA GLY G 21 -5.50 37.31 -67.82
C GLY G 21 -5.59 35.81 -67.95
N TYR G 22 -6.57 35.33 -68.70
CA TYR G 22 -6.77 33.93 -69.01
C TYR G 22 -7.60 33.87 -70.27
N HIS G 23 -7.43 32.80 -71.05
CA HIS G 23 -8.33 32.59 -72.19
C HIS G 23 -9.73 32.30 -71.66
N PHE G 24 -10.73 32.99 -72.18
CA PHE G 24 -12.08 32.63 -71.79
C PHE G 24 -13.09 32.51 -72.94
N CYS G 25 -12.74 32.89 -74.18
CA CYS G 25 -13.69 32.79 -75.29
C CYS G 25 -12.96 32.76 -76.63
N GLY G 26 -13.66 32.25 -77.65
CA GLY G 26 -13.22 32.37 -79.02
C GLY G 26 -13.76 33.63 -79.68
N GLY G 27 -13.33 33.83 -80.92
CA GLY G 27 -13.82 34.92 -81.76
C GLY G 27 -13.37 34.70 -83.18
N SER G 28 -13.87 35.57 -84.07
CA SER G 28 -13.57 35.48 -85.50
C SER G 28 -13.09 36.84 -86.00
N LEU G 29 -11.93 36.87 -86.65
CA LEU G 29 -11.45 38.08 -87.31
C LEU G 29 -12.18 38.22 -88.63
N ILE G 30 -13.00 39.27 -88.77
CA ILE G 30 -13.81 39.42 -89.97
C ILE G 30 -13.30 40.53 -90.89
N ASN G 31 -12.41 41.39 -90.41
CA ASN G 31 -11.50 42.21 -91.20
C ASN G 31 -10.33 42.55 -90.29
N SER G 32 -9.37 43.34 -90.79
CA SER G 32 -8.11 43.50 -90.04
C SER G 32 -8.30 44.14 -88.66
N GLN G 33 -9.42 44.81 -88.38
CA GLN G 33 -9.60 45.49 -87.10
C GLN G 33 -10.86 45.11 -86.35
N TRP G 34 -11.61 44.10 -86.80
CA TRP G 34 -12.88 43.80 -86.17
C TRP G 34 -13.01 42.31 -85.94
N VAL G 35 -13.53 41.96 -84.75
CA VAL G 35 -13.75 40.58 -84.30
C VAL G 35 -15.22 40.41 -83.95
N VAL G 36 -15.80 39.27 -84.36
CA VAL G 36 -17.14 38.89 -83.94
C VAL G 36 -17.01 37.75 -82.92
N SER G 37 -17.77 37.84 -81.83
CA SER G 37 -17.80 36.80 -80.80
C SER G 37 -19.24 36.72 -80.27
N ALA G 38 -19.43 36.02 -79.15
CA ALA G 38 -20.77 35.86 -78.58
C ALA G 38 -21.01 36.96 -77.56
N ALA G 39 -22.26 37.45 -77.49
CA ALA G 39 -22.65 38.46 -76.51
C ALA G 39 -22.39 38.03 -75.08
N HIS G 40 -22.64 36.76 -74.74
CA HIS G 40 -22.38 36.33 -73.37
C HIS G 40 -20.89 36.30 -73.02
N CYS G 41 -19.99 36.48 -73.99
CA CYS G 41 -18.57 36.61 -73.72
C CYS G 41 -18.16 38.04 -73.37
N TYR G 42 -19.09 38.98 -73.34
CA TYR G 42 -18.70 40.36 -73.04
C TYR G 42 -17.96 40.44 -71.70
N LYS G 43 -16.85 41.17 -71.70
CA LYS G 43 -16.02 41.37 -70.52
C LYS G 43 -15.32 42.71 -70.65
N SER G 44 -15.08 43.38 -69.53
CA SER G 44 -14.36 44.63 -69.60
C SER G 44 -12.87 44.36 -69.82
N GLY G 45 -12.21 45.22 -70.59
CA GLY G 45 -10.77 45.05 -70.78
C GLY G 45 -10.34 43.74 -71.42
N ILE G 46 -11.02 43.34 -72.48
CA ILE G 46 -10.61 42.17 -73.28
C ILE G 46 -9.33 42.45 -74.05
N GLN G 47 -8.42 41.48 -74.06
CA GLN G 47 -7.29 41.47 -74.97
C GLN G 47 -7.48 40.32 -75.97
N VAL G 48 -7.30 40.61 -77.25
CA VAL G 48 -7.43 39.61 -78.31
C VAL G 48 -6.05 39.12 -78.72
N ARG G 49 -5.88 37.80 -78.80
CA ARG G 49 -4.66 37.17 -79.27
C ARG G 49 -4.93 36.55 -80.65
N LEU G 50 -4.10 36.90 -81.63
CA LEU G 50 -4.25 36.45 -83.02
C LEU G 50 -3.00 35.73 -83.47
N GLY G 51 -3.17 34.76 -84.36
CA GLY G 51 -2.00 34.02 -84.82
C GLY G 51 -1.48 33.02 -83.82
N GLU G 52 -2.22 32.78 -82.74
CA GLU G 52 -1.88 31.80 -81.72
C GLU G 52 -2.38 30.43 -82.12
N ASP G 53 -1.51 29.44 -82.10
CA ASP G 53 -1.90 28.05 -82.22
C ASP G 53 -1.81 27.34 -80.89
N ASN G 54 -0.63 27.33 -80.28
CA ASN G 54 -0.45 26.83 -78.93
C ASN G 54 -0.83 27.94 -77.95
N ILE G 55 -1.84 27.68 -77.13
CA ILE G 55 -2.40 28.72 -76.25
C ILE G 55 -1.49 29.03 -75.08
N ASN G 56 -0.49 28.21 -74.81
CA ASN G 56 0.36 28.40 -73.64
C ASN G 56 1.70 29.02 -73.97
N VAL G 57 2.02 29.26 -75.22
CA VAL G 57 3.31 29.84 -75.54
C VAL G 57 3.25 31.35 -75.38
N VAL G 58 4.32 31.91 -74.85
CA VAL G 58 4.56 33.35 -74.92
C VAL G 58 5.44 33.68 -76.11
N GLU G 59 6.42 32.81 -76.38
CA GLU G 59 7.13 32.77 -77.65
C GLU G 59 6.16 32.29 -78.73
N GLY G 60 6.47 32.58 -79.97
CA GLY G 60 5.53 32.37 -81.05
C GLY G 60 5.23 33.68 -81.73
N ASN G 61 4.48 33.58 -82.84
CA ASN G 61 4.28 34.91 -83.45
C ASN G 61 2.87 35.40 -83.09
N GLU G 62 2.44 35.24 -81.84
CA GLU G 62 1.10 35.73 -81.58
C GLU G 62 1.14 37.25 -81.57
N GLN G 63 -0.02 37.83 -81.85
CA GLN G 63 -0.20 39.25 -81.75
C GLN G 63 -1.23 39.45 -80.67
N PHE G 64 -0.97 40.38 -79.77
CA PHE G 64 -1.88 40.82 -78.72
C PHE G 64 -2.33 42.22 -79.07
N ILE G 65 -3.63 42.41 -79.24
CA ILE G 65 -4.16 43.73 -79.56
C ILE G 65 -5.35 43.93 -78.65
N SER G 66 -5.35 45.01 -77.89
CA SER G 66 -6.46 45.25 -76.99
C SER G 66 -7.70 45.67 -77.76
N ALA G 67 -8.85 45.29 -77.21
CA ALA G 67 -10.12 45.80 -77.68
C ALA G 67 -10.23 47.29 -77.38
N SER G 68 -10.70 48.05 -78.35
CA SER G 68 -11.04 49.44 -78.16
C SER G 68 -12.52 49.63 -77.92
N LYS G 69 -13.36 48.79 -78.53
CA LYS G 69 -14.82 48.87 -78.40
C LYS G 69 -15.36 47.46 -78.39
N SER G 70 -16.21 47.14 -77.41
CA SER G 70 -16.89 45.85 -77.33
C SER G 70 -18.39 46.10 -77.34
N ILE G 71 -19.03 45.76 -78.46
CA ILE G 71 -20.40 46.16 -78.78
C ILE G 71 -21.26 44.89 -78.80
N VAL G 72 -22.04 44.70 -77.74
CA VAL G 72 -23.04 43.63 -77.64
C VAL G 72 -24.26 43.99 -78.47
N HIS G 73 -24.85 43.00 -79.16
CA HIS G 73 -26.06 43.27 -79.90
C HIS G 73 -27.10 43.93 -78.98
N PRO G 74 -27.76 45.00 -79.43
CA PRO G 74 -28.68 45.72 -78.54
C PRO G 74 -29.89 44.93 -78.07
N SER G 75 -30.28 43.88 -78.78
CA SER G 75 -31.41 43.04 -78.38
C SER G 75 -30.96 41.75 -77.73
N TYR G 76 -29.69 41.65 -77.33
CA TYR G 76 -29.22 40.45 -76.66
C TYR G 76 -30.05 40.19 -75.41
N ASN G 77 -30.56 38.96 -75.29
CA ASN G 77 -31.49 38.54 -74.24
C ASN G 77 -30.90 37.40 -73.41
N SER G 78 -30.51 37.71 -72.16
CA SER G 78 -29.97 36.74 -71.20
C SER G 78 -30.99 35.69 -70.71
N ASN G 79 -32.28 35.94 -70.84
CA ASN G 79 -33.24 34.94 -70.41
C ASN G 79 -33.49 33.91 -71.49
N THR G 80 -33.38 34.30 -72.76
CA THR G 80 -33.72 33.44 -73.88
C THR G 80 -32.50 33.02 -74.69
N LEU G 81 -31.32 33.58 -74.43
CA LEU G 81 -30.09 33.32 -75.17
C LEU G 81 -30.17 33.82 -76.60
N ASN G 82 -31.17 34.63 -76.93
CA ASN G 82 -31.38 35.20 -78.26
C ASN G 82 -30.44 36.37 -78.56
N ASN G 83 -30.07 36.50 -79.84
CA ASN G 83 -29.21 37.60 -80.33
C ASN G 83 -27.82 37.55 -79.69
N ASP G 84 -27.24 36.36 -79.66
CA ASP G 84 -25.96 36.15 -78.98
C ASP G 84 -24.79 36.46 -79.91
N ILE G 85 -24.55 37.75 -80.10
CA ILE G 85 -23.47 38.21 -80.98
C ILE G 85 -22.89 39.49 -80.39
N MET G 86 -21.57 39.62 -80.51
CA MET G 86 -20.83 40.79 -80.06
C MET G 86 -19.78 41.16 -81.11
N LEU G 87 -19.64 42.45 -81.39
CA LEU G 87 -18.55 42.95 -82.23
C LEU G 87 -17.48 43.61 -81.38
N ILE G 88 -16.22 43.34 -81.68
CA ILE G 88 -15.09 43.98 -81.02
C ILE G 88 -14.29 44.76 -82.07
N LYS G 89 -14.11 46.05 -81.85
CA LYS G 89 -13.14 46.81 -82.65
C LYS G 89 -11.80 46.77 -81.94
N LEU G 90 -10.76 46.34 -82.66
CA LEU G 90 -9.42 46.27 -82.10
C LEU G 90 -8.80 47.66 -82.08
N LYS G 91 -7.91 47.87 -81.11
CA LYS G 91 -7.26 49.18 -81.01
C LYS G 91 -6.31 49.46 -82.17
N SER G 92 -5.77 48.42 -82.79
CA SER G 92 -4.91 48.54 -83.96
C SER G 92 -5.25 47.44 -84.94
N ALA G 93 -5.02 47.70 -86.23
CA ALA G 93 -5.18 46.64 -87.22
C ALA G 93 -4.23 45.49 -86.94
N ALA G 94 -4.72 44.28 -87.15
CA ALA G 94 -3.85 43.10 -87.13
C ALA G 94 -2.90 43.12 -88.31
N SER G 95 -1.71 42.62 -88.08
CA SER G 95 -0.78 42.36 -89.19
C SER G 95 -1.16 41.02 -89.80
N LEU G 96 -1.54 41.02 -91.07
CA LEU G 96 -2.00 39.82 -91.73
C LEU G 96 -0.79 39.01 -92.25
N ASN G 97 -0.85 37.70 -92.06
CA ASN G 97 0.25 36.82 -92.41
C ASN G 97 -0.30 35.41 -92.59
N SER G 98 0.58 34.40 -92.58
CA SER G 98 0.15 33.02 -92.76
C SER G 98 -0.85 32.59 -91.70
N ARG G 99 -0.76 33.14 -90.51
CA ARG G 99 -1.55 32.66 -89.39
C ARG G 99 -2.67 33.62 -89.02
N VAL G 100 -2.80 34.75 -89.74
CA VAL G 100 -3.78 35.78 -89.41
C VAL G 100 -4.39 36.26 -90.71
N ALA G 101 -5.68 35.97 -90.90
CA ALA G 101 -6.42 36.43 -92.06
C ALA G 101 -7.89 36.44 -91.65
N SER G 102 -8.67 37.28 -92.31
CA SER G 102 -10.06 37.44 -91.95
C SER G 102 -10.92 36.41 -92.68
N ILE G 103 -12.07 36.11 -92.09
CA ILE G 103 -13.12 35.31 -92.68
C ILE G 103 -14.24 36.24 -93.13
N SER G 104 -14.84 35.96 -94.27
CA SER G 104 -15.84 36.85 -94.81
C SER G 104 -17.23 36.47 -94.30
N LEU G 105 -18.11 37.44 -94.32
CA LEU G 105 -19.50 37.25 -93.92
C LEU G 105 -20.29 36.63 -95.08
N PRO G 106 -21.33 35.87 -94.78
CA PRO G 106 -22.07 35.22 -95.86
C PRO G 106 -22.95 36.19 -96.61
N THR G 107 -23.21 35.83 -97.87
CA THR G 107 -24.17 36.53 -98.71
C THR G 107 -25.57 35.95 -98.57
N SER G 108 -25.68 34.71 -98.10
CA SER G 108 -26.95 34.08 -97.83
C SER G 108 -26.75 33.07 -96.70
N CYS G 109 -27.86 32.66 -96.10
CA CYS G 109 -27.83 31.63 -95.07
C CYS G 109 -27.46 30.28 -95.65
N ALA G 110 -26.82 29.45 -94.84
CA ALA G 110 -26.46 28.11 -95.27
C ALA G 110 -27.62 27.13 -95.03
N SER G 111 -27.67 26.08 -95.84
CA SER G 111 -28.72 25.06 -95.80
C SER G 111 -28.35 23.88 -94.90
N ALA G 112 -29.38 23.18 -94.44
CA ALA G 112 -29.20 21.92 -93.73
C ALA G 112 -28.32 20.96 -94.52
N GLY G 113 -27.39 20.30 -93.82
CA GLY G 113 -26.52 19.33 -94.40
C GLY G 113 -25.21 19.88 -94.95
N THR G 114 -25.04 21.19 -95.03
CA THR G 114 -23.76 21.75 -95.45
C THR G 114 -22.69 21.47 -94.41
N GLN G 115 -21.51 21.09 -94.87
CA GLN G 115 -20.42 20.75 -93.96
C GLN G 115 -19.81 22.06 -93.42
N CYS G 116 -19.59 22.11 -92.10
CA CYS G 116 -18.99 23.28 -91.43
C CYS G 116 -17.73 22.91 -90.63
N LEU G 117 -16.90 23.92 -90.40
CA LEU G 117 -15.68 23.82 -89.61
C LEU G 117 -15.85 24.66 -88.35
N ILE G 118 -15.78 24.02 -87.20
CA ILE G 118 -15.91 24.70 -85.91
C ILE G 118 -14.62 24.48 -85.13
N SER G 119 -14.12 25.55 -84.49
CA SER G 119 -12.80 25.47 -83.88
C SER G 119 -12.79 26.20 -82.54
N GLY G 120 -11.92 25.75 -81.65
CA GLY G 120 -11.66 26.48 -80.43
C GLY G 120 -10.77 25.68 -79.50
N TRP G 121 -10.46 26.30 -78.36
CA TRP G 121 -9.59 25.71 -77.35
C TRP G 121 -10.38 25.17 -76.16
N GLY G 122 -11.65 24.88 -76.34
CA GLY G 122 -12.47 24.43 -75.26
C GLY G 122 -12.16 23.01 -74.86
N ASN G 123 -12.90 22.58 -73.84
CA ASN G 123 -12.83 21.24 -73.29
C ASN G 123 -12.92 20.19 -74.40
N THR G 124 -12.06 19.18 -74.34
CA THR G 124 -12.09 18.10 -75.32
C THR G 124 -12.76 16.83 -74.79
N LYS G 125 -13.34 16.89 -73.59
CA LYS G 125 -13.96 15.73 -72.96
C LYS G 125 -15.47 15.93 -72.82
N SER G 126 -16.23 14.89 -73.10
CA SER G 126 -17.67 14.97 -72.90
C SER G 126 -18.07 14.72 -71.45
N SER G 127 -17.21 14.07 -70.66
CA SER G 127 -17.39 13.90 -69.22
C SER G 127 -16.09 14.24 -68.51
N GLY G 128 -16.16 15.13 -67.52
CA GLY G 128 -14.95 15.66 -66.94
C GLY G 128 -14.46 16.78 -67.84
N THR G 129 -13.20 17.18 -67.65
CA THR G 129 -12.64 18.28 -68.41
C THR G 129 -11.20 17.98 -68.80
N SER G 130 -10.85 18.38 -70.02
CA SER G 130 -9.47 18.35 -70.49
C SER G 130 -9.28 19.48 -71.48
N TYR G 131 -8.38 20.38 -71.21
CA TYR G 131 -8.17 21.54 -72.07
C TYR G 131 -6.91 21.37 -72.90
N PRO G 132 -6.99 21.59 -74.21
CA PRO G 132 -5.84 21.34 -75.08
C PRO G 132 -4.86 22.50 -75.08
N ASP G 133 -3.62 22.18 -75.45
CA ASP G 133 -2.63 23.22 -75.71
C ASP G 133 -2.86 23.90 -77.05
N VAL G 134 -3.19 23.13 -78.08
CA VAL G 134 -3.29 23.68 -79.44
C VAL G 134 -4.74 23.70 -79.87
N LEU G 135 -5.03 24.52 -80.88
CA LEU G 135 -6.38 24.70 -81.37
C LEU G 135 -6.93 23.38 -81.91
N LYS G 136 -8.17 23.07 -81.57
CA LYS G 136 -8.81 21.86 -82.06
C LYS G 136 -9.90 22.23 -83.07
N CYS G 137 -10.13 21.31 -84.01
CA CYS G 137 -11.03 21.49 -85.13
C CYS G 137 -12.01 20.33 -85.21
N LEU G 138 -13.19 20.62 -85.73
CA LEU G 138 -14.20 19.59 -85.92
C LEU G 138 -15.03 19.91 -87.16
N LYS G 139 -15.20 18.96 -88.04
CA LYS G 139 -16.14 19.15 -89.13
C LYS G 139 -17.48 18.61 -88.65
N ALA G 140 -18.51 19.44 -88.79
CA ALA G 140 -19.85 19.08 -88.37
C ALA G 140 -20.81 19.72 -89.36
N PRO G 141 -21.92 19.06 -89.69
CA PRO G 141 -22.89 19.62 -90.64
C PRO G 141 -23.99 20.42 -89.96
N ILE G 142 -24.55 21.37 -90.71
CA ILE G 142 -25.76 22.06 -90.24
C ILE G 142 -26.91 21.08 -90.17
N LEU G 143 -27.64 21.10 -89.07
CA LEU G 143 -28.80 20.24 -88.88
C LEU G 143 -30.07 21.01 -89.19
N SER G 144 -31.10 20.28 -89.62
CA SER G 144 -32.38 20.93 -89.91
C SER G 144 -32.91 21.62 -88.68
N ASP G 145 -33.66 22.71 -88.91
CA ASP G 145 -34.38 23.37 -87.83
C ASP G 145 -35.31 22.39 -87.11
N SER G 146 -35.93 21.47 -87.86
CA SER G 146 -36.83 20.52 -87.21
C SER G 146 -36.09 19.65 -86.22
N SER G 147 -34.90 19.15 -86.60
CA SER G 147 -34.13 18.37 -85.64
C SER G 147 -33.75 19.24 -84.45
N CYS G 148 -33.40 20.49 -84.72
CA CYS G 148 -32.96 21.39 -83.67
C CYS G 148 -34.08 21.68 -82.69
N LYS G 149 -35.28 21.96 -83.20
CA LYS G 149 -36.41 22.24 -82.33
C LYS G 149 -36.88 20.99 -81.61
N SER G 150 -36.70 19.81 -82.22
CA SER G 150 -37.01 18.57 -81.50
C SER G 150 -36.00 18.27 -80.41
N ALA G 151 -34.73 18.64 -80.60
CA ALA G 151 -33.75 18.43 -79.54
C ALA G 151 -33.98 19.38 -78.37
N TYR G 152 -34.44 20.60 -78.63
CA TYR G 152 -34.55 21.66 -77.64
C TYR G 152 -35.94 22.29 -77.70
N PRO G 153 -36.98 21.58 -77.25
CA PRO G 153 -38.34 22.11 -77.39
C PRO G 153 -38.52 23.47 -76.74
N GLY G 154 -39.05 24.41 -77.51
CA GLY G 154 -39.39 25.72 -77.00
C GLY G 154 -38.22 26.65 -76.79
N GLN G 155 -37.03 26.29 -77.29
CA GLN G 155 -35.82 27.05 -76.99
C GLN G 155 -35.17 27.68 -78.20
N ILE G 156 -35.46 27.21 -79.41
CA ILE G 156 -34.75 27.65 -80.59
C ILE G 156 -35.49 28.83 -81.20
N THR G 157 -34.81 29.97 -81.28
CA THR G 157 -35.33 31.15 -81.93
C THR G 157 -34.90 31.16 -83.40
N SER G 158 -35.44 32.10 -84.17
CA SER G 158 -35.05 32.26 -85.56
C SER G 158 -33.59 32.67 -85.72
N ASN G 159 -32.91 33.09 -84.66
CA ASN G 159 -31.54 33.54 -84.74
C ASN G 159 -30.54 32.49 -84.26
N MET G 160 -30.97 31.23 -84.19
CA MET G 160 -30.15 30.12 -83.76
C MET G 160 -30.25 28.98 -84.77
N PHE G 161 -29.19 28.18 -84.84
CA PHE G 161 -29.26 26.91 -85.55
C PHE G 161 -28.44 25.87 -84.82
N CYS G 162 -28.68 24.61 -85.16
CA CYS G 162 -27.93 23.49 -84.64
C CYS G 162 -26.97 22.96 -85.70
N ALA G 163 -25.84 22.43 -85.22
CA ALA G 163 -24.83 21.76 -86.03
C ALA G 163 -24.27 20.63 -85.19
N GLY G 164 -23.85 19.56 -85.85
CA GLY G 164 -23.26 18.47 -85.10
C GLY G 164 -23.77 17.08 -85.48
N TYR G 165 -23.86 16.20 -84.50
CA TYR G 165 -24.17 14.80 -84.72
C TYR G 165 -25.22 14.38 -83.71
N LEU G 166 -26.35 13.88 -84.20
CA LEU G 166 -27.43 13.53 -83.31
C LEU G 166 -27.08 12.36 -82.40
N GLU G 167 -26.16 11.50 -82.82
CA GLU G 167 -25.73 10.36 -82.01
C GLU G 167 -24.75 10.74 -80.90
N GLY G 168 -24.32 11.99 -80.84
CA GLY G 168 -23.34 12.39 -79.83
C GLY G 168 -21.93 12.14 -80.30
N GLY G 169 -20.97 12.36 -79.39
CA GLY G 169 -19.56 12.04 -79.61
C GLY G 169 -18.68 13.15 -80.19
N LYS G 170 -19.24 14.11 -80.91
CA LYS G 170 -18.48 15.20 -81.53
C LYS G 170 -19.26 16.50 -81.35
N ASP G 171 -18.64 17.53 -80.79
CA ASP G 171 -19.37 18.75 -80.46
C ASP G 171 -18.39 19.85 -80.08
N SER G 172 -18.84 21.10 -80.10
CA SER G 172 -18.14 22.12 -79.31
C SER G 172 -18.42 21.91 -77.83
N CYS G 173 -17.58 22.50 -76.97
CA CYS G 173 -17.73 22.33 -75.52
C CYS G 173 -17.31 23.61 -74.80
N GLN G 174 -17.34 23.58 -73.48
CA GLN G 174 -17.02 24.76 -72.68
C GLN G 174 -15.64 25.32 -72.99
N GLY G 175 -15.57 26.62 -73.24
CA GLY G 175 -14.38 27.31 -73.62
C GLY G 175 -14.29 27.60 -75.09
N ASP G 176 -15.21 27.02 -75.88
CA ASP G 176 -15.32 27.29 -77.31
C ASP G 176 -16.25 28.44 -77.61
N SER G 177 -17.02 28.92 -76.63
CA SER G 177 -17.94 30.05 -76.83
C SER G 177 -17.28 31.15 -77.65
N GLY G 178 -18.05 31.72 -78.58
CA GLY G 178 -17.59 32.82 -79.37
C GLY G 178 -16.81 32.44 -80.62
N GLY G 179 -16.37 31.19 -80.73
CA GLY G 179 -15.59 30.75 -81.88
C GLY G 179 -16.35 30.59 -83.19
N PRO G 180 -15.60 30.43 -84.28
CA PRO G 180 -16.22 30.39 -85.61
C PRO G 180 -16.88 29.07 -85.94
N VAL G 181 -17.95 29.17 -86.72
CA VAL G 181 -18.56 28.07 -87.48
C VAL G 181 -18.54 28.51 -88.93
N VAL G 182 -17.67 27.90 -89.73
CA VAL G 182 -17.40 28.31 -91.10
C VAL G 182 -17.96 27.25 -92.05
N CYS G 183 -18.84 27.66 -92.97
CA CYS G 183 -19.47 26.79 -93.96
C CYS G 183 -19.34 27.45 -95.32
N SER G 184 -18.81 26.72 -96.31
CA SER G 184 -18.64 27.21 -97.68
C SER G 184 -17.76 28.45 -97.69
N GLY G 185 -16.74 28.47 -96.84
CA GLY G 185 -15.77 29.54 -96.80
C GLY G 185 -16.22 30.81 -96.12
N LYS G 186 -17.39 30.81 -95.47
CA LYS G 186 -17.96 32.01 -94.86
C LYS G 186 -18.35 31.76 -93.41
N LEU G 187 -18.31 32.81 -92.60
CA LEU G 187 -18.70 32.70 -91.19
C LEU G 187 -20.21 32.60 -91.08
N GLN G 188 -20.73 31.41 -90.78
CA GLN G 188 -22.16 31.22 -90.65
C GLN G 188 -22.61 31.12 -89.21
N GLY G 189 -21.73 30.78 -88.28
CA GLY G 189 -22.15 30.57 -86.90
C GLY G 189 -21.13 31.07 -85.90
N ILE G 190 -21.63 31.27 -84.68
CA ILE G 190 -20.85 31.57 -83.48
C ILE G 190 -21.24 30.57 -82.39
N VAL G 191 -20.24 29.92 -81.77
CA VAL G 191 -20.50 28.95 -80.68
C VAL G 191 -21.26 29.64 -79.55
N SER G 192 -22.42 29.07 -79.16
CA SER G 192 -23.31 29.77 -78.22
C SER G 192 -23.66 28.91 -77.00
N TRP G 193 -24.47 27.84 -77.13
CA TRP G 193 -24.90 27.05 -75.96
C TRP G 193 -25.26 25.62 -76.38
N GLY G 194 -25.60 24.80 -75.40
CA GLY G 194 -26.06 23.45 -75.67
C GLY G 194 -26.33 22.76 -74.35
N SER G 195 -26.99 21.60 -74.41
CA SER G 195 -27.21 20.79 -73.21
C SER G 195 -26.06 19.79 -73.05
N GLY G 196 -25.14 20.07 -72.11
CA GLY G 196 -23.92 19.26 -72.04
C GLY G 196 -23.06 19.45 -73.29
N CYS G 197 -22.18 18.46 -73.53
CA CYS G 197 -21.31 18.42 -74.71
C CYS G 197 -21.36 17.02 -75.27
N ALA G 198 -21.62 16.88 -76.58
CA ALA G 198 -21.51 15.61 -77.29
C ALA G 198 -22.45 14.54 -76.74
N GLN G 199 -23.58 14.95 -76.19
CA GLN G 199 -24.61 14.05 -75.66
C GLN G 199 -25.62 13.68 -76.74
N LYS G 200 -26.30 12.56 -76.48
CA LYS G 200 -27.31 12.05 -77.39
C LYS G 200 -28.43 13.06 -77.56
N ASN G 201 -28.76 13.36 -78.82
CA ASN G 201 -29.86 14.25 -79.22
C ASN G 201 -29.72 15.65 -78.62
N LYS G 202 -28.50 16.10 -78.40
CA LYS G 202 -28.23 17.42 -77.81
C LYS G 202 -27.10 18.09 -78.58
N PRO G 203 -27.34 18.47 -79.84
CA PRO G 203 -26.29 19.07 -80.65
C PRO G 203 -25.96 20.47 -80.12
N GLY G 204 -24.82 21.00 -80.57
CA GLY G 204 -24.47 22.37 -80.22
C GLY G 204 -25.41 23.35 -80.89
N VAL G 205 -25.68 24.47 -80.22
CA VAL G 205 -26.50 25.54 -80.78
C VAL G 205 -25.60 26.74 -81.05
N TYR G 206 -25.85 27.41 -82.17
CA TYR G 206 -24.98 28.41 -82.76
C TYR G 206 -25.82 29.61 -83.16
N THR G 207 -25.27 30.81 -82.95
CA THR G 207 -25.88 32.05 -83.42
C THR G 207 -25.88 32.10 -84.94
N LYS G 208 -27.01 32.45 -85.52
CA LYS G 208 -27.18 32.46 -86.99
C LYS G 208 -26.63 33.76 -87.58
N VAL G 209 -25.36 33.76 -87.98
CA VAL G 209 -24.69 35.01 -88.39
C VAL G 209 -25.33 35.65 -89.62
N CYS G 210 -25.81 34.86 -90.59
CA CYS G 210 -26.46 35.47 -91.75
C CYS G 210 -27.55 36.47 -91.37
N ASN G 211 -28.26 36.26 -90.25
CA ASN G 211 -29.29 37.20 -89.84
C ASN G 211 -28.74 38.54 -89.37
N TYR G 212 -27.43 38.65 -89.15
CA TYR G 212 -26.83 39.84 -88.54
C TYR G 212 -25.92 40.62 -89.48
N VAL G 213 -25.81 40.22 -90.74
CA VAL G 213 -24.83 40.86 -91.62
C VAL G 213 -25.16 42.34 -91.80
N SER G 214 -26.44 42.68 -91.91
CA SER G 214 -26.83 44.09 -92.01
C SER G 214 -26.42 44.89 -90.77
N TRP G 215 -26.71 44.36 -89.58
CA TRP G 215 -26.31 45.03 -88.35
C TRP G 215 -24.80 45.12 -88.19
N ILE G 216 -24.08 44.05 -88.56
CA ILE G 216 -22.62 44.06 -88.46
C ILE G 216 -22.03 45.14 -89.36
N LYS G 217 -22.46 45.18 -90.62
CA LYS G 217 -21.95 46.15 -91.59
C LYS G 217 -22.25 47.58 -91.16
N GLN G 218 -23.45 47.84 -90.66
CA GLN G 218 -23.78 49.16 -90.16
C GLN G 218 -22.88 49.55 -89.02
N THR G 219 -22.67 48.63 -88.08
CA THR G 219 -21.92 48.95 -86.86
C THR G 219 -20.46 49.25 -87.18
N ILE G 220 -19.85 48.44 -88.04
CA ILE G 220 -18.48 48.73 -88.47
C ILE G 220 -18.42 50.07 -89.19
N ALA G 221 -19.42 50.36 -90.04
CA ALA G 221 -19.42 51.58 -90.84
C ALA G 221 -19.54 52.82 -89.99
N SER G 222 -20.23 52.74 -88.86
CA SER G 222 -20.43 53.87 -87.97
C SER G 222 -19.48 53.91 -86.78
N ASN G 223 -18.64 52.90 -86.57
CA ASN G 223 -17.81 52.93 -85.37
C ASN G 223 -16.30 52.87 -85.60
N SER H 2 1.72 -30.79 67.15
CA SER H 2 1.74 -31.48 65.86
C SER H 2 0.45 -31.26 65.05
N SER H 3 -0.69 -31.30 65.74
CA SER H 3 -1.94 -30.96 65.09
C SER H 3 -2.06 -29.45 64.94
N VAL H 4 -2.75 -29.04 63.89
CA VAL H 4 -3.06 -27.64 63.67
C VAL H 4 -4.21 -27.22 64.58
N VAL H 5 -4.12 -26.04 65.17
CA VAL H 5 -5.22 -25.47 65.95
C VAL H 5 -6.23 -24.88 64.98
N VAL H 6 -7.52 -25.18 65.19
CA VAL H 6 -8.56 -24.86 64.22
C VAL H 6 -9.65 -23.99 64.87
N ASP H 7 -10.18 -23.03 64.11
CA ASP H 7 -11.23 -22.16 64.62
C ASP H 7 -12.60 -22.81 64.48
N THR H 8 -13.64 -22.07 64.88
CA THR H 8 -14.99 -22.64 64.87
C THR H 8 -15.49 -22.92 63.46
N ASN H 9 -14.90 -22.33 62.45
CA ASN H 9 -15.29 -22.60 61.07
C ASN H 9 -14.50 -23.75 60.46
N GLY H 10 -13.62 -24.38 61.23
CA GLY H 10 -12.78 -25.46 60.74
C GLY H 10 -11.54 -25.03 60.01
N GLN H 11 -11.13 -23.77 60.12
CA GLN H 11 -9.97 -23.27 59.40
C GLN H 11 -8.76 -23.10 60.33
N PRO H 12 -7.55 -23.25 59.80
CA PRO H 12 -6.37 -23.08 60.65
C PRO H 12 -6.28 -21.69 61.25
N VAL H 13 -5.98 -21.65 62.56
CA VAL H 13 -5.73 -20.41 63.28
C VAL H 13 -4.41 -19.83 62.78
N SER H 14 -4.39 -18.54 62.51
CA SER H 14 -3.21 -17.88 61.95
C SER H 14 -2.25 -17.42 63.03
N ASN H 15 -1.00 -17.24 62.62
CA ASN H 15 0.08 -16.74 63.47
C ASN H 15 0.06 -15.21 63.45
N GLY H 16 -0.67 -14.63 64.39
CA GLY H 16 -0.71 -13.19 64.59
C GLY H 16 -1.65 -12.44 63.67
N ALA H 17 -1.93 -13.00 62.49
CA ALA H 17 -2.58 -12.27 61.40
C ALA H 17 -4.04 -11.94 61.73
N ASP H 18 -4.75 -12.81 62.42
CA ASP H 18 -6.16 -12.62 62.70
C ASP H 18 -6.40 -12.67 64.20
N ALA H 19 -7.43 -11.97 64.66
CA ALA H 19 -7.87 -12.00 66.05
C ALA H 19 -9.03 -12.98 66.19
N TYR H 20 -9.13 -13.59 67.38
CA TYR H 20 -10.10 -14.63 67.68
C TYR H 20 -10.75 -14.35 69.03
N TYR H 21 -12.06 -14.62 69.12
CA TYR H 21 -12.73 -14.67 70.41
C TYR H 21 -12.54 -16.05 71.04
N LEU H 22 -12.15 -16.07 72.31
CA LEU H 22 -12.10 -17.31 73.10
C LEU H 22 -13.44 -17.47 73.81
N VAL H 23 -14.27 -18.36 73.30
CA VAL H 23 -15.66 -18.50 73.75
C VAL H 23 -15.74 -19.72 74.66
N PRO H 24 -16.04 -19.55 75.95
CA PRO H 24 -16.13 -20.71 76.85
C PRO H 24 -17.21 -21.67 76.41
N VAL H 25 -16.94 -22.96 76.53
CA VAL H 25 -17.96 -23.93 76.16
C VAL H 25 -19.02 -24.05 77.26
N SER H 26 -18.62 -23.91 78.51
CA SER H 26 -19.57 -24.08 79.63
C SER H 26 -20.16 -22.71 79.91
N HIS H 27 -19.29 -21.75 80.22
CA HIS H 27 -19.66 -20.37 80.59
C HIS H 27 -19.93 -19.47 79.39
N GLY H 28 -20.90 -19.85 78.56
CA GLY H 28 -21.30 -18.92 77.50
C GLY H 28 -21.96 -17.68 78.11
N HIS H 29 -21.95 -16.60 77.34
CA HIS H 29 -22.45 -15.29 77.79
C HIS H 29 -21.50 -14.66 78.80
N ALA H 30 -20.21 -15.02 78.71
CA ALA H 30 -19.09 -14.38 79.44
C ALA H 30 -17.95 -14.21 78.43
N GLY H 31 -17.28 -13.09 78.39
CA GLY H 31 -16.20 -12.84 77.45
C GLY H 31 -14.96 -12.30 78.13
N LEU H 32 -13.83 -12.49 77.47
CA LEU H 32 -12.56 -12.07 78.03
C LEU H 32 -12.53 -10.56 78.20
N ALA H 33 -12.05 -10.11 79.35
CA ALA H 33 -11.96 -8.70 79.66
C ALA H 33 -10.79 -8.49 80.63
N LEU H 34 -10.51 -7.23 80.95
CA LEU H 34 -9.52 -6.91 81.98
C LEU H 34 -10.24 -6.47 83.25
N ALA H 35 -9.66 -6.82 84.40
CA ALA H 35 -10.22 -6.43 85.68
C ALA H 35 -9.08 -6.08 86.64
N LYS H 36 -9.42 -5.37 87.70
CA LYS H 36 -8.45 -5.02 88.72
C LYS H 36 -8.23 -6.18 89.68
N ILE H 37 -6.97 -6.35 90.11
CA ILE H 37 -6.60 -7.32 91.15
C ILE H 37 -5.97 -6.55 92.31
N GLY H 38 -6.70 -6.51 93.42
CA GLY H 38 -6.21 -5.79 94.59
C GLY H 38 -6.12 -4.28 94.35
N ASN H 39 -4.93 -3.75 94.68
CA ASN H 39 -4.48 -2.36 94.86
C ASN H 39 -3.99 -1.68 93.59
N GLU H 40 -4.22 -2.31 92.44
CA GLU H 40 -3.83 -1.72 91.18
C GLU H 40 -4.78 -0.58 90.79
N ALA H 41 -4.22 0.46 90.17
CA ALA H 41 -5.04 1.57 89.71
C ALA H 41 -5.83 1.16 88.47
N GLU H 42 -5.16 0.55 87.48
CA GLU H 42 -5.49 0.05 86.14
C GLU H 42 -5.91 -1.42 86.16
N PRO H 43 -6.88 -1.80 85.33
CA PRO H 43 -7.29 -3.21 85.25
C PRO H 43 -6.28 -4.02 84.44
N ARG H 44 -5.67 -5.02 85.08
CA ARG H 44 -4.60 -5.78 84.46
C ARG H 44 -4.79 -7.28 84.52
N ALA H 45 -5.76 -7.79 85.26
CA ALA H 45 -6.00 -9.21 85.30
C ALA H 45 -6.95 -9.62 84.18
N VAL H 46 -6.64 -10.74 83.55
CA VAL H 46 -7.49 -11.32 82.51
C VAL H 46 -8.61 -12.12 83.19
N VAL H 47 -9.85 -11.76 82.87
CA VAL H 47 -11.01 -12.39 83.48
C VAL H 47 -11.98 -12.80 82.37
N LEU H 48 -12.88 -13.72 82.70
CA LEU H 48 -14.09 -13.94 81.93
C LEU H 48 -15.19 -13.11 82.57
N ASP H 49 -15.75 -12.17 81.82
CA ASP H 49 -16.68 -11.22 82.38
C ASP H 49 -18.07 -11.43 81.81
N PRO H 50 -19.05 -11.78 82.65
CA PRO H 50 -20.44 -11.80 82.17
C PRO H 50 -20.88 -10.49 81.54
N HIS H 51 -20.25 -9.37 81.93
CA HIS H 51 -20.60 -8.04 81.48
C HIS H 51 -19.98 -7.68 80.14
N HIS H 52 -19.05 -8.49 79.64
CA HIS H 52 -18.23 -8.14 78.49
C HIS H 52 -18.44 -9.19 77.40
N ARG H 53 -19.42 -8.97 76.54
CA ARG H 53 -19.68 -9.85 75.41
C ARG H 53 -19.65 -9.02 74.14
N PRO H 54 -18.93 -9.46 73.09
CA PRO H 54 -18.16 -10.71 72.97
C PRO H 54 -16.80 -10.73 73.67
N GLY H 55 -16.34 -9.60 74.15
CA GLY H 55 -15.09 -9.59 74.87
C GLY H 55 -13.90 -9.23 74.00
N LEU H 56 -12.74 -9.26 74.60
CA LEU H 56 -11.54 -8.87 73.87
C LEU H 56 -11.04 -10.05 73.03
N PRO H 57 -10.81 -9.87 71.75
CA PRO H 57 -10.22 -10.95 70.94
C PRO H 57 -8.72 -11.02 71.16
N VAL H 58 -8.16 -12.21 70.93
CA VAL H 58 -6.74 -12.44 71.19
C VAL H 58 -6.06 -12.77 69.87
N ARG H 59 -4.75 -12.57 69.86
CA ARG H 59 -3.90 -13.07 68.79
C ARG H 59 -2.92 -14.09 69.38
N PHE H 60 -2.62 -15.12 68.61
CA PHE H 60 -1.68 -16.17 68.99
C PHE H 60 -0.42 -15.94 68.19
N GLU H 61 0.73 -15.81 68.86
CA GLU H 61 1.95 -15.37 68.19
C GLU H 61 3.13 -16.29 68.48
N SER H 62 3.79 -16.71 67.41
CA SER H 62 4.99 -17.52 67.39
C SER H 62 6.06 -16.80 66.57
N PRO H 63 7.34 -16.92 66.94
CA PRO H 63 8.42 -16.35 66.08
C PRO H 63 8.64 -17.12 64.79
N LEU H 64 8.10 -18.33 64.64
CA LEU H 64 8.23 -19.07 63.40
C LEU H 64 7.63 -18.32 62.22
N MET H 65 8.24 -18.50 61.05
CA MET H 65 7.82 -17.82 59.84
C MET H 65 6.70 -18.57 59.12
N ILE H 66 5.83 -19.21 59.88
CA ILE H 66 4.72 -19.99 59.34
C ILE H 66 3.44 -19.29 59.75
N ASN H 67 2.38 -19.43 58.95
CA ASN H 67 1.17 -18.68 59.25
C ASN H 67 0.04 -19.52 59.83
N ILE H 68 0.34 -20.72 60.32
CA ILE H 68 -0.60 -21.55 61.06
C ILE H 68 0.01 -21.85 62.43
N ILE H 69 -0.83 -22.24 63.38
CA ILE H 69 -0.42 -22.56 64.75
C ILE H 69 -0.64 -24.04 65.04
N LYS H 70 0.40 -24.73 65.49
CA LYS H 70 0.30 -26.10 65.97
C LYS H 70 0.22 -26.15 67.49
N GLU H 71 -0.32 -27.26 68.02
CA GLU H 71 -0.42 -27.45 69.46
C GLU H 71 0.94 -27.52 70.14
N SER H 72 2.00 -27.86 69.40
CA SER H 72 3.35 -27.98 69.91
C SER H 72 4.09 -26.65 69.99
N TYR H 73 3.51 -25.58 69.45
CA TYR H 73 4.17 -24.28 69.38
C TYR H 73 4.05 -23.54 70.70
N PHE H 74 5.16 -22.97 71.17
CA PHE H 74 5.09 -22.04 72.29
C PHE H 74 4.58 -20.70 71.79
N LEU H 75 3.63 -20.13 72.51
CA LEU H 75 2.88 -18.98 72.05
C LEU H 75 2.91 -17.85 73.06
N ASN H 76 2.96 -16.63 72.54
CA ASN H 76 2.41 -15.47 73.24
C ASN H 76 0.95 -15.36 72.86
N ILE H 77 0.13 -14.93 73.81
CA ILE H 77 -1.27 -14.62 73.57
C ILE H 77 -1.46 -13.16 73.96
N LYS H 78 -2.11 -12.37 73.10
CA LYS H 78 -2.24 -10.94 73.38
C LYS H 78 -3.58 -10.40 72.92
N PHE H 79 -4.06 -9.42 73.68
CA PHE H 79 -5.11 -8.54 73.22
C PHE H 79 -4.54 -7.47 72.29
N GLY H 80 -5.42 -6.92 71.46
CA GLY H 80 -5.08 -5.78 70.64
C GLY H 80 -4.46 -6.15 69.30
N PRO H 81 -3.93 -5.14 68.60
CA PRO H 81 -3.39 -5.36 67.26
C PRO H 81 -2.07 -6.11 67.27
N SER H 82 -1.72 -6.64 66.10
CA SER H 82 -0.43 -7.28 65.93
C SER H 82 0.70 -6.29 66.21
N SER H 83 0.52 -5.00 65.86
CA SER H 83 1.56 -4.00 66.08
C SER H 83 1.68 -3.57 67.54
N SER H 84 0.64 -3.72 68.34
CA SER H 84 0.65 -3.24 69.72
C SER H 84 1.60 -4.05 70.59
N ASP H 85 2.35 -3.37 71.46
CA ASP H 85 3.20 -4.07 72.40
C ASP H 85 2.52 -4.35 73.73
N SER H 86 1.32 -3.82 73.93
CA SER H 86 0.56 -3.99 75.16
C SER H 86 -0.37 -5.20 75.06
N GLY H 87 -0.94 -5.58 76.21
CA GLY H 87 -1.91 -6.65 76.26
C GLY H 87 -1.36 -8.07 76.14
N VAL H 88 -0.06 -8.25 76.29
CA VAL H 88 0.54 -9.58 76.20
C VAL H 88 0.31 -10.31 77.53
N TRP H 89 -0.27 -11.51 77.46
CA TRP H 89 -0.58 -12.28 78.67
C TRP H 89 0.68 -12.83 79.33
N ASP H 90 0.62 -12.94 80.66
CA ASP H 90 1.64 -13.63 81.44
C ASP H 90 0.97 -14.16 82.70
N VAL H 91 1.70 -15.00 83.45
CA VAL H 91 1.20 -15.54 84.72
C VAL H 91 2.05 -14.97 85.84
N ILE H 92 1.37 -14.40 86.85
CA ILE H 92 1.99 -13.70 87.97
C ILE H 92 1.30 -14.16 89.25
N GLN H 93 2.09 -14.59 90.23
CA GLN H 93 1.51 -14.91 91.54
C GLN H 93 1.02 -13.62 92.20
N GLN H 94 -0.27 -13.58 92.55
CA GLN H 94 -0.82 -12.39 93.19
C GLN H 94 -2.06 -12.76 93.94
N ASP H 95 -2.09 -12.45 95.23
CA ASP H 95 -3.31 -12.59 96.00
C ASP H 95 -4.36 -11.59 95.51
N PRO H 96 -5.64 -11.93 95.58
CA PRO H 96 -6.15 -13.18 96.15
C PRO H 96 -6.39 -14.30 95.15
N ILE H 97 -5.86 -14.17 93.93
CA ILE H 97 -6.20 -15.12 92.88
C ILE H 97 -5.25 -16.31 92.88
N GLY H 98 -3.95 -16.10 93.08
CA GLY H 98 -3.00 -17.18 92.97
C GLY H 98 -2.08 -16.96 91.79
N LEU H 99 -1.96 -17.94 90.91
CA LEU H 99 -1.16 -17.78 89.70
C LEU H 99 -2.06 -17.18 88.62
N ALA H 100 -2.17 -15.86 88.65
CA ALA H 100 -3.14 -15.11 87.87
C ALA H 100 -2.62 -14.76 86.47
N VAL H 101 -3.48 -14.90 85.46
CA VAL H 101 -3.14 -14.40 84.12
C VAL H 101 -3.32 -12.89 84.09
N LYS H 102 -2.28 -12.17 83.69
CA LYS H 102 -2.28 -10.70 83.63
C LYS H 102 -1.73 -10.23 82.29
N VAL H 103 -1.94 -8.95 81.99
CA VAL H 103 -1.37 -8.38 80.77
C VAL H 103 -0.18 -7.48 81.10
N THR H 104 0.79 -7.49 80.19
CA THR H 104 2.00 -6.68 80.28
C THR H 104 2.30 -6.04 78.93
N ASP H 105 3.30 -5.15 78.90
CA ASP H 105 3.76 -4.53 77.67
C ASP H 105 5.01 -5.18 77.08
N THR H 106 5.46 -6.32 77.63
CA THR H 106 6.72 -6.94 77.23
C THR H 106 6.46 -8.32 76.64
N LYS H 107 7.28 -8.69 75.67
CA LYS H 107 7.10 -9.94 74.94
C LYS H 107 8.41 -10.71 74.89
N SER H 108 8.43 -11.89 75.49
CA SER H 108 9.56 -12.79 75.27
C SER H 108 9.41 -13.35 73.87
N LEU H 109 10.53 -13.56 73.19
CA LEU H 109 10.48 -14.07 71.81
C LEU H 109 9.58 -15.31 71.74
N LEU H 110 9.83 -16.28 72.61
CA LEU H 110 8.99 -17.47 72.73
C LEU H 110 8.10 -17.29 73.95
N GLY H 111 6.80 -17.30 73.73
CA GLY H 111 5.85 -17.13 74.80
C GLY H 111 5.73 -18.38 75.64
N PRO H 112 5.06 -18.28 76.78
CA PRO H 112 4.97 -19.41 77.71
C PRO H 112 3.75 -20.29 77.54
N PHE H 113 2.91 -20.05 76.53
CA PHE H 113 1.63 -20.71 76.42
C PHE H 113 1.61 -21.73 75.28
N LYS H 114 0.81 -22.77 75.45
CA LYS H 114 0.38 -23.57 74.32
C LYS H 114 -1.13 -23.68 74.37
N VAL H 115 -1.71 -23.96 73.21
CA VAL H 115 -3.13 -24.20 73.05
C VAL H 115 -3.28 -25.67 72.68
N GLU H 116 -3.98 -26.43 73.53
CA GLU H 116 -4.07 -27.87 73.40
C GLU H 116 -5.53 -28.31 73.38
N LYS H 117 -5.84 -29.26 72.51
CA LYS H 117 -7.20 -29.77 72.39
C LYS H 117 -7.70 -30.31 73.72
N GLU H 118 -8.91 -29.92 74.09
CA GLU H 118 -9.56 -30.42 75.30
C GLU H 118 -11.05 -30.54 75.04
N GLY H 119 -11.58 -31.74 75.19
CA GLY H 119 -12.98 -32.01 74.91
C GLY H 119 -13.36 -31.59 73.50
N GLU H 120 -14.33 -30.70 73.37
CA GLU H 120 -14.77 -30.25 72.06
C GLU H 120 -14.19 -28.88 71.72
N GLY H 121 -13.21 -28.41 72.48
CA GLY H 121 -12.55 -27.15 72.20
C GLY H 121 -11.09 -27.20 72.57
N TYR H 122 -10.58 -26.13 73.14
CA TYR H 122 -9.16 -26.05 73.47
C TYR H 122 -9.01 -25.51 74.88
N LYS H 123 -7.92 -25.89 75.51
CA LYS H 123 -7.52 -25.32 76.78
C LYS H 123 -6.21 -24.59 76.58
N ILE H 124 -5.98 -23.59 77.41
CA ILE H 124 -4.72 -22.88 77.46
C ILE H 124 -3.87 -23.53 78.52
N VAL H 125 -2.61 -23.81 78.17
CA VAL H 125 -1.66 -24.45 79.06
C VAL H 125 -0.47 -23.50 79.21
N TYR H 126 -0.07 -23.25 80.46
CA TYR H 126 1.02 -22.36 80.78
C TYR H 126 2.23 -23.17 81.18
N TYR H 127 3.39 -22.80 80.65
CA TYR H 127 4.65 -23.48 80.91
C TYR H 127 5.59 -22.58 81.69
N PRO H 128 5.85 -22.84 82.97
CA PRO H 128 6.84 -22.02 83.71
C PRO H 128 8.22 -22.01 83.06
N GLU H 129 8.66 -23.11 82.48
CA GLU H 129 9.84 -23.14 81.63
C GLU H 129 9.53 -24.09 80.47
N ARG H 130 10.14 -23.84 79.32
CA ARG H 130 9.64 -24.46 78.09
C ARG H 130 9.86 -25.97 78.06
N GLY H 131 10.95 -26.48 78.61
CA GLY H 131 11.16 -27.92 78.59
C GLY H 131 10.23 -28.75 79.50
N GLN H 132 9.40 -28.12 80.33
CA GLN H 132 8.73 -28.79 81.43
C GLN H 132 7.29 -29.15 81.06
N THR H 133 6.61 -29.82 81.98
CA THR H 133 5.18 -30.06 81.84
C THR H 133 4.38 -28.78 82.05
N GLY H 134 3.20 -28.73 81.43
CA GLY H 134 2.39 -27.54 81.47
C GLY H 134 1.31 -27.59 82.54
N LEU H 135 0.81 -26.40 82.89
CA LEU H 135 -0.23 -26.23 83.91
C LEU H 135 -1.43 -25.59 83.24
N ASP H 136 -2.60 -26.25 83.35
CA ASP H 136 -3.84 -25.73 82.78
C ASP H 136 -4.25 -24.40 83.38
N ILE H 137 -4.78 -23.52 82.53
CA ILE H 137 -5.47 -22.31 82.95
C ILE H 137 -6.95 -22.65 83.16
N GLY H 138 -7.46 -22.33 84.36
CA GLY H 138 -8.87 -22.43 84.69
C GLY H 138 -9.35 -21.10 85.27
N LEU H 139 -10.41 -21.17 86.09
CA LEU H 139 -11.13 -19.98 86.52
C LEU H 139 -11.23 -19.92 88.05
N VAL H 140 -11.00 -18.73 88.60
CA VAL H 140 -11.12 -18.44 90.03
C VAL H 140 -12.30 -17.49 90.23
N HIS H 141 -13.35 -17.98 90.88
CA HIS H 141 -14.59 -17.23 91.08
C HIS H 141 -14.41 -16.16 92.15
N ARG H 142 -14.47 -14.88 91.76
CA ARG H 142 -14.44 -13.79 92.73
C ARG H 142 -14.99 -12.50 92.11
N ASN H 143 -15.73 -11.75 92.93
CA ASN H 143 -16.18 -10.40 92.59
C ASN H 143 -16.93 -10.33 91.27
N ASP H 144 -17.82 -11.30 91.06
CA ASP H 144 -18.71 -11.36 89.89
C ASP H 144 -17.95 -11.52 88.58
N LYS H 145 -16.71 -11.99 88.64
CA LYS H 145 -15.96 -12.32 87.44
C LYS H 145 -15.18 -13.59 87.71
N TYR H 146 -14.73 -14.21 86.64
CA TYR H 146 -13.96 -15.44 86.72
C TYR H 146 -12.55 -15.10 86.27
N TYR H 147 -11.65 -14.97 87.24
CA TYR H 147 -10.25 -14.71 86.95
C TYR H 147 -9.59 -15.92 86.31
N LEU H 148 -8.91 -15.71 85.19
CA LEU H 148 -8.11 -16.78 84.61
C LEU H 148 -6.84 -16.96 85.44
N ALA H 149 -6.55 -18.21 85.81
CA ALA H 149 -5.43 -18.51 86.68
C ALA H 149 -5.09 -19.98 86.52
N VAL H 150 -3.88 -20.35 86.96
CA VAL H 150 -3.54 -21.76 86.94
C VAL H 150 -4.53 -22.53 87.81
N LYS H 151 -5.13 -23.57 87.24
CA LYS H 151 -6.11 -24.44 87.86
C LYS H 151 -5.92 -25.80 87.19
N ASP H 152 -4.83 -26.48 87.54
CA ASP H 152 -4.42 -27.66 86.81
C ASP H 152 -5.43 -28.78 87.03
N GLY H 153 -5.85 -29.41 85.94
CA GLY H 153 -6.88 -30.43 85.96
C GLY H 153 -8.28 -29.89 85.82
N GLU H 154 -8.46 -28.59 85.94
CA GLU H 154 -9.77 -27.96 85.77
C GLU H 154 -9.66 -26.82 84.78
N PRO H 155 -9.21 -27.10 83.55
CA PRO H 155 -9.04 -26.04 82.56
C PRO H 155 -10.39 -25.47 82.15
N CYS H 156 -10.40 -24.18 81.84
CA CYS H 156 -11.51 -23.59 81.12
C CYS H 156 -11.36 -23.94 79.65
N VAL H 157 -12.38 -24.59 79.07
CA VAL H 157 -12.34 -25.05 77.69
C VAL H 157 -13.02 -24.02 76.81
N PHE H 158 -12.32 -23.63 75.75
CA PHE H 158 -12.72 -22.57 74.83
C PHE H 158 -12.89 -23.16 73.43
N LYS H 159 -13.84 -22.61 72.69
CA LYS H 159 -13.83 -22.68 71.24
C LYS H 159 -13.24 -21.37 70.72
N ILE H 160 -12.56 -21.46 69.58
CA ILE H 160 -11.81 -20.33 69.05
C ILE H 160 -12.58 -19.80 67.84
N ARG H 161 -13.22 -18.64 67.99
CA ARG H 161 -14.11 -18.08 66.98
C ARG H 161 -13.45 -16.87 66.34
N LYS H 162 -13.13 -16.99 65.06
CA LYS H 162 -12.47 -15.89 64.34
C LYS H 162 -13.31 -14.63 64.36
N ALA H 163 -12.67 -13.51 64.72
CA ALA H 163 -13.38 -12.23 64.74
C ALA H 163 -13.73 -11.79 63.33
N THR H 164 -12.91 -12.18 62.36
CA THR H 164 -13.04 -11.94 60.92
C THR H 164 -12.74 -10.49 60.54
N SER I 2 44.23 -8.10 12.88
CA SER I 2 43.21 -8.77 13.68
C SER I 2 41.95 -7.90 13.90
N SER I 3 41.89 -6.74 13.27
CA SER I 3 40.70 -5.89 13.37
C SER I 3 39.49 -6.54 12.69
N VAL I 4 38.32 -5.98 12.96
CA VAL I 4 37.09 -6.48 12.36
C VAL I 4 37.05 -6.16 10.86
N VAL I 5 36.61 -7.14 10.08
CA VAL I 5 36.46 -6.97 8.63
C VAL I 5 35.20 -6.17 8.36
N VAL I 6 35.31 -5.17 7.48
CA VAL I 6 34.27 -4.16 7.24
C VAL I 6 33.91 -4.15 5.75
N ASP I 7 32.62 -4.00 5.45
CA ASP I 7 32.18 -3.90 4.07
C ASP I 7 32.23 -2.45 3.55
N THR I 8 31.83 -2.25 2.30
CA THR I 8 31.91 -0.92 1.70
C THR I 8 30.94 0.07 2.36
N ASN I 9 29.97 -0.40 3.13
CA ASN I 9 29.05 0.48 3.84
C ASN I 9 29.57 0.85 5.22
N GLY I 10 30.74 0.38 5.63
CA GLY I 10 31.27 0.61 6.96
C GLY I 10 30.75 -0.33 8.02
N GLN I 11 30.09 -1.43 7.64
CA GLN I 11 29.50 -2.40 8.55
C GLN I 11 30.37 -3.64 8.65
N PRO I 12 30.47 -4.20 9.85
CA PRO I 12 31.23 -5.44 10.02
C PRO I 12 30.65 -6.55 9.14
N VAL I 13 31.54 -7.32 8.52
CA VAL I 13 31.17 -8.50 7.76
C VAL I 13 30.61 -9.55 8.71
N SER I 14 29.50 -10.16 8.32
CA SER I 14 28.85 -11.13 9.21
C SER I 14 29.43 -12.53 9.06
N ASN I 15 29.20 -13.33 10.11
CA ASN I 15 29.59 -14.74 10.15
C ASN I 15 28.50 -15.57 9.51
N GLY I 16 28.59 -15.78 8.20
CA GLY I 16 27.71 -16.65 7.46
C GLY I 16 26.37 -16.04 7.08
N ALA I 17 25.91 -15.06 7.86
CA ALA I 17 24.53 -14.57 7.73
C ALA I 17 24.29 -13.88 6.39
N ASP I 18 25.29 -13.20 5.82
CA ASP I 18 25.13 -12.42 4.61
C ASP I 18 26.17 -12.80 3.57
N ALA I 19 25.82 -12.58 2.30
CA ALA I 19 26.71 -12.76 1.17
C ALA I 19 27.30 -11.41 0.74
N TYR I 20 28.51 -11.46 0.17
CA TYR I 20 29.25 -10.26 -0.22
C TYR I 20 29.89 -10.43 -1.60
N TYR I 21 29.84 -9.38 -2.41
CA TYR I 21 30.66 -9.32 -3.61
C TYR I 21 32.08 -8.92 -3.26
N LEU I 22 33.05 -9.61 -3.84
CA LEU I 22 34.46 -9.20 -3.80
C LEU I 22 34.72 -8.34 -5.03
N VAL I 23 34.89 -7.03 -4.82
CA VAL I 23 35.00 -6.07 -5.90
C VAL I 23 36.48 -5.70 -6.06
N PRO I 24 37.13 -6.10 -7.17
CA PRO I 24 38.56 -5.78 -7.33
C PRO I 24 38.81 -4.29 -7.50
N VAL I 25 39.86 -3.80 -6.85
CA VAL I 25 40.24 -2.41 -7.06
C VAL I 25 41.02 -2.27 -8.36
N SER I 26 41.75 -3.31 -8.77
CA SER I 26 42.48 -3.26 -10.03
C SER I 26 41.59 -3.54 -11.22
N HIS I 27 40.98 -4.72 -11.26
CA HIS I 27 40.18 -5.16 -12.41
C HIS I 27 38.74 -4.65 -12.30
N GLY I 28 38.58 -3.33 -12.45
CA GLY I 28 37.31 -2.67 -12.23
C GLY I 28 36.10 -3.28 -12.90
N HIS I 29 36.31 -4.06 -13.95
CA HIS I 29 35.22 -4.67 -14.69
C HIS I 29 35.31 -6.18 -14.69
N ALA I 30 35.58 -6.80 -13.54
CA ALA I 30 35.59 -8.25 -13.48
C ALA I 30 34.95 -8.73 -12.18
N GLY I 31 34.29 -9.87 -12.25
CA GLY I 31 33.62 -10.45 -11.10
C GLY I 31 33.85 -11.94 -11.02
N LEU I 32 33.66 -12.47 -9.80
CA LEU I 32 33.91 -13.87 -9.54
C LEU I 32 32.96 -14.77 -10.32
N ALA I 33 33.52 -15.84 -10.86
CA ALA I 33 32.78 -16.83 -11.62
C ALA I 33 33.51 -18.16 -11.47
N LEU I 34 32.93 -19.21 -12.03
CA LEU I 34 33.58 -20.51 -12.13
C LEU I 34 34.01 -20.75 -13.57
N ALA I 35 35.12 -21.46 -13.74
CA ALA I 35 35.64 -21.81 -15.05
C ALA I 35 36.19 -23.22 -15.01
N LYS I 36 36.35 -23.82 -16.19
CA LYS I 36 36.94 -25.14 -16.28
C LYS I 36 38.45 -25.06 -16.11
N ILE I 37 39.00 -26.07 -15.45
CA ILE I 37 40.44 -26.24 -15.31
C ILE I 37 40.85 -27.59 -15.89
N GLY I 38 41.88 -27.57 -16.73
CA GLY I 38 42.43 -28.81 -17.27
C GLY I 38 41.41 -29.58 -18.10
N ASN I 39 41.29 -30.87 -17.81
CA ASN I 39 40.46 -31.80 -18.58
C ASN I 39 39.06 -31.96 -18.00
N GLU I 40 38.68 -31.11 -17.06
CA GLU I 40 37.44 -31.28 -16.31
C GLU I 40 36.21 -30.89 -17.13
N ALA I 41 35.13 -31.65 -16.93
CA ALA I 41 33.87 -31.44 -17.63
C ALA I 41 33.11 -30.23 -17.09
N GLU I 42 33.00 -30.12 -15.77
CA GLU I 42 32.30 -29.11 -14.98
C GLU I 42 33.25 -27.97 -14.60
N PRO I 43 32.76 -26.73 -14.60
CA PRO I 43 33.62 -25.59 -14.21
C PRO I 43 33.76 -25.56 -12.70
N ARG I 44 34.99 -25.71 -12.22
CA ARG I 44 35.25 -25.81 -10.79
C ARG I 44 36.31 -24.85 -10.27
N ALA I 45 37.04 -24.16 -11.14
CA ALA I 45 38.02 -23.18 -10.70
C ALA I 45 37.35 -21.83 -10.52
N VAL I 46 37.71 -21.13 -9.45
CA VAL I 46 37.21 -19.78 -9.19
C VAL I 46 38.05 -18.80 -9.99
N VAL I 47 37.38 -17.97 -10.80
CA VAL I 47 38.04 -17.00 -11.66
C VAL I 47 37.39 -15.63 -11.49
N LEU I 48 38.13 -14.60 -11.88
CA LEU I 48 37.60 -13.28 -12.15
C LEU I 48 37.36 -13.14 -13.64
N ASP I 49 36.14 -12.81 -14.01
CA ASP I 49 35.67 -12.78 -15.39
C ASP I 49 35.40 -11.33 -15.79
N PRO I 50 36.11 -10.79 -16.78
CA PRO I 50 35.77 -9.44 -17.28
C PRO I 50 34.31 -9.28 -17.69
N HIS I 51 33.66 -10.41 -18.08
CA HIS I 51 32.25 -10.47 -18.49
C HIS I 51 31.25 -10.42 -17.38
N HIS I 52 31.67 -10.71 -16.17
CA HIS I 52 30.72 -11.12 -15.15
C HIS I 52 30.87 -10.21 -13.97
N ARG I 53 30.28 -9.02 -14.05
CA ARG I 53 30.41 -8.06 -12.98
C ARG I 53 29.04 -7.71 -12.40
N PRO I 54 28.86 -7.73 -11.06
CA PRO I 54 29.82 -7.97 -9.98
C PRO I 54 30.18 -9.43 -9.68
N GLY I 55 29.49 -10.41 -10.26
CA GLY I 55 29.90 -11.79 -10.06
C GLY I 55 29.19 -12.51 -8.94
N LEU I 56 29.70 -13.69 -8.64
CA LEU I 56 29.10 -14.54 -7.61
C LEU I 56 29.50 -14.03 -6.22
N PRO I 57 28.54 -13.83 -5.32
CA PRO I 57 28.86 -13.41 -3.95
C PRO I 57 29.25 -14.58 -3.05
N VAL I 58 30.05 -14.28 -2.02
CA VAL I 58 30.59 -15.28 -1.10
C VAL I 58 30.09 -15.02 0.31
N ARG I 59 30.16 -16.06 1.13
CA ARG I 59 29.94 -15.99 2.57
C ARG I 59 31.22 -16.35 3.30
N PHE I 60 31.47 -15.66 4.41
CA PHE I 60 32.64 -15.90 5.24
C PHE I 60 32.16 -16.61 6.49
N GLU I 61 32.72 -17.78 6.77
CA GLU I 61 32.19 -18.61 7.83
C GLU I 61 33.27 -19.08 8.79
N SER I 62 33.04 -18.86 10.06
CA SER I 62 33.88 -19.29 11.16
C SER I 62 33.02 -20.12 12.11
N PRO I 63 33.59 -21.15 12.73
CA PRO I 63 32.83 -21.89 13.76
C PRO I 63 32.60 -21.13 15.06
N LEU I 64 33.32 -20.04 15.31
CA LEU I 64 33.11 -19.24 16.51
C LEU I 64 31.67 -18.73 16.57
N MET I 65 31.09 -18.76 17.75
CA MET I 65 29.69 -18.45 17.94
C MET I 65 29.44 -16.94 17.99
N ILE I 66 30.04 -16.20 17.04
CA ILE I 66 30.05 -14.75 17.00
C ILE I 66 29.61 -14.35 15.61
N ASN I 67 28.98 -13.18 15.49
CA ASN I 67 28.43 -12.77 14.20
C ASN I 67 29.26 -11.71 13.51
N ILE I 68 30.49 -11.49 13.93
CA ILE I 68 31.41 -10.64 13.20
C ILE I 68 32.64 -11.46 12.83
N ILE I 69 33.36 -10.98 11.83
CA ILE I 69 34.57 -11.62 11.32
C ILE I 69 35.74 -10.69 11.57
N LYS I 70 36.78 -11.20 12.22
CA LYS I 70 38.04 -10.49 12.41
C LYS I 70 39.07 -10.96 11.40
N GLU I 71 40.05 -10.08 11.11
CA GLU I 71 41.08 -10.48 10.17
C GLU I 71 41.86 -11.68 10.68
N SER I 72 41.87 -11.92 11.99
CA SER I 72 42.60 -13.02 12.61
C SER I 72 41.86 -14.37 12.56
N TYR I 73 40.60 -14.39 12.18
CA TYR I 73 39.82 -15.63 12.19
C TYR I 73 40.14 -16.46 10.94
N PHE I 74 40.31 -17.77 11.14
CA PHE I 74 40.34 -18.70 10.03
C PHE I 74 38.93 -18.91 9.49
N LEU I 75 38.80 -18.85 8.16
CA LEU I 75 37.50 -18.81 7.51
C LEU I 75 37.38 -19.89 6.46
N ASN I 76 36.17 -20.43 6.33
CA ASN I 76 35.76 -20.96 5.06
C ASN I 76 35.13 -19.84 4.25
N ILE I 77 35.32 -19.88 2.94
CA ILE I 77 34.66 -18.97 2.01
C ILE I 77 33.84 -19.85 1.09
N LYS I 78 32.61 -19.44 0.81
CA LYS I 78 31.78 -20.28 -0.04
C LYS I 78 30.85 -19.43 -0.91
N PHE I 79 30.62 -19.92 -2.12
CA PHE I 79 29.46 -19.53 -2.91
C PHE I 79 28.23 -20.25 -2.36
N GLY I 80 27.06 -19.70 -2.63
CA GLY I 80 25.83 -20.39 -2.31
C GLY I 80 25.40 -20.18 -0.87
N PRO I 81 24.42 -20.96 -0.42
CA PRO I 81 23.85 -20.73 0.92
C PRO I 81 24.85 -21.07 2.01
N SER I 82 24.62 -20.48 3.19
CA SER I 82 25.56 -20.64 4.29
C SER I 82 25.63 -22.08 4.80
N SER I 83 24.48 -22.74 4.92
CA SER I 83 24.43 -24.11 5.44
C SER I 83 24.83 -25.12 4.39
N SER I 84 24.83 -24.73 3.12
CA SER I 84 25.13 -25.62 2.02
C SER I 84 26.59 -26.06 2.09
N ASP I 85 26.84 -27.33 1.75
CA ASP I 85 28.22 -27.83 1.70
C ASP I 85 28.85 -27.71 0.32
N SER I 86 28.10 -27.30 -0.71
CA SER I 86 28.72 -27.16 -2.00
C SER I 86 29.30 -25.74 -2.11
N GLY I 87 30.13 -25.53 -3.14
CA GLY I 87 30.66 -24.20 -3.34
C GLY I 87 31.71 -23.73 -2.35
N VAL I 88 32.27 -24.63 -1.53
CA VAL I 88 33.29 -24.28 -0.54
C VAL I 88 34.63 -24.16 -1.24
N TRP I 89 35.31 -23.03 -1.04
CA TRP I 89 36.62 -22.82 -1.66
C TRP I 89 37.69 -23.67 -0.99
N ASP I 90 38.63 -24.17 -1.80
CA ASP I 90 39.86 -24.77 -1.32
C ASP I 90 40.93 -24.47 -2.38
N VAL I 91 42.16 -24.83 -2.09
CA VAL I 91 43.28 -24.60 -2.99
C VAL I 91 43.85 -25.95 -3.40
N ILE I 92 43.95 -26.17 -4.71
CA ILE I 92 44.30 -27.46 -5.29
C ILE I 92 45.44 -27.25 -6.29
N GLN I 93 46.54 -27.99 -6.11
CA GLN I 93 47.58 -27.95 -7.14
C GLN I 93 47.03 -28.61 -8.40
N GLN I 94 46.98 -27.87 -9.49
CA GLN I 94 46.44 -28.43 -10.72
C GLN I 94 47.02 -27.65 -11.88
N ASP I 95 47.67 -28.36 -12.80
CA ASP I 95 48.08 -27.73 -14.04
C ASP I 95 46.85 -27.37 -14.86
N PRO I 96 46.91 -26.27 -15.64
CA PRO I 96 48.06 -25.37 -15.77
C PRO I 96 48.07 -24.15 -14.87
N ILE I 97 47.23 -24.11 -13.83
CA ILE I 97 47.11 -22.87 -13.06
C ILE I 97 48.13 -22.81 -11.91
N GLY I 98 48.39 -23.93 -11.25
CA GLY I 98 49.27 -23.93 -10.09
C GLY I 98 48.50 -24.30 -8.85
N LEU I 99 48.59 -23.50 -7.80
CA LEU I 99 47.81 -23.73 -6.58
C LEU I 99 46.47 -23.01 -6.78
N ALA I 100 45.54 -23.71 -7.43
CA ALA I 100 44.32 -23.11 -7.93
C ALA I 100 43.21 -23.09 -6.89
N VAL I 101 42.50 -21.98 -6.81
CA VAL I 101 41.31 -21.89 -5.97
C VAL I 101 40.17 -22.60 -6.68
N LYS I 102 39.57 -23.61 -6.01
CA LYS I 102 38.50 -24.42 -6.56
C LYS I 102 37.39 -24.58 -5.54
N VAL I 103 36.21 -25.05 -6.00
CA VAL I 103 35.08 -25.36 -5.12
C VAL I 103 34.94 -26.87 -4.99
N THR I 104 34.49 -27.33 -3.81
CA THR I 104 34.29 -28.74 -3.49
C THR I 104 32.93 -28.95 -2.83
N ASP I 105 32.62 -30.21 -2.49
CA ASP I 105 31.35 -30.56 -1.86
C ASP I 105 31.40 -30.56 -0.32
N THR I 106 32.55 -30.29 0.30
CA THR I 106 32.77 -30.57 1.72
C THR I 106 33.31 -29.32 2.36
N LYS I 107 33.07 -29.19 3.64
CA LYS I 107 33.56 -28.05 4.37
C LYS I 107 34.16 -28.53 5.69
N SER I 108 35.47 -28.28 5.85
CA SER I 108 36.21 -28.58 7.09
C SER I 108 35.82 -27.56 8.15
N LEU I 109 35.91 -27.98 9.40
CA LEU I 109 35.50 -27.15 10.53
C LEU I 109 36.15 -25.78 10.50
N LEU I 110 37.48 -25.74 10.43
CA LEU I 110 38.24 -24.50 10.33
C LEU I 110 38.77 -24.39 8.92
N GLY I 111 38.34 -23.36 8.20
CA GLY I 111 38.75 -23.16 6.84
C GLY I 111 40.17 -22.64 6.78
N PRO I 112 40.75 -22.65 5.58
CA PRO I 112 42.18 -22.31 5.42
C PRO I 112 42.46 -20.87 5.01
N PHE I 113 41.45 -20.00 5.02
CA PHE I 113 41.57 -18.64 4.51
C PHE I 113 41.51 -17.62 5.62
N LYS I 114 42.17 -16.49 5.41
CA LYS I 114 41.93 -15.28 6.16
C LYS I 114 41.72 -14.14 5.20
N VAL I 115 41.05 -13.11 5.69
CA VAL I 115 40.81 -11.86 4.99
C VAL I 115 41.64 -10.80 5.72
N GLU I 116 42.59 -10.19 5.03
CA GLU I 116 43.54 -9.29 5.65
C GLU I 116 43.55 -7.96 4.93
N LYS I 117 43.60 -6.88 5.70
CA LYS I 117 43.71 -5.55 5.12
C LYS I 117 44.98 -5.47 4.29
N GLU I 118 44.84 -4.98 3.06
CA GLU I 118 45.99 -4.81 2.18
C GLU I 118 45.77 -3.56 1.36
N GLY I 119 46.69 -2.61 1.46
CA GLY I 119 46.54 -1.37 0.72
C GLY I 119 45.20 -0.72 0.97
N GLU I 120 44.42 -0.53 -0.09
CA GLU I 120 43.14 0.17 -0.02
C GLU I 120 41.94 -0.77 0.06
N GLY I 121 42.15 -2.06 0.25
CA GLY I 121 41.05 -3.00 0.44
C GLY I 121 41.47 -4.18 1.26
N TYR I 122 41.01 -5.36 0.85
CA TYR I 122 41.29 -6.59 1.55
C TYR I 122 41.80 -7.59 0.54
N LYS I 123 42.67 -8.49 0.99
CA LYS I 123 43.13 -9.60 0.20
C LYS I 123 42.70 -10.91 0.85
N ILE I 124 42.61 -11.98 0.05
CA ILE I 124 42.43 -13.32 0.59
C ILE I 124 43.80 -13.97 0.77
N VAL I 125 44.04 -14.55 1.94
CA VAL I 125 45.29 -15.22 2.27
C VAL I 125 45.00 -16.68 2.63
N TYR I 126 45.74 -17.61 2.04
CA TYR I 126 45.54 -19.05 2.22
C TYR I 126 46.64 -19.63 3.09
N TYR I 127 46.26 -20.49 4.03
CA TYR I 127 47.20 -21.12 4.95
C TYR I 127 47.21 -22.63 4.74
N PRO I 128 48.28 -23.22 4.20
CA PRO I 128 48.35 -24.69 4.10
C PRO I 128 48.16 -25.39 5.43
N GLU I 129 48.65 -24.82 6.52
CA GLU I 129 48.33 -25.26 7.89
C GLU I 129 48.24 -24.04 8.79
N ARG I 130 47.48 -24.18 9.88
CA ARG I 130 47.20 -23.04 10.76
C ARG I 130 48.45 -22.54 11.47
N GLY I 131 49.39 -23.43 11.80
CA GLY I 131 50.61 -22.96 12.44
C GLY I 131 51.54 -22.14 11.54
N GLN I 132 51.25 -22.03 10.24
CA GLN I 132 52.20 -21.52 9.26
C GLN I 132 51.88 -20.09 8.84
N THR I 133 52.81 -19.53 8.05
CA THR I 133 52.60 -18.26 7.35
C THR I 133 51.66 -18.46 6.16
N GLY I 134 50.99 -17.36 5.76
CA GLY I 134 49.99 -17.42 4.71
C GLY I 134 50.52 -17.09 3.31
N LEU I 135 49.71 -17.46 2.31
CA LEU I 135 50.03 -17.22 0.91
C LEU I 135 48.92 -16.38 0.29
N ASP I 136 49.28 -15.23 -0.26
CA ASP I 136 48.30 -14.36 -0.89
C ASP I 136 47.65 -15.04 -2.09
N ILE I 137 46.35 -14.84 -2.24
CA ILE I 137 45.63 -15.24 -3.43
C ILE I 137 45.71 -14.10 -4.45
N GLY I 138 46.21 -14.42 -5.63
CA GLY I 138 46.27 -13.50 -6.75
C GLY I 138 45.66 -14.13 -7.99
N LEU I 139 46.11 -13.65 -9.15
CA LEU I 139 45.50 -13.98 -10.42
C LEU I 139 46.53 -14.51 -11.40
N VAL I 140 46.16 -15.59 -12.09
CA VAL I 140 46.96 -16.16 -13.17
C VAL I 140 46.13 -15.98 -14.44
N HIS I 141 46.58 -15.09 -15.32
CA HIS I 141 45.84 -14.76 -16.54
C HIS I 141 46.04 -15.89 -17.55
N ARG I 142 44.96 -16.61 -17.86
CA ARG I 142 45.00 -17.70 -18.83
C ARG I 142 43.60 -17.93 -19.38
N ASN I 143 43.54 -18.28 -20.66
CA ASN I 143 42.26 -18.54 -21.33
C ASN I 143 41.34 -17.32 -21.21
N ASP I 144 41.95 -16.13 -21.32
CA ASP I 144 41.26 -14.85 -21.34
C ASP I 144 40.47 -14.57 -20.06
N LYS I 145 40.81 -15.24 -18.96
CA LYS I 145 40.25 -14.91 -17.65
C LYS I 145 41.35 -15.06 -16.62
N TYR I 146 41.07 -14.55 -15.43
CA TYR I 146 42.05 -14.52 -14.35
C TYR I 146 41.72 -15.59 -13.33
N TYR I 147 42.45 -16.68 -13.36
CA TYR I 147 42.27 -17.73 -12.38
C TYR I 147 42.79 -17.28 -11.02
N LEU I 148 41.97 -17.44 -9.98
CA LEU I 148 42.44 -17.18 -8.63
C LEU I 148 43.37 -18.31 -8.20
N ALA I 149 44.55 -17.95 -7.71
CA ALA I 149 45.59 -18.93 -7.39
C ALA I 149 46.57 -18.30 -6.42
N VAL I 150 47.32 -19.14 -5.72
CA VAL I 150 48.36 -18.65 -4.83
C VAL I 150 49.37 -17.86 -5.63
N LYS I 151 49.66 -16.63 -5.20
CA LYS I 151 50.64 -15.76 -5.84
C LYS I 151 51.18 -14.83 -4.75
N ASP I 152 52.04 -15.38 -3.89
CA ASP I 152 52.42 -14.67 -2.68
C ASP I 152 53.26 -13.45 -3.03
N GLY I 153 52.90 -12.32 -2.42
CA GLY I 153 53.47 -11.04 -2.75
C GLY I 153 52.75 -10.27 -3.83
N GLU I 154 51.81 -10.89 -4.53
CA GLU I 154 51.05 -10.23 -5.59
C GLU I 154 49.55 -10.43 -5.40
N PRO I 155 49.00 -10.06 -4.26
CA PRO I 155 47.58 -10.30 -4.00
C PRO I 155 46.68 -9.47 -4.89
N CYS I 156 45.51 -10.04 -5.20
CA CYS I 156 44.40 -9.26 -5.73
C CYS I 156 43.69 -8.60 -4.54
N VAL I 157 43.55 -7.28 -4.58
CA VAL I 157 42.94 -6.51 -3.50
C VAL I 157 41.48 -6.22 -3.85
N PHE I 158 40.58 -6.52 -2.92
CA PHE I 158 39.13 -6.43 -3.10
C PHE I 158 38.53 -5.49 -2.06
N LYS I 159 37.49 -4.75 -2.43
CA LYS I 159 36.58 -4.24 -1.41
C LYS I 159 35.38 -5.17 -1.31
N ILE I 160 34.83 -5.27 -0.12
CA ILE I 160 33.80 -6.25 0.21
C ILE I 160 32.46 -5.53 0.20
N ARG I 161 31.66 -5.78 -0.83
CA ARG I 161 30.41 -5.08 -1.05
C ARG I 161 29.25 -6.02 -0.75
N LYS I 162 28.49 -5.73 0.29
CA LYS I 162 27.37 -6.57 0.65
C LYS I 162 26.35 -6.65 -0.47
N ALA I 163 25.94 -7.87 -0.80
CA ALA I 163 25.03 -8.08 -1.93
C ALA I 163 23.66 -7.49 -1.63
N THR I 164 23.28 -7.38 -0.36
CA THR I 164 21.99 -6.85 0.10
C THR I 164 20.87 -7.83 -0.22
N SER J 2 -4.80 -9.78 -10.67
CA SER J 2 -5.63 -10.53 -9.72
C SER J 2 -4.82 -11.62 -9.00
N SER J 3 -4.05 -12.38 -9.78
CA SER J 3 -3.12 -13.33 -9.18
C SER J 3 -1.93 -12.60 -8.59
N VAL J 4 -1.31 -13.23 -7.60
CA VAL J 4 -0.12 -12.67 -6.95
C VAL J 4 1.11 -12.93 -7.82
N VAL J 5 2.00 -11.94 -7.91
CA VAL J 5 3.28 -12.11 -8.59
C VAL J 5 4.22 -12.87 -7.67
N VAL J 6 4.87 -13.91 -8.19
CA VAL J 6 5.61 -14.85 -7.35
C VAL J 6 7.06 -14.95 -7.84
N ASP J 7 7.99 -15.10 -6.90
CA ASP J 7 9.39 -15.17 -7.27
C ASP J 7 9.80 -16.59 -7.67
N THR J 8 11.09 -16.78 -7.97
CA THR J 8 11.56 -18.08 -8.44
C THR J 8 11.48 -19.16 -7.37
N ASN J 9 11.37 -18.79 -6.09
CA ASN J 9 11.20 -19.77 -5.02
C ASN J 9 9.74 -20.05 -4.72
N GLY J 10 8.82 -19.48 -5.49
CA GLY J 10 7.41 -19.63 -5.26
C GLY J 10 6.80 -18.73 -4.21
N GLN J 11 7.50 -17.66 -3.78
CA GLN J 11 6.90 -16.82 -2.76
C GLN J 11 6.41 -15.49 -3.35
N PRO J 12 5.36 -14.91 -2.78
CA PRO J 12 4.85 -13.63 -3.28
C PRO J 12 5.91 -12.55 -3.28
N VAL J 13 5.93 -11.78 -4.36
CA VAL J 13 6.80 -10.62 -4.46
C VAL J 13 6.30 -9.53 -3.51
N SER J 14 7.23 -8.91 -2.77
CA SER J 14 6.84 -7.91 -1.79
C SER J 14 6.71 -6.53 -2.43
N ASN J 15 5.94 -5.67 -1.76
CA ASN J 15 5.72 -4.27 -2.18
C ASN J 15 6.83 -3.41 -1.61
N GLY J 16 7.92 -3.28 -2.38
CA GLY J 16 9.02 -2.42 -2.00
C GLY J 16 9.98 -3.00 -1.01
N ALA J 17 9.53 -3.98 -0.21
CA ALA J 17 10.29 -4.44 0.95
C ALA J 17 11.57 -5.16 0.53
N ASP J 18 11.52 -5.91 -0.58
CA ASP J 18 12.65 -6.70 -1.06
C ASP J 18 13.00 -6.31 -2.49
N ALA J 19 14.27 -6.51 -2.84
CA ALA J 19 14.78 -6.29 -4.19
C ALA J 19 14.88 -7.64 -4.91
N TYR J 20 14.71 -7.61 -6.22
CA TYR J 20 14.66 -8.80 -7.05
C TYR J 20 15.49 -8.60 -8.31
N TYR J 21 16.19 -9.66 -8.73
CA TYR J 21 16.79 -9.70 -10.05
C TYR J 21 15.77 -10.14 -11.10
N LEU J 22 15.70 -9.41 -12.20
CA LEU J 22 14.90 -9.78 -13.37
C LEU J 22 15.82 -10.58 -14.28
N VAL J 23 15.63 -11.89 -14.32
CA VAL J 23 16.54 -12.79 -15.03
C VAL J 23 15.86 -13.19 -16.34
N PRO J 24 16.40 -12.80 -17.50
CA PRO J 24 15.75 -13.18 -18.77
C PRO J 24 15.69 -14.70 -18.89
N VAL J 25 14.58 -15.20 -19.43
CA VAL J 25 14.44 -16.64 -19.61
C VAL J 25 15.24 -17.11 -20.82
N SER J 26 15.27 -16.28 -21.85
CA SER J 26 16.00 -16.63 -23.08
C SER J 26 17.47 -16.25 -22.92
N HIS J 27 17.79 -14.97 -22.89
CA HIS J 27 19.19 -14.46 -22.78
C HIS J 27 19.72 -14.50 -21.35
N GLY J 28 19.77 -15.68 -20.72
CA GLY J 28 20.13 -15.91 -19.31
C GLY J 28 21.48 -15.38 -18.85
N HIS J 29 22.43 -15.13 -19.74
CA HIS J 29 23.72 -14.59 -19.26
C HIS J 29 23.77 -13.09 -19.49
N ALA J 30 22.69 -12.39 -19.13
CA ALA J 30 22.65 -10.92 -19.19
C ALA J 30 21.91 -10.37 -17.96
N GLY J 31 22.31 -9.22 -17.46
CA GLY J 31 21.66 -8.63 -16.32
C GLY J 31 21.35 -7.17 -16.53
N LEU J 32 20.38 -6.67 -15.76
CA LEU J 32 19.95 -5.29 -15.91
C LEU J 32 21.08 -4.32 -15.58
N ALA J 33 21.24 -3.30 -16.41
CA ALA J 33 22.29 -2.31 -16.23
C ALA J 33 21.79 -0.98 -16.77
N LEU J 34 22.60 0.06 -16.59
CA LEU J 34 22.37 1.37 -17.19
C LEU J 34 23.38 1.63 -18.31
N ALA J 35 22.95 2.34 -19.34
CA ALA J 35 23.83 2.71 -20.44
C ALA J 35 23.48 4.10 -20.92
N LYS J 36 24.42 4.72 -21.63
CA LYS J 36 24.15 6.03 -22.22
C LYS J 36 23.31 5.85 -23.48
N ILE J 37 22.37 6.77 -23.68
CA ILE J 37 21.61 6.87 -24.92
C ILE J 37 21.85 8.24 -25.52
N GLY J 38 22.15 8.27 -26.82
CA GLY J 38 22.37 9.53 -27.51
C GLY J 38 23.57 10.28 -26.96
N ASN J 39 23.39 11.58 -26.76
CA ASN J 39 24.49 12.47 -26.42
C ASN J 39 24.67 12.77 -24.93
N GLU J 40 23.95 12.10 -24.04
CA GLU J 40 24.07 12.48 -22.64
C GLU J 40 25.31 11.86 -21.99
N ALA J 41 25.88 12.61 -21.04
CA ALA J 41 27.12 12.21 -20.37
C ALA J 41 26.90 11.04 -19.42
N GLU J 42 25.83 11.07 -18.61
CA GLU J 42 25.53 10.05 -17.59
C GLU J 42 24.64 8.94 -18.16
N PRO J 43 24.87 7.68 -17.78
CA PRO J 43 24.06 6.56 -18.32
C PRO J 43 22.67 6.52 -17.68
N ARG J 44 21.64 6.63 -18.51
CA ARG J 44 20.28 6.71 -18.02
C ARG J 44 19.32 5.72 -18.65
N ALA J 45 19.70 4.97 -19.68
CA ALA J 45 18.83 3.98 -20.27
C ALA J 45 19.01 2.62 -19.59
N VAL J 46 17.91 1.94 -19.33
CA VAL J 46 17.92 0.58 -18.77
C VAL J 46 18.13 -0.42 -19.90
N VAL J 47 19.17 -1.26 -19.76
CA VAL J 47 19.53 -2.24 -20.77
C VAL J 47 19.73 -3.60 -20.11
N LEU J 48 19.70 -4.64 -20.93
CA LEU J 48 20.24 -5.93 -20.55
C LEU J 48 21.68 -6.00 -21.04
N ASP J 49 22.63 -6.10 -20.13
CA ASP J 49 24.04 -6.04 -20.47
C ASP J 49 24.67 -7.40 -20.17
N PRO J 50 25.17 -8.11 -21.19
CA PRO J 50 25.92 -9.35 -20.93
C PRO J 50 27.07 -9.13 -19.95
N HIS J 51 27.58 -7.90 -19.87
CA HIS J 51 28.74 -7.59 -19.04
C HIS J 51 28.38 -7.40 -17.59
N HIS J 52 27.10 -7.38 -17.27
CA HIS J 52 26.60 -7.03 -15.94
C HIS J 52 25.76 -8.18 -15.40
N ARG J 53 26.39 -9.14 -14.74
CA ARG J 53 25.68 -10.22 -14.09
C ARG J 53 26.08 -10.25 -12.61
N PRO J 54 25.13 -10.36 -11.67
CA PRO J 54 23.68 -10.56 -11.85
C PRO J 54 22.87 -9.34 -12.30
N GLY J 55 23.48 -8.17 -12.30
CA GLY J 55 22.80 -6.97 -12.75
C GLY J 55 22.19 -6.22 -11.59
N LEU J 56 21.50 -5.14 -11.92
CA LEU J 56 20.89 -4.30 -10.89
C LEU J 56 19.55 -4.89 -10.46
N PRO J 57 19.32 -5.08 -9.17
CA PRO J 57 18.01 -5.57 -8.71
C PRO J 57 16.99 -4.44 -8.63
N VAL J 58 15.71 -4.81 -8.76
CA VAL J 58 14.65 -3.81 -8.81
C VAL J 58 13.69 -4.02 -7.64
N ARG J 59 12.99 -2.95 -7.30
CA ARG J 59 11.88 -3.02 -6.36
C ARG J 59 10.59 -2.65 -7.09
N PHE J 60 9.52 -3.33 -6.72
CA PHE J 60 8.19 -3.11 -7.27
C PHE J 60 7.38 -2.37 -6.22
N GLU J 61 6.83 -1.22 -6.58
CA GLU J 61 6.22 -0.33 -5.59
C GLU J 61 4.83 0.11 -6.01
N SER J 62 3.88 -0.05 -5.10
CA SER J 62 2.49 0.36 -5.16
C SER J 62 2.17 1.23 -3.93
N PRO J 63 1.29 2.23 -4.08
CA PRO J 63 0.85 3.02 -2.91
C PRO J 63 -0.09 2.26 -1.96
N LEU J 64 -0.64 1.13 -2.37
CA LEU J 64 -1.48 0.31 -1.49
C LEU J 64 -0.70 -0.15 -0.26
N MET J 65 -1.38 -0.18 0.90
CA MET J 65 -0.75 -0.59 2.15
C MET J 65 -0.70 -2.11 2.33
N ILE J 66 -0.50 -2.85 1.26
CA ILE J 66 -0.44 -4.30 1.28
C ILE J 66 0.99 -4.71 0.93
N ASN J 67 1.42 -5.85 1.43
CA ASN J 67 2.83 -6.18 1.20
C ASN J 67 3.04 -7.26 0.16
N ILE J 68 2.03 -7.54 -0.65
CA ILE J 68 2.15 -8.42 -1.81
C ILE J 68 1.80 -7.61 -3.05
N ILE J 69 2.28 -8.08 -4.21
CA ILE J 69 2.03 -7.43 -5.50
C ILE J 69 1.18 -8.36 -6.36
N LYS J 70 0.05 -7.85 -6.83
CA LYS J 70 -0.81 -8.54 -7.79
C LYS J 70 -0.58 -8.04 -9.21
N GLU J 71 -0.95 -8.88 -10.19
CA GLU J 71 -0.79 -8.52 -11.59
C GLU J 71 -1.64 -7.32 -11.97
N SER J 72 -2.71 -7.04 -11.23
CA SER J 72 -3.60 -5.92 -11.50
C SER J 72 -3.09 -4.59 -10.95
N TYR J 73 -2.03 -4.60 -10.15
CA TYR J 73 -1.55 -3.39 -9.51
C TYR J 73 -0.70 -2.57 -10.46
N PHE J 74 -0.91 -1.26 -10.48
CA PHE J 74 0.00 -0.34 -11.18
C PHE J 74 1.23 -0.11 -10.32
N LEU J 75 2.40 -0.21 -10.94
CA LEU J 75 3.66 -0.25 -10.21
C LEU J 75 4.61 0.82 -10.70
N ASN J 76 5.37 1.38 -9.79
CA ASN J 76 6.68 1.92 -10.11
C ASN J 76 7.70 0.81 -9.96
N ILE J 77 8.70 0.80 -10.83
CA ILE J 77 9.83 -0.11 -10.72
C ILE J 77 11.07 0.74 -10.58
N LYS J 78 11.93 0.40 -9.61
CA LYS J 78 13.10 1.22 -9.37
C LYS J 78 14.31 0.37 -9.02
N PHE J 79 15.47 0.82 -9.47
CA PHE J 79 16.74 0.35 -8.94
C PHE J 79 17.00 1.00 -7.58
N GLY J 80 17.86 0.35 -6.80
CA GLY J 80 18.36 0.95 -5.59
C GLY J 80 17.42 0.73 -4.42
N PRO J 81 17.73 1.39 -3.30
CA PRO J 81 16.98 1.15 -2.07
C PRO J 81 15.57 1.72 -2.11
N SER J 82 14.74 1.20 -1.20
CA SER J 82 13.42 1.76 -1.04
C SER J 82 13.50 3.23 -0.64
N SER J 83 14.55 3.60 0.10
CA SER J 83 14.69 4.98 0.55
C SER J 83 15.17 5.92 -0.57
N SER J 84 15.82 5.39 -1.60
CA SER J 84 16.40 6.22 -2.65
C SER J 84 15.34 6.84 -3.57
N ASP J 85 15.59 8.07 -4.00
CA ASP J 85 14.74 8.75 -4.97
C ASP J 85 15.14 8.46 -6.40
N SER J 86 16.30 7.85 -6.58
CA SER J 86 16.91 7.60 -7.87
C SER J 86 16.50 6.26 -8.44
N GLY J 87 16.83 6.07 -9.71
CA GLY J 87 16.60 4.80 -10.37
C GLY J 87 15.17 4.45 -10.69
N VAL J 88 14.22 5.40 -10.63
CA VAL J 88 12.83 5.08 -10.92
C VAL J 88 12.67 4.98 -12.45
N TRP J 89 12.13 3.86 -12.92
CA TRP J 89 11.94 3.63 -14.34
C TRP J 89 10.80 4.48 -14.92
N ASP J 90 10.99 4.93 -16.15
CA ASP J 90 9.91 5.52 -16.95
C ASP J 90 10.21 5.18 -18.41
N VAL J 91 9.27 5.52 -19.28
CA VAL J 91 9.41 5.35 -20.72
C VAL J 91 9.42 6.72 -21.38
N ILE J 92 10.46 6.98 -22.19
CA ILE J 92 10.72 8.26 -22.83
C ILE J 92 11.04 7.98 -24.31
N GLN J 93 10.35 8.67 -25.22
CA GLN J 93 10.71 8.58 -26.63
C GLN J 93 12.06 9.25 -26.86
N GLN J 94 13.03 8.50 -27.40
CA GLN J 94 14.35 9.07 -27.63
C GLN J 94 15.06 8.28 -28.72
N ASP J 95 15.51 8.96 -29.78
CA ASP J 95 16.35 8.31 -30.77
C ASP J 95 17.68 7.90 -30.13
N PRO J 96 18.27 6.78 -30.57
CA PRO J 96 17.80 5.87 -31.62
C PRO J 96 17.01 4.66 -31.15
N ILE J 97 16.54 4.65 -29.91
CA ILE J 97 15.93 3.44 -29.38
C ILE J 97 14.43 3.39 -29.65
N GLY J 98 13.75 4.52 -29.53
CA GLY J 98 12.31 4.56 -29.67
C GLY J 98 11.69 4.94 -28.35
N LEU J 99 10.73 4.15 -27.87
CA LEU J 99 10.11 4.36 -26.57
C LEU J 99 10.96 3.62 -25.54
N ALA J 100 12.00 4.30 -25.06
CA ALA J 100 13.04 3.69 -24.26
C ALA J 100 12.70 3.71 -22.77
N VAL J 101 13.01 2.61 -22.08
CA VAL J 101 12.96 2.60 -20.61
C VAL J 101 14.21 3.32 -20.10
N LYS J 102 14.00 4.37 -19.31
CA LYS J 102 15.07 5.17 -18.73
C LYS J 102 14.80 5.36 -17.25
N VAL J 103 15.82 5.79 -16.51
CA VAL J 103 15.65 6.06 -15.08
C VAL J 103 15.62 7.56 -14.83
N THR J 104 14.80 7.96 -13.86
CA THR J 104 14.63 9.35 -13.47
C THR J 104 14.67 9.46 -11.95
N ASP J 105 14.72 10.72 -11.49
CA ASP J 105 14.72 11.06 -10.08
C ASP J 105 13.33 11.48 -9.57
N THR J 106 12.27 11.20 -10.35
CA THR J 106 10.89 11.58 -10.03
C THR J 106 10.01 10.32 -9.98
N LYS J 107 9.07 10.29 -9.03
CA LYS J 107 8.17 9.14 -8.83
C LYS J 107 6.74 9.64 -8.65
N SER J 108 5.86 9.32 -9.60
CA SER J 108 4.43 9.57 -9.43
C SER J 108 3.81 8.52 -8.52
N LEU J 109 2.77 8.93 -7.79
CA LEU J 109 2.12 8.05 -6.81
C LEU J 109 1.81 6.68 -7.41
N LEU J 110 1.11 6.65 -8.52
CA LEU J 110 0.82 5.40 -9.23
C LEU J 110 1.74 5.32 -10.43
N GLY J 111 2.56 4.28 -10.46
CA GLY J 111 3.48 4.07 -11.55
C GLY J 111 2.77 3.52 -12.77
N PRO J 112 3.48 3.52 -13.90
CA PRO J 112 2.87 3.13 -15.18
C PRO J 112 3.07 1.68 -15.59
N PHE J 113 3.65 0.82 -14.75
CA PHE J 113 4.01 -0.53 -15.12
C PHE J 113 3.10 -1.54 -14.46
N LYS J 114 2.91 -2.68 -15.11
CA LYS J 114 2.39 -3.88 -14.48
C LYS J 114 3.31 -5.04 -14.80
N VAL J 115 3.23 -6.06 -13.96
CA VAL J 115 3.94 -7.32 -14.15
C VAL J 115 2.90 -8.39 -14.45
N GLU J 116 2.99 -9.01 -15.62
CA GLU J 116 1.99 -9.94 -16.10
C GLU J 116 2.65 -11.26 -16.47
N LYS J 117 2.00 -12.36 -16.09
CA LYS J 117 2.50 -13.70 -16.39
C LYS J 117 2.66 -13.88 -17.90
N GLU J 118 3.80 -14.42 -18.31
CA GLU J 118 4.02 -14.72 -19.72
C GLU J 118 4.82 -16.01 -19.79
N GLY J 119 4.26 -17.02 -20.42
CA GLY J 119 4.90 -18.32 -20.48
C GLY J 119 5.25 -18.82 -19.09
N GLU J 120 6.53 -19.10 -18.85
CA GLU J 120 6.96 -19.60 -17.56
C GLU J 120 7.63 -18.51 -16.71
N GLY J 121 7.43 -17.24 -17.07
CA GLY J 121 7.92 -16.12 -16.28
C GLY J 121 6.97 -14.96 -16.36
N TYR J 122 7.52 -13.75 -16.40
CA TYR J 122 6.71 -12.54 -16.38
C TYR J 122 7.20 -11.55 -17.42
N LYS J 123 6.30 -10.73 -17.93
CA LYS J 123 6.68 -9.62 -18.79
C LYS J 123 6.30 -8.30 -18.10
N ILE J 124 7.03 -7.25 -18.43
CA ILE J 124 6.72 -5.90 -17.96
C ILE J 124 5.86 -5.22 -19.02
N VAL J 125 4.75 -4.62 -18.58
CA VAL J 125 3.80 -3.94 -19.46
C VAL J 125 3.69 -2.48 -19.04
N TYR J 126 3.80 -1.56 -20.00
CA TYR J 126 3.78 -0.12 -19.77
C TYR J 126 2.45 0.46 -20.21
N TYR J 127 1.88 1.33 -19.38
CA TYR J 127 0.60 1.96 -19.65
C TYR J 127 0.78 3.45 -19.82
N PRO J 128 0.65 4.01 -21.04
CA PRO J 128 0.73 5.46 -21.20
C PRO J 128 -0.26 6.21 -20.33
N GLU J 129 -1.46 5.65 -20.13
CA GLU J 129 -2.40 6.12 -19.11
C GLU J 129 -3.02 4.88 -18.50
N ARG J 130 -3.44 4.97 -17.24
CA ARG J 130 -3.75 3.75 -16.50
C ARG J 130 -4.97 3.01 -17.04
N GLY J 131 -6.00 3.73 -17.49
CA GLY J 131 -7.18 3.03 -17.98
C GLY J 131 -7.02 2.29 -19.30
N GLN J 132 -5.86 2.43 -19.96
CA GLN J 132 -5.70 2.07 -21.37
C GLN J 132 -5.05 0.69 -21.49
N THR J 133 -4.94 0.22 -22.73
CA THR J 133 -4.23 -1.02 -23.00
C THR J 133 -2.73 -0.85 -22.78
N GLY J 134 -2.08 -1.94 -22.40
CA GLY J 134 -0.67 -1.88 -22.07
C GLY J 134 0.19 -2.24 -23.24
N LEU J 135 1.46 -1.86 -23.15
CA LEU J 135 2.44 -2.09 -24.20
C LEU J 135 3.59 -2.89 -23.62
N ASP J 136 3.88 -4.04 -24.23
CA ASP J 136 4.97 -4.90 -23.78
C ASP J 136 6.32 -4.20 -23.86
N ILE J 137 7.16 -4.45 -22.86
CA ILE J 137 8.57 -4.08 -22.91
C ILE J 137 9.34 -5.24 -23.55
N GLY J 138 10.11 -4.92 -24.58
CA GLY J 138 11.02 -5.85 -25.23
C GLY J 138 12.41 -5.25 -25.29
N LEU J 139 13.18 -5.69 -26.29
CA LEU J 139 14.61 -5.39 -26.37
C LEU J 139 14.96 -4.82 -27.73
N VAL J 140 15.75 -3.74 -27.73
CA VAL J 140 16.26 -3.13 -28.95
C VAL J 140 17.76 -3.38 -28.97
N HIS J 141 18.20 -4.20 -29.91
CA HIS J 141 19.60 -4.60 -30.03
C HIS J 141 20.45 -3.47 -30.60
N ARG J 142 21.40 -2.97 -29.81
CA ARG J 142 22.36 -1.99 -30.29
C ARG J 142 23.60 -2.00 -29.41
N ASN J 143 24.76 -1.87 -30.05
CA ASN J 143 26.05 -1.64 -29.37
C ASN J 143 26.36 -2.68 -28.28
N ASP J 144 26.11 -3.96 -28.59
CA ASP J 144 26.41 -5.08 -27.72
C ASP J 144 25.60 -5.06 -26.42
N LYS J 145 24.49 -4.33 -26.38
CA LYS J 145 23.57 -4.41 -25.27
C LYS J 145 22.16 -4.34 -25.83
N TYR J 146 21.20 -4.75 -25.02
CA TYR J 146 19.81 -4.82 -25.41
C TYR J 146 19.04 -3.77 -24.63
N TYR J 147 18.73 -2.66 -25.29
CA TYR J 147 17.94 -1.61 -24.67
C TYR J 147 16.51 -2.08 -24.44
N LEU J 148 16.03 -1.95 -23.20
CA LEU J 148 14.64 -2.23 -22.93
C LEU J 148 13.79 -1.11 -23.52
N ALA J 149 12.76 -1.48 -24.27
CA ALA J 149 11.96 -0.48 -24.96
C ALA J 149 10.62 -1.08 -25.29
N VAL J 150 9.65 -0.21 -25.57
CA VAL J 150 8.34 -0.70 -26.01
C VAL J 150 8.55 -1.52 -27.28
N LYS J 151 8.10 -2.78 -27.26
CA LYS J 151 8.20 -3.70 -28.37
C LYS J 151 7.02 -4.67 -28.27
N ASP J 152 5.84 -4.15 -28.62
CA ASP J 152 4.59 -4.85 -28.32
C ASP J 152 4.50 -6.13 -29.12
N GLY J 153 4.12 -7.21 -28.45
CA GLY J 153 4.10 -8.52 -29.07
C GLY J 153 5.40 -9.27 -28.99
N GLU J 154 6.47 -8.61 -28.56
CA GLU J 154 7.78 -9.24 -28.41
C GLU J 154 8.33 -8.97 -27.01
N PRO J 155 7.59 -9.35 -25.97
CA PRO J 155 8.06 -9.04 -24.61
C PRO J 155 9.34 -9.77 -24.25
N CYS J 156 10.15 -9.10 -23.45
CA CYS J 156 11.23 -9.77 -22.76
C CYS J 156 10.62 -10.51 -21.59
N VAL J 157 10.81 -11.84 -21.52
CA VAL J 157 10.22 -12.67 -20.47
C VAL J 157 11.25 -12.92 -19.40
N PHE J 158 10.88 -12.60 -18.16
CA PHE J 158 11.75 -12.60 -17.00
C PHE J 158 11.25 -13.59 -15.96
N LYS J 159 12.19 -14.20 -15.25
CA LYS J 159 11.95 -14.78 -13.93
C LYS J 159 12.37 -13.75 -12.89
N ILE J 160 11.69 -13.78 -11.75
CA ILE J 160 11.91 -12.79 -10.69
C ILE J 160 12.63 -13.52 -9.55
N ARG J 161 13.92 -13.28 -9.41
CA ARG J 161 14.75 -13.99 -8.45
C ARG J 161 15.04 -13.05 -7.29
N LYS J 162 14.51 -13.39 -6.10
CA LYS J 162 14.74 -12.54 -4.94
C LYS J 162 16.22 -12.41 -4.64
N ALA J 163 16.68 -11.17 -4.45
CA ALA J 163 18.08 -10.93 -4.16
C ALA J 163 18.45 -11.47 -2.78
N THR J 164 17.47 -11.46 -1.87
CA THR J 164 17.45 -11.97 -0.50
C THR J 164 18.33 -11.17 0.43
N SER K 2 3.50 -3.98 -49.52
CA SER K 2 3.77 -4.16 -50.95
C SER K 2 2.50 -4.10 -51.81
N SER K 3 1.35 -4.28 -51.16
CA SER K 3 0.09 -4.00 -51.81
C SER K 3 -0.07 -2.49 -51.88
N VAL K 4 -0.79 -2.03 -52.88
CA VAL K 4 -1.07 -0.61 -53.02
C VAL K 4 -2.23 -0.23 -52.11
N VAL K 5 -2.13 0.92 -51.45
CA VAL K 5 -3.23 1.45 -50.65
C VAL K 5 -4.27 2.06 -51.57
N VAL K 6 -5.55 1.73 -51.33
CA VAL K 6 -6.66 1.99 -52.25
C VAL K 6 -7.71 2.88 -51.58
N ASP K 7 -8.26 3.84 -52.35
CA ASP K 7 -9.33 4.69 -51.84
C ASP K 7 -10.69 4.02 -52.05
N THR K 8 -11.76 4.70 -51.62
CA THR K 8 -13.10 4.09 -51.67
C THR K 8 -13.63 3.95 -53.10
N ASN K 9 -13.04 4.62 -54.07
CA ASN K 9 -13.41 4.42 -55.47
C ASN K 9 -12.59 3.33 -56.14
N GLY K 10 -11.75 2.63 -55.39
CA GLY K 10 -10.92 1.59 -55.97
C GLY K 10 -9.68 2.07 -56.66
N GLN K 11 -9.27 3.31 -56.42
CA GLN K 11 -8.11 3.88 -57.08
C GLN K 11 -6.91 4.00 -56.16
N PRO K 12 -5.70 3.87 -56.69
CA PRO K 12 -4.51 4.02 -55.85
C PRO K 12 -4.47 5.37 -55.16
N VAL K 13 -4.10 5.34 -53.88
CA VAL K 13 -3.86 6.55 -53.10
C VAL K 13 -2.59 7.24 -53.61
N SER K 14 -2.66 8.55 -53.82
CA SER K 14 -1.50 9.25 -54.37
C SER K 14 -0.51 9.69 -53.28
N ASN K 15 0.73 9.93 -53.71
CA ASN K 15 1.83 10.41 -52.85
C ASN K 15 1.80 11.93 -52.76
N GLY K 16 1.06 12.43 -51.79
CA GLY K 16 0.99 13.86 -51.49
C GLY K 16 0.04 14.63 -52.40
N ALA K 17 -0.20 14.12 -53.60
CA ALA K 17 -0.88 14.92 -54.62
C ALA K 17 -2.34 15.19 -54.26
N ASP K 18 -3.03 14.28 -53.59
CA ASP K 18 -4.45 14.39 -53.33
C ASP K 18 -4.72 14.27 -51.84
N ALA K 19 -5.81 14.90 -51.40
CA ALA K 19 -6.28 14.81 -50.03
C ALA K 19 -7.40 13.79 -49.95
N TYR K 20 -7.50 13.14 -48.79
CA TYR K 20 -8.42 12.04 -48.53
C TYR K 20 -9.07 12.27 -47.18
N TYR K 21 -10.37 12.01 -47.10
CA TYR K 21 -11.04 11.91 -45.81
C TYR K 21 -10.82 10.52 -45.27
N LEU K 22 -10.43 10.44 -44.00
CA LEU K 22 -10.37 9.17 -43.27
C LEU K 22 -11.71 8.95 -42.57
N VAL K 23 -12.51 8.03 -43.11
CA VAL K 23 -13.88 7.83 -42.67
C VAL K 23 -13.91 6.58 -41.79
N PRO K 24 -14.14 6.70 -40.49
CA PRO K 24 -14.14 5.50 -39.63
C PRO K 24 -15.27 4.57 -40.06
N VAL K 25 -14.98 3.28 -40.03
CA VAL K 25 -15.98 2.27 -40.40
C VAL K 25 -16.94 2.06 -39.21
N SER K 26 -16.43 2.02 -37.96
CA SER K 26 -17.31 1.85 -36.76
C SER K 26 -17.73 3.18 -36.16
N HIS K 27 -17.38 4.28 -36.79
CA HIS K 27 -17.92 5.58 -36.37
C HIS K 27 -18.75 6.02 -37.59
N GLY K 28 -18.16 6.62 -38.60
CA GLY K 28 -18.85 6.97 -39.86
C GLY K 28 -19.39 8.38 -39.85
N HIS K 29 -19.89 8.83 -38.72
CA HIS K 29 -20.47 10.19 -38.63
C HIS K 29 -19.51 11.09 -37.86
N ALA K 30 -18.27 10.64 -37.70
CA ALA K 30 -17.32 11.48 -37.00
C ALA K 30 -16.19 11.76 -37.97
N GLY K 31 -15.57 12.92 -37.83
CA GLY K 31 -14.51 13.31 -38.71
C GLY K 31 -13.32 13.88 -37.98
N LEU K 32 -12.17 13.83 -38.65
CA LEU K 32 -10.92 14.31 -38.12
C LEU K 32 -10.99 15.82 -37.86
N ALA K 33 -10.47 16.22 -36.73
CA ALA K 33 -10.42 17.63 -36.36
C ALA K 33 -9.27 17.83 -35.39
N LEU K 34 -9.01 19.08 -35.03
CA LEU K 34 -8.06 19.39 -33.98
C LEU K 34 -8.79 19.82 -32.71
N ALA K 35 -8.19 19.47 -31.57
CA ALA K 35 -8.73 19.82 -30.27
C ALA K 35 -7.59 20.14 -29.30
N LYS K 36 -7.93 20.80 -28.20
CA LYS K 36 -6.95 21.11 -27.17
C LYS K 36 -6.67 19.89 -26.30
N ILE K 37 -5.40 19.73 -25.93
CA ILE K 37 -4.94 18.74 -24.95
C ILE K 37 -4.21 19.46 -23.82
N GLY K 38 -4.54 19.01 -22.62
CA GLY K 38 -3.94 19.57 -21.41
C GLY K 38 -4.22 21.05 -21.29
N ASN K 39 -3.16 21.83 -21.17
CA ASN K 39 -3.24 23.29 -20.93
C ASN K 39 -3.31 24.08 -22.21
N GLU K 40 -3.24 23.42 -23.35
CA GLU K 40 -3.01 24.16 -24.60
C GLU K 40 -4.08 25.20 -24.96
N ALA K 41 -3.62 26.33 -25.47
CA ALA K 41 -4.55 27.38 -25.90
C ALA K 41 -4.89 27.13 -27.36
N GLU K 42 -3.89 26.91 -28.22
CA GLU K 42 -4.14 26.59 -29.65
C GLU K 42 -4.43 25.11 -29.67
N PRO K 43 -5.52 24.45 -30.44
CA PRO K 43 -5.90 23.04 -30.58
C PRO K 43 -4.91 22.32 -31.48
N ARG K 44 -4.20 21.34 -30.92
CA ARG K 44 -3.12 20.66 -31.60
C ARG K 44 -3.23 19.14 -31.61
N ALA K 45 -4.18 18.56 -30.89
CA ALA K 45 -4.35 17.11 -30.91
C ALA K 45 -5.30 16.73 -32.04
N VAL K 46 -4.99 15.64 -32.72
CA VAL K 46 -5.86 15.08 -33.75
C VAL K 46 -6.93 14.24 -33.08
N VAL K 47 -8.20 14.53 -33.39
CA VAL K 47 -9.34 13.85 -32.78
C VAL K 47 -10.30 13.40 -33.86
N LEU K 48 -11.16 12.45 -33.50
CA LEU K 48 -12.39 12.15 -34.24
C LEU K 48 -13.55 12.90 -33.58
N ASP K 49 -14.16 13.81 -34.33
CA ASP K 49 -15.14 14.75 -33.83
C ASP K 49 -16.51 14.49 -34.46
N PRO K 50 -17.52 14.10 -33.70
CA PRO K 50 -18.89 14.06 -34.24
C PRO K 50 -19.34 15.39 -34.86
N HIS K 51 -18.74 16.49 -34.39
CA HIS K 51 -19.07 17.87 -34.73
C HIS K 51 -18.42 18.32 -36.04
N HIS K 52 -17.46 17.56 -36.56
CA HIS K 52 -16.66 17.96 -37.71
C HIS K 52 -16.61 16.79 -38.71
N ARG K 53 -17.68 16.58 -39.49
CA ARG K 53 -17.73 15.43 -40.39
C ARG K 53 -17.95 15.83 -41.84
N PRO K 54 -17.18 15.28 -42.82
CA PRO K 54 -16.15 14.25 -42.68
C PRO K 54 -14.83 14.76 -42.14
N GLY K 55 -14.69 16.06 -41.95
CA GLY K 55 -13.51 16.55 -41.26
C GLY K 55 -12.38 16.99 -42.16
N LEU K 56 -11.24 17.20 -41.53
CA LEU K 56 -10.08 17.66 -42.26
C LEU K 56 -9.49 16.50 -43.06
N PRO K 57 -9.24 16.66 -44.34
CA PRO K 57 -8.60 15.60 -45.13
C PRO K 57 -7.09 15.57 -44.91
N VAL K 58 -6.51 14.41 -45.17
CA VAL K 58 -5.09 14.21 -44.95
C VAL K 58 -4.42 13.91 -46.27
N ARG K 59 -3.12 14.13 -46.31
CA ARG K 59 -2.26 13.74 -47.40
C ARG K 59 -1.21 12.78 -46.85
N PHE K 60 -0.85 11.78 -47.66
CA PHE K 60 0.12 10.77 -47.34
C PHE K 60 1.36 11.04 -48.17
N GLU K 61 2.54 11.13 -47.53
CA GLU K 61 3.73 11.59 -48.23
C GLU K 61 4.92 10.68 -47.97
N SER K 62 5.61 10.30 -49.05
CA SER K 62 6.82 9.50 -49.06
C SER K 62 7.92 10.24 -49.81
N PRO K 63 9.29 10.16 -49.51
CA PRO K 63 10.70 10.75 -50.22
C PRO K 63 10.76 9.97 -51.54
N LEU K 64 10.15 8.78 -51.61
CA LEU K 64 10.25 7.97 -52.83
C LEU K 64 9.72 8.76 -54.04
N MET K 65 10.34 8.62 -55.22
CA MET K 65 9.93 9.36 -56.45
C MET K 65 8.78 8.64 -57.20
N ILE K 66 7.84 8.03 -56.46
CA ILE K 66 6.69 7.24 -57.00
C ILE K 66 5.39 7.95 -56.65
N ASN K 67 4.37 7.84 -57.47
CA ASN K 67 3.15 8.57 -57.12
C ASN K 67 2.03 7.71 -56.55
N ILE K 68 2.30 6.48 -56.17
CA ILE K 68 1.33 5.66 -55.44
C ILE K 68 1.95 5.34 -54.07
N ILE K 69 1.10 4.90 -53.14
CA ILE K 69 1.52 4.55 -51.78
C ILE K 69 1.31 3.06 -51.56
N LYS K 70 2.36 2.34 -51.16
CA LYS K 70 2.27 0.95 -50.75
C LYS K 70 2.28 0.84 -49.22
N GLU K 71 1.77 -0.28 -48.73
CA GLU K 71 1.70 -0.51 -47.29
C GLU K 71 3.07 -0.62 -46.64
N SER K 72 4.10 -0.94 -47.42
CA SER K 72 5.44 -1.08 -46.87
C SER K 72 6.15 0.25 -46.72
N TYR K 73 5.58 1.34 -47.23
CA TYR K 73 6.22 2.65 -47.20
C TYR K 73 6.02 3.34 -45.86
N PHE K 74 7.09 3.94 -45.34
CA PHE K 74 6.98 4.85 -44.21
C PHE K 74 6.48 6.20 -44.70
N LEU K 75 5.50 6.78 -43.98
CA LEU K 75 4.77 7.95 -44.44
C LEU K 75 4.80 9.09 -43.44
N ASN K 76 4.82 10.32 -43.95
CA ASN K 76 4.25 11.42 -43.20
C ASN K 76 2.77 11.54 -43.51
N ILE K 77 1.98 11.89 -42.51
CA ILE K 77 0.56 12.17 -42.69
C ILE K 77 0.35 13.60 -42.27
N LYS K 78 -0.38 14.39 -43.08
CA LYS K 78 -0.54 15.80 -42.74
C LYS K 78 -1.91 16.31 -43.15
N PHE K 79 -2.42 17.26 -42.36
CA PHE K 79 -3.50 18.12 -42.79
C PHE K 79 -2.96 19.22 -43.69
N GLY K 80 -3.85 19.79 -44.51
CA GLY K 80 -3.52 20.96 -45.28
C GLY K 80 -2.79 20.64 -46.57
N PRO K 81 -2.28 21.68 -47.22
CA PRO K 81 -1.65 21.49 -48.53
C PRO K 81 -0.30 20.82 -48.44
N SER K 82 0.11 20.22 -49.57
CA SER K 82 1.42 19.60 -49.63
C SER K 82 2.52 20.64 -49.43
N SER K 83 2.29 21.88 -49.91
CA SER K 83 3.33 22.90 -49.84
C SER K 83 3.53 23.43 -48.41
N SER K 84 2.47 23.33 -47.59
CA SER K 84 2.45 23.92 -46.26
C SER K 84 3.36 23.19 -45.27
N ASP K 85 3.96 23.96 -44.35
CA ASP K 85 4.83 23.42 -43.32
C ASP K 85 4.06 22.97 -42.07
N SER K 86 2.78 23.27 -41.95
CA SER K 86 1.96 22.91 -40.81
C SER K 86 1.20 21.61 -41.02
N GLY K 87 0.58 21.14 -39.94
CA GLY K 87 -0.32 20.01 -39.96
C GLY K 87 0.31 18.64 -40.06
N VAL K 88 1.61 18.51 -39.85
CA VAL K 88 2.28 17.21 -39.93
C VAL K 88 1.99 16.45 -38.64
N TRP K 89 1.48 15.23 -38.77
CA TRP K 89 1.18 14.42 -37.59
C TRP K 89 2.46 13.87 -36.96
N ASP K 90 2.44 13.76 -35.63
CA ASP K 90 3.46 13.00 -34.89
C ASP K 90 2.79 12.41 -33.66
N VAL K 91 3.53 11.61 -32.90
CA VAL K 91 3.02 11.02 -31.68
C VAL K 91 3.84 11.51 -30.50
N ILE K 92 3.16 12.10 -29.52
CA ILE K 92 3.73 12.80 -28.38
C ILE K 92 3.05 12.29 -27.11
N GLN K 93 3.85 11.85 -26.13
CA GLN K 93 3.28 11.48 -24.83
C GLN K 93 2.77 12.72 -24.10
N GLN K 94 1.49 12.73 -23.76
CA GLN K 94 0.92 13.89 -23.08
C GLN K 94 -0.28 13.46 -22.28
N ASP K 95 -0.27 13.76 -20.98
CA ASP K 95 -1.46 13.56 -20.18
C ASP K 95 -2.56 14.50 -20.65
N PRO K 96 -3.82 14.09 -20.53
CA PRO K 96 -4.28 12.80 -20.00
C PRO K 96 -4.51 11.73 -21.04
N ILE K 97 -4.01 11.92 -22.25
CA ILE K 97 -4.36 11.03 -23.35
C ILE K 97 -3.41 9.84 -23.45
N GLY K 98 -2.11 10.05 -23.28
CA GLY K 98 -1.13 9.01 -23.44
C GLY K 98 -0.19 9.31 -24.59
N LEU K 99 0.00 8.37 -25.51
CA LEU K 99 0.83 8.61 -26.70
C LEU K 99 -0.09 9.23 -27.74
N ALA K 100 -0.23 10.56 -27.68
CA ALA K 100 -1.23 11.29 -28.44
C ALA K 100 -0.73 11.64 -29.84
N VAL K 101 -1.60 11.50 -30.83
CA VAL K 101 -1.30 12.02 -32.17
C VAL K 101 -1.56 13.52 -32.17
N LYS K 102 -0.55 14.31 -32.52
CA LYS K 102 -0.66 15.77 -32.54
C LYS K 102 -0.09 16.29 -33.85
N VAL K 103 -0.37 17.55 -34.18
CA VAL K 103 0.18 18.18 -35.38
C VAL K 103 1.36 19.06 -34.99
N THR K 104 2.36 19.10 -35.88
CA THR K 104 3.56 19.90 -35.72
C THR K 104 3.86 20.67 -36.99
N ASP K 105 4.85 21.55 -36.87
CA ASP K 105 5.37 22.33 -37.98
C ASP K 105 6.68 21.72 -38.54
N THR K 106 7.00 20.48 -38.15
CA THR K 106 8.26 19.79 -38.50
C THR K 106 7.97 18.49 -39.24
N LYS K 107 8.84 18.14 -40.19
CA LYS K 107 8.69 16.95 -41.03
C LYS K 107 9.98 16.16 -41.04
N SER K 108 9.94 14.93 -40.51
CA SER K 108 11.07 14.05 -40.72
C SER K 108 11.02 13.55 -42.16
N LEU K 109 12.17 13.41 -42.82
CA LEU K 109 12.19 13.00 -44.22
C LEU K 109 11.37 11.75 -44.44
N LEU K 110 11.65 10.71 -43.69
CA LEU K 110 10.85 9.49 -43.67
C LEU K 110 9.97 9.56 -42.44
N GLY K 111 8.66 9.55 -42.66
CA GLY K 111 7.71 9.66 -41.59
C GLY K 111 7.61 8.39 -40.78
N PRO K 112 6.91 8.45 -39.64
CA PRO K 112 6.85 7.29 -38.74
C PRO K 112 5.64 6.40 -38.93
N PHE K 113 4.80 6.66 -39.91
CA PHE K 113 3.52 5.97 -40.04
C PHE K 113 3.58 5.01 -41.21
N LYS K 114 2.81 3.93 -41.10
CA LYS K 114 2.42 3.12 -42.24
C LYS K 114 0.92 2.96 -42.17
N VAL K 115 0.32 2.71 -43.33
CA VAL K 115 -1.11 2.47 -43.49
C VAL K 115 -1.30 1.02 -43.89
N GLU K 116 -2.06 0.25 -43.09
CA GLU K 116 -2.15 -1.19 -43.26
C GLU K 116 -3.61 -1.63 -43.36
N LYS K 117 -3.85 -2.58 -44.27
CA LYS K 117 -5.19 -3.14 -44.44
C LYS K 117 -5.66 -3.74 -43.13
N GLU K 118 -6.90 -3.41 -42.74
CA GLU K 118 -7.51 -3.94 -41.52
C GLU K 118 -8.98 -4.12 -41.80
N GLY K 119 -9.46 -5.35 -41.70
CA GLY K 119 -10.87 -5.62 -41.98
C GLY K 119 -11.28 -5.08 -43.33
N GLU K 120 -12.26 -4.20 -43.35
CA GLU K 120 -12.77 -3.65 -44.60
C GLU K 120 -12.20 -2.27 -44.90
N GLY K 121 -11.17 -1.83 -44.16
CA GLY K 121 -10.51 -0.56 -44.42
C GLY K 121 -9.06 -0.63 -44.03
N TYR K 122 -8.56 0.45 -43.45
CA TYR K 122 -7.16 0.55 -43.11
C TYR K 122 -7.00 1.07 -41.70
N LYS K 123 -5.91 0.68 -41.07
CA LYS K 123 -5.51 1.26 -39.81
C LYS K 123 -4.18 2.00 -39.99
N ILE K 124 -3.98 3.02 -39.19
CA ILE K 124 -2.71 3.74 -39.14
C ILE K 124 -1.83 3.07 -38.08
N VAL K 125 -0.59 2.80 -38.42
CA VAL K 125 0.35 2.16 -37.51
C VAL K 125 1.52 3.10 -37.30
N TYR K 126 1.90 3.33 -36.04
CA TYR K 126 2.98 4.23 -35.69
C TYR K 126 4.22 3.43 -35.34
N TYR K 127 5.38 3.86 -35.86
CA TYR K 127 6.66 3.19 -35.64
C TYR K 127 7.58 4.10 -34.86
N PRO K 128 7.85 3.82 -33.57
CA PRO K 128 8.81 4.66 -32.81
C PRO K 128 10.17 4.76 -33.46
N GLU K 129 10.63 3.68 -34.09
CA GLU K 129 11.80 3.69 -34.97
C GLU K 129 11.46 2.79 -36.15
N ARG K 130 12.06 3.08 -37.31
CA ARG K 130 11.58 2.43 -38.53
C ARG K 130 11.83 0.93 -38.56
N GLY K 131 12.94 0.46 -37.98
CA GLY K 131 13.20 -0.98 -38.04
C GLY K 131 12.29 -1.87 -37.19
N GLN K 132 11.41 -1.31 -36.36
CA GLN K 132 10.75 -2.06 -35.30
C GLN K 132 9.34 -2.45 -35.71
N THR K 133 8.68 -3.20 -34.83
CA THR K 133 7.26 -3.46 -35.00
C THR K 133 6.44 -2.21 -34.72
N GLY K 134 5.27 -2.12 -35.35
CA GLY K 134 4.46 -0.93 -35.24
C GLY K 134 3.39 -1.02 -34.17
N LEU K 135 2.87 0.15 -33.81
CA LEU K 135 1.87 0.29 -32.77
C LEU K 135 0.62 0.89 -33.41
N ASP K 136 -0.51 0.21 -33.24
CA ASP K 136 -1.79 0.69 -33.79
C ASP K 136 -2.19 2.04 -33.21
N ILE K 137 -2.76 2.87 -34.06
CA ILE K 137 -3.47 4.07 -33.63
C ILE K 137 -4.93 3.73 -33.41
N GLY K 138 -5.43 3.99 -32.19
CA GLY K 138 -6.81 3.87 -31.80
C GLY K 138 -7.32 5.16 -31.16
N LEU K 139 -8.34 5.02 -30.30
CA LEU K 139 -9.09 6.16 -29.81
C LEU K 139 -9.16 6.18 -28.28
N VAL K 140 -8.96 7.37 -27.71
CA VAL K 140 -9.07 7.62 -26.28
C VAL K 140 -10.27 8.53 -26.06
N HIS K 141 -11.31 8.00 -25.42
CA HIS K 141 -12.56 8.73 -25.21
C HIS K 141 -12.39 9.77 -24.10
N ARG K 142 -12.46 11.05 -24.46
CA ARG K 142 -12.40 12.12 -23.46
C ARG K 142 -13.01 13.41 -23.99
N ASN K 143 -13.73 14.13 -23.12
CA ASN K 143 -14.23 15.48 -23.39
C ASN K 143 -15.02 15.57 -24.70
N ASP K 144 -15.95 14.64 -24.90
CA ASP K 144 -16.83 14.64 -26.06
C ASP K 144 -16.08 14.45 -27.37
N LYS K 145 -14.83 13.98 -27.32
CA LYS K 145 -14.11 13.67 -28.54
C LYS K 145 -13.27 12.42 -28.33
N TYR K 146 -12.85 11.84 -29.43
CA TYR K 146 -12.04 10.63 -29.43
C TYR K 146 -10.64 11.01 -29.90
N TYR K 147 -9.73 11.17 -28.96
CA TYR K 147 -8.35 11.49 -29.31
C TYR K 147 -7.71 10.28 -29.98
N LEU K 148 -7.07 10.52 -31.13
CA LEU K 148 -6.27 9.46 -31.74
C LEU K 148 -5.01 9.28 -30.92
N ALA K 149 -4.68 8.03 -30.58
CA ALA K 149 -3.57 7.74 -29.71
C ALA K 149 -3.15 6.29 -29.93
N VAL K 150 -1.92 5.96 -29.52
CA VAL K 150 -1.52 4.56 -29.57
C VAL K 150 -2.49 3.75 -28.73
N LYS K 151 -3.05 2.70 -29.33
CA LYS K 151 -4.03 1.80 -28.73
C LYS K 151 -3.83 0.45 -29.42
N ASP K 152 -2.72 -0.21 -29.08
CA ASP K 152 -2.30 -1.37 -29.84
C ASP K 152 -3.28 -2.51 -29.61
N GLY K 153 -3.71 -3.13 -30.70
CA GLY K 153 -4.74 -4.14 -30.69
C GLY K 153 -6.16 -3.61 -30.82
N GLU K 154 -6.35 -2.30 -30.72
CA GLU K 154 -7.67 -1.71 -30.88
C GLU K 154 -7.61 -0.56 -31.88
N PRO K 155 -7.17 -0.84 -33.11
CA PRO K 155 -7.00 0.24 -34.09
C PRO K 155 -8.35 0.81 -34.50
N CYS K 156 -8.34 2.09 -34.82
CA CYS K 156 -9.47 2.69 -35.52
C CYS K 156 -9.35 2.32 -37.00
N VAL K 157 -10.38 1.71 -37.56
CA VAL K 157 -10.39 1.26 -38.95
C VAL K 157 -11.08 2.33 -39.79
N PHE K 158 -10.40 2.75 -40.86
CA PHE K 158 -10.80 3.86 -41.71
C PHE K 158 -11.01 3.37 -43.14
N LYS K 159 -11.99 3.98 -43.81
CA LYS K 159 -11.99 4.00 -45.27
C LYS K 159 -11.36 5.31 -45.72
N ILE K 160 -10.69 5.26 -46.87
CA ILE K 160 -9.91 6.40 -47.36
C ILE K 160 -10.69 6.99 -48.52
N ARG K 161 -11.31 8.14 -48.31
CA ARG K 161 -12.20 8.73 -49.31
C ARG K 161 -11.55 9.94 -49.97
N LYS K 162 -11.24 9.81 -51.26
CA LYS K 162 -10.66 10.93 -51.99
C LYS K 162 -11.61 12.13 -51.97
N ALA K 163 -11.05 13.31 -51.69
CA ALA K 163 -11.84 14.53 -51.59
C ALA K 163 -12.42 14.98 -52.94
N THR K 164 -11.55 15.37 -53.88
CA THR K 164 -11.88 15.75 -55.27
C THR K 164 -13.24 16.41 -55.51
N SER L 2 -23.06 41.63 -63.39
CA SER L 2 -22.48 41.05 -64.60
C SER L 2 -21.05 40.59 -64.39
N SER L 3 -20.46 40.91 -63.24
CA SER L 3 -19.07 40.55 -63.01
C SER L 3 -18.88 39.05 -62.90
N VAL L 4 -17.65 38.61 -63.13
CA VAL L 4 -17.31 37.19 -63.00
C VAL L 4 -17.33 36.82 -61.53
N VAL L 5 -17.88 35.63 -61.23
CA VAL L 5 -17.96 35.13 -59.86
C VAL L 5 -16.59 34.56 -59.47
N VAL L 6 -16.13 34.91 -58.27
CA VAL L 6 -14.75 34.64 -57.85
C VAL L 6 -14.72 33.77 -56.59
N ASP L 7 -13.80 32.82 -56.57
CA ASP L 7 -13.65 31.98 -55.39
C ASP L 7 -12.74 32.65 -54.36
N THR L 8 -12.52 31.98 -53.23
CA THR L 8 -11.73 32.58 -52.17
C THR L 8 -10.26 32.77 -52.56
N ASN L 9 -9.77 32.09 -53.59
CA ASN L 9 -8.40 32.26 -54.05
C ASN L 9 -8.25 33.42 -55.02
N GLY L 10 -9.34 34.10 -55.35
CA GLY L 10 -9.30 35.11 -56.38
C GLY L 10 -9.39 34.57 -57.77
N GLN L 11 -9.80 33.31 -57.96
CA GLN L 11 -9.89 32.70 -59.29
C GLN L 11 -11.34 32.62 -59.75
N PRO L 12 -11.61 32.81 -61.05
CA PRO L 12 -12.99 32.69 -61.53
C PRO L 12 -13.57 31.32 -61.25
N VAL L 13 -14.85 31.31 -60.85
CA VAL L 13 -15.59 30.08 -60.63
C VAL L 13 -15.87 29.41 -61.98
N SER L 14 -15.64 28.11 -62.05
CA SER L 14 -15.78 27.41 -63.32
C SER L 14 -17.20 26.97 -63.60
N ASN L 15 -17.48 26.74 -64.87
CA ASN L 15 -18.76 26.24 -65.35
C ASN L 15 -18.73 24.73 -65.31
N GLY L 16 -19.13 24.16 -64.17
CA GLY L 16 -19.31 22.72 -64.03
C GLY L 16 -18.03 21.95 -63.79
N ALA L 17 -16.90 22.50 -64.22
CA ALA L 17 -15.64 21.77 -64.26
C ALA L 17 -15.12 21.44 -62.86
N ASP L 18 -15.29 22.34 -61.91
CA ASP L 18 -14.76 22.16 -60.57
C ASP L 18 -15.91 22.26 -59.58
N ALA L 19 -15.74 21.61 -58.43
CA ALA L 19 -16.69 21.72 -57.33
C ALA L 19 -16.17 22.75 -56.33
N TYR L 20 -17.10 23.38 -55.63
CA TYR L 20 -16.82 24.46 -54.68
C TYR L 20 -17.60 24.22 -53.40
N TYR L 21 -16.96 24.50 -52.26
CA TYR L 21 -17.68 24.57 -50.99
C TYR L 21 -18.32 25.94 -50.84
N LEU L 22 -19.59 25.96 -50.45
CA LEU L 22 -20.26 27.19 -50.06
C LEU L 22 -20.08 27.35 -48.56
N VAL L 23 -19.23 28.29 -48.17
CA VAL L 23 -18.80 28.46 -46.78
C VAL L 23 -19.56 29.65 -46.19
N PRO L 24 -20.46 29.42 -45.22
CA PRO L 24 -21.22 30.55 -44.66
C PRO L 24 -20.32 31.56 -43.98
N VAL L 25 -20.63 32.83 -44.20
CA VAL L 25 -19.90 33.90 -43.54
C VAL L 25 -20.42 34.10 -42.11
N SER L 26 -21.72 33.90 -41.88
CA SER L 26 -22.32 34.14 -40.57
C SER L 26 -22.10 33.02 -39.56
N HIS L 27 -22.51 31.81 -39.92
CA HIS L 27 -22.54 30.66 -38.97
C HIS L 27 -21.16 30.26 -38.44
N GLY L 28 -20.27 29.83 -39.33
CA GLY L 28 -18.89 29.46 -38.94
C GLY L 28 -18.75 27.98 -38.67
N HIS L 29 -19.79 27.37 -38.10
CA HIS L 29 -19.68 25.94 -37.80
C HIS L 29 -20.78 25.20 -38.52
N ALA L 30 -20.93 25.40 -39.83
CA ALA L 30 -21.98 24.62 -40.51
C ALA L 30 -21.60 24.42 -41.97
N GLY L 31 -21.93 23.26 -42.50
CA GLY L 31 -21.67 22.94 -43.88
C GLY L 31 -22.93 22.40 -44.53
N LEU L 32 -22.97 22.50 -45.85
CA LEU L 32 -24.13 22.05 -46.60
C LEU L 32 -24.33 20.55 -46.43
N ALA L 33 -25.58 20.14 -46.27
CA ALA L 33 -25.95 18.74 -46.11
C ALA L 33 -27.37 18.55 -46.66
N LEU L 34 -27.83 17.31 -46.64
CA LEU L 34 -29.24 16.99 -46.87
C LEU L 34 -29.91 16.62 -45.55
N ALA L 35 -31.19 16.95 -45.42
CA ALA L 35 -31.93 16.63 -44.21
C ALA L 35 -33.35 16.25 -44.60
N LYS L 36 -34.04 15.58 -43.66
CA LYS L 36 -35.42 15.22 -43.90
C LYS L 36 -36.32 16.43 -43.78
N ILE L 37 -37.32 16.50 -44.66
CA ILE L 37 -38.34 17.54 -44.66
C ILE L 37 -39.73 16.93 -44.52
N GLY L 38 -40.52 17.52 -43.60
CA GLY L 38 -41.89 17.06 -43.44
C GLY L 38 -41.91 15.62 -42.95
N ASN L 39 -42.66 14.81 -43.68
CA ASN L 39 -42.87 13.40 -43.34
C ASN L 39 -41.94 12.47 -44.11
N GLU L 40 -40.94 13.01 -44.80
CA GLU L 40 -40.16 12.22 -45.75
C GLU L 40 -39.15 11.32 -45.05
N ALA L 41 -39.00 10.11 -45.58
CA ALA L 41 -38.07 9.12 -45.04
C ALA L 41 -36.64 9.46 -45.43
N GLU L 42 -36.43 9.80 -46.72
CA GLU L 42 -35.14 10.12 -47.33
C GLU L 42 -34.86 11.61 -47.20
N PRO L 43 -33.61 11.97 -46.88
CA PRO L 43 -33.24 13.38 -46.71
C PRO L 43 -33.10 14.07 -48.06
N ARG L 44 -33.94 15.08 -48.29
CA ARG L 44 -34.00 15.78 -49.56
C ARG L 44 -33.92 17.28 -49.45
N ALA L 45 -33.94 17.86 -48.26
CA ALA L 45 -33.84 19.29 -48.09
C ALA L 45 -32.38 19.70 -47.95
N VAL L 46 -32.00 20.80 -48.58
CA VAL L 46 -30.64 21.32 -48.44
C VAL L 46 -30.58 22.16 -47.17
N VAL L 47 -29.67 21.83 -46.27
CA VAL L 47 -29.54 22.51 -45.00
C VAL L 47 -28.09 22.91 -44.81
N LEU L 48 -27.88 23.87 -43.93
CA LEU L 48 -26.58 24.09 -43.32
C LEU L 48 -26.62 23.34 -42.00
N ASP L 49 -25.76 22.34 -41.85
CA ASP L 49 -25.76 21.42 -40.72
C ASP L 49 -24.49 21.65 -39.92
N PRO L 50 -24.59 22.08 -38.66
CA PRO L 50 -23.39 22.31 -37.84
C PRO L 50 -22.44 21.12 -37.72
N HIS L 51 -22.93 19.89 -37.85
CA HIS L 51 -22.15 18.68 -37.65
C HIS L 51 -21.49 18.17 -38.93
N HIS L 52 -21.80 18.75 -40.07
CA HIS L 52 -21.36 18.26 -41.36
C HIS L 52 -20.48 19.37 -41.90
N ARG L 53 -19.17 19.28 -41.63
CA ARG L 53 -18.15 20.25 -42.03
C ARG L 53 -17.02 19.61 -42.83
N PRO L 54 -16.56 20.27 -43.91
CA PRO L 54 -16.94 21.58 -44.48
C PRO L 54 -18.23 21.60 -45.31
N GLY L 55 -18.82 20.44 -45.53
CA GLY L 55 -20.08 20.27 -46.24
C GLY L 55 -19.89 19.83 -47.68
N LEU L 56 -21.02 19.59 -48.32
CA LEU L 56 -21.01 19.01 -49.66
C LEU L 56 -20.68 20.08 -50.68
N PRO L 57 -19.73 19.85 -51.58
CA PRO L 57 -19.41 20.85 -52.60
C PRO L 57 -20.42 20.86 -53.74
N VAL L 58 -20.57 22.03 -54.36
CA VAL L 58 -21.56 22.21 -55.42
C VAL L 58 -20.82 22.55 -56.70
N ARG L 59 -21.51 22.32 -57.79
CA ARG L 59 -21.09 22.78 -59.10
C ARG L 59 -22.15 23.74 -59.63
N PHE L 60 -21.69 24.76 -60.34
CA PHE L 60 -22.53 25.77 -60.97
C PHE L 60 -22.50 25.48 -62.46
N GLU L 61 -23.66 25.36 -63.08
CA GLU L 61 -23.75 24.92 -64.47
C GLU L 61 -24.59 25.85 -65.34
N SER L 62 -24.03 26.24 -66.47
CA SER L 62 -24.70 27.02 -67.49
C SER L 62 -24.59 26.28 -68.82
N PRO L 63 -25.65 26.26 -69.64
CA PRO L 63 -25.51 25.66 -70.98
C PRO L 63 -24.63 26.48 -71.92
N LEU L 64 -24.31 27.72 -71.57
CA LEU L 64 -23.39 28.52 -72.37
C LEU L 64 -22.05 27.81 -72.49
N MET L 65 -21.45 27.88 -73.68
CA MET L 65 -20.23 27.13 -73.96
C MET L 65 -18.97 27.82 -73.44
N ILE L 66 -19.00 28.31 -72.19
CA ILE L 66 -17.95 29.14 -71.59
C ILE L 66 -17.55 28.50 -70.26
N ASN L 67 -16.31 28.71 -69.85
CA ASN L 67 -15.84 28.07 -68.62
C ASN L 67 -15.70 29.01 -67.44
N ILE L 68 -16.33 30.17 -67.49
CA ILE L 68 -16.39 31.05 -66.33
C ILE L 68 -17.86 31.23 -66.01
N ILE L 69 -18.13 31.69 -64.80
CA ILE L 69 -19.49 32.02 -64.37
C ILE L 69 -19.54 33.52 -64.09
N LYS L 70 -20.49 34.21 -64.71
CA LYS L 70 -20.76 35.60 -64.40
C LYS L 70 -21.96 35.69 -63.47
N GLU L 71 -22.04 36.79 -62.71
CA GLU L 71 -23.19 36.98 -61.84
C GLU L 71 -24.50 37.11 -62.63
N SER L 72 -24.43 37.44 -63.92
CA SER L 72 -25.62 37.58 -64.76
C SER L 72 -26.17 36.27 -65.31
N TYR L 73 -25.44 35.15 -65.23
CA TYR L 73 -25.89 33.90 -65.83
C TYR L 73 -26.89 33.17 -64.95
N PHE L 74 -27.93 32.61 -65.57
CA PHE L 74 -28.80 31.66 -64.88
C PHE L 74 -28.09 30.32 -64.74
N LEU L 75 -28.14 29.75 -63.54
CA LEU L 75 -27.36 28.59 -63.18
C LEU L 75 -28.25 27.47 -62.65
N ASN L 76 -27.90 26.25 -63.01
CA ASN L 76 -28.27 25.12 -62.19
C ASN L 76 -27.22 24.95 -61.11
N ILE L 77 -27.65 24.56 -59.93
CA ILE L 77 -26.74 24.23 -58.84
C ILE L 77 -26.97 22.77 -58.50
N LYS L 78 -25.91 22.01 -58.32
CA LYS L 78 -26.06 20.59 -58.03
C LYS L 78 -24.99 20.06 -57.09
N PHE L 79 -25.39 19.12 -56.24
CA PHE L 79 -24.41 18.26 -55.60
C PHE L 79 -23.97 17.19 -56.60
N GLY L 80 -22.81 16.60 -56.35
CA GLY L 80 -22.41 15.46 -57.12
C GLY L 80 -21.72 15.81 -58.42
N PRO L 81 -21.58 14.84 -59.32
CA PRO L 81 -20.78 15.07 -60.52
C PRO L 81 -21.45 16.08 -61.44
N SER L 82 -20.62 16.69 -62.29
CA SER L 82 -21.14 17.70 -63.19
C SER L 82 -22.15 17.12 -64.17
N SER L 83 -21.90 15.91 -64.68
CA SER L 83 -22.79 15.27 -65.65
C SER L 83 -24.02 14.63 -65.03
N SER L 84 -23.97 14.29 -63.75
CA SER L 84 -25.04 13.51 -63.16
C SER L 84 -26.32 14.35 -63.11
N ASP L 85 -27.45 13.71 -63.36
CA ASP L 85 -28.72 14.42 -63.31
C ASP L 85 -29.33 14.46 -61.93
N SER L 86 -28.74 13.75 -60.96
CA SER L 86 -29.21 13.74 -59.59
C SER L 86 -28.52 14.85 -58.79
N GLY L 87 -29.08 15.14 -57.62
CA GLY L 87 -28.52 16.17 -56.76
C GLY L 87 -28.74 17.60 -57.23
N VAL L 88 -29.63 17.82 -58.22
CA VAL L 88 -29.92 19.15 -58.77
C VAL L 88 -30.86 19.90 -57.84
N TRP L 89 -30.48 21.12 -57.46
CA TRP L 89 -31.29 21.95 -56.58
C TRP L 89 -32.53 22.50 -57.27
N ASP L 90 -33.61 22.61 -56.50
CA ASP L 90 -34.80 23.33 -56.91
C ASP L 90 -35.48 23.87 -55.65
N VAL L 91 -36.43 24.76 -55.84
CA VAL L 91 -37.21 25.33 -54.74
C VAL L 91 -38.63 24.77 -54.81
N ILE L 92 -39.07 24.18 -53.71
CA ILE L 92 -40.30 23.41 -53.60
C ILE L 92 -41.08 23.95 -52.40
N GLN L 93 -42.35 24.31 -52.60
CA GLN L 93 -43.17 24.70 -51.45
C GLN L 93 -43.47 23.46 -50.61
N GLN L 94 -43.04 23.47 -49.35
CA GLN L 94 -43.29 22.32 -48.49
C GLN L 94 -43.26 22.76 -47.04
N ASP L 95 -44.33 22.47 -46.31
CA ASP L 95 -44.37 22.69 -44.88
C ASP L 95 -43.40 21.74 -44.18
N PRO L 96 -42.79 22.17 -43.07
CA PRO L 96 -42.94 23.44 -42.38
C PRO L 96 -41.89 24.47 -42.76
N ILE L 97 -41.14 24.25 -43.83
CA ILE L 97 -40.02 25.14 -44.13
C ILE L 97 -40.47 26.32 -44.99
N GLY L 98 -41.36 26.10 -45.95
CA GLY L 98 -41.79 27.15 -46.84
C GLY L 98 -41.36 26.90 -48.27
N LEU L 99 -40.71 27.88 -48.89
CA LEU L 99 -40.17 27.68 -50.24
C LEU L 99 -38.79 27.06 -50.07
N ALA L 100 -38.78 25.74 -49.93
CA ALA L 100 -37.62 24.99 -49.51
C ALA L 100 -36.70 24.61 -50.68
N VAL L 101 -35.40 24.78 -50.48
CA VAL L 101 -34.41 24.28 -51.45
C VAL L 101 -34.26 22.77 -51.23
N LYS L 102 -34.48 22.00 -52.28
CA LYS L 102 -34.44 20.55 -52.25
C LYS L 102 -33.64 20.05 -53.46
N VAL L 103 -33.32 18.76 -53.45
CA VAL L 103 -32.66 18.12 -54.59
C VAL L 103 -33.68 17.33 -55.42
N THR L 104 -33.42 17.25 -56.72
CA THR L 104 -34.26 16.58 -57.70
C THR L 104 -33.41 15.61 -58.52
N ASP L 105 -34.08 14.77 -59.30
CA ASP L 105 -33.43 13.82 -60.18
C ASP L 105 -33.38 14.30 -61.64
N THR L 106 -33.77 15.56 -61.92
CA THR L 106 -33.84 16.14 -63.28
C THR L 106 -33.09 17.45 -63.32
N LYS L 107 -32.53 17.79 -64.49
CA LYS L 107 -31.79 19.04 -64.68
C LYS L 107 -32.33 19.74 -65.93
N SER L 108 -32.98 20.88 -65.72
CA SER L 108 -33.51 21.70 -66.80
C SER L 108 -32.38 22.47 -67.50
N LEU L 109 -32.58 22.79 -68.78
CA LEU L 109 -31.54 23.45 -69.56
C LEU L 109 -31.00 24.69 -68.86
N LEU L 110 -31.87 25.65 -68.56
CA LEU L 110 -31.47 26.85 -67.84
C LEU L 110 -32.02 26.77 -66.44
N GLY L 111 -31.12 26.80 -65.46
CA GLY L 111 -31.49 26.68 -64.07
C GLY L 111 -32.09 27.95 -63.54
N PRO L 112 -32.67 27.88 -62.33
CA PRO L 112 -33.38 29.05 -61.78
C PRO L 112 -32.58 29.91 -60.81
N PHE L 113 -31.27 29.70 -60.67
CA PHE L 113 -30.49 30.43 -59.68
C PHE L 113 -29.56 31.43 -60.36
N LYS L 114 -29.22 32.48 -59.64
CA LYS L 114 -28.03 33.27 -59.93
C LYS L 114 -27.24 33.39 -58.64
N VAL L 115 -25.96 33.66 -58.77
CA VAL L 115 -25.06 33.89 -57.66
C VAL L 115 -24.67 35.36 -57.69
N GLU L 116 -25.02 36.10 -56.64
CA GLU L 116 -24.91 37.55 -56.65
C GLU L 116 -24.03 38.02 -55.50
N LYS L 117 -23.16 38.99 -55.80
CA LYS L 117 -22.33 39.61 -54.78
C LYS L 117 -23.23 40.21 -53.71
N GLU L 118 -22.94 39.92 -52.45
CA GLU L 118 -23.70 40.53 -51.37
C GLU L 118 -22.77 40.73 -50.19
N GLY L 119 -22.66 41.97 -49.74
CA GLY L 119 -21.78 42.25 -48.63
C GLY L 119 -20.37 41.75 -48.87
N GLU L 120 -19.92 40.82 -48.01
CA GLU L 120 -18.57 40.31 -48.03
C GLU L 120 -18.43 38.95 -48.70
N GLY L 121 -19.49 38.46 -49.35
CA GLY L 121 -19.43 37.23 -50.11
C GLY L 121 -20.45 37.25 -51.22
N TYR L 122 -21.12 36.12 -51.42
CA TYR L 122 -22.13 35.97 -52.45
C TYR L 122 -23.37 35.36 -51.83
N LYS L 123 -24.52 35.70 -52.41
CA LYS L 123 -25.79 35.08 -52.04
C LYS L 123 -26.30 34.29 -53.24
N ILE L 124 -27.15 33.31 -52.95
CA ILE L 124 -27.90 32.56 -53.96
C ILE L 124 -29.27 33.22 -54.11
N VAL L 125 -29.68 33.52 -55.34
CA VAL L 125 -30.97 34.14 -55.59
C VAL L 125 -31.77 33.22 -56.50
N TYR L 126 -33.05 33.02 -56.15
CA TYR L 126 -33.93 32.12 -56.86
C TYR L 126 -34.90 32.92 -57.71
N TYR L 127 -35.08 32.49 -58.96
CA TYR L 127 -36.00 33.17 -59.89
C TYR L 127 -37.14 32.23 -60.27
N PRO L 128 -38.36 32.47 -59.78
CA PRO L 128 -39.50 31.61 -60.19
C PRO L 128 -39.69 31.51 -61.71
N GLU L 129 -39.42 32.59 -62.45
CA GLU L 129 -39.31 32.58 -63.91
C GLU L 129 -38.22 33.56 -64.29
N ARG L 130 -37.60 33.34 -65.46
CA ARG L 130 -36.41 34.13 -65.83
C ARG L 130 -36.72 35.61 -66.06
N GLY L 131 -37.91 35.93 -66.57
CA GLY L 131 -38.24 37.34 -66.75
C GLY L 131 -38.46 38.16 -65.47
N GLN L 132 -38.40 37.55 -64.28
CA GLN L 132 -38.87 38.16 -63.05
C GLN L 132 -37.74 38.66 -62.14
N THR L 133 -38.14 39.31 -61.07
CA THR L 133 -37.23 39.64 -59.98
C THR L 133 -36.89 38.39 -59.19
N GLY L 134 -35.72 38.40 -58.53
CA GLY L 134 -35.26 37.25 -57.81
C GLY L 134 -35.59 37.28 -56.32
N LEU L 135 -35.47 36.11 -55.69
CA LEU L 135 -35.77 35.95 -54.27
C LEU L 135 -34.53 35.37 -53.58
N ASP L 136 -34.01 36.10 -52.59
CA ASP L 136 -32.83 35.63 -51.86
C ASP L 136 -33.11 34.29 -51.18
N ILE L 137 -32.10 33.43 -51.19
CA ILE L 137 -32.10 32.21 -50.38
C ILE L 137 -31.50 32.57 -49.03
N GLY L 138 -32.22 32.29 -47.96
CA GLY L 138 -31.76 32.44 -46.60
C GLY L 138 -31.96 31.13 -45.86
N LEU L 139 -32.10 31.23 -44.53
CA LEU L 139 -32.08 30.08 -43.64
C LEU L 139 -33.28 30.07 -42.71
N VAL L 140 -33.87 28.89 -42.54
CA VAL L 140 -34.95 28.65 -41.58
C VAL L 140 -34.42 27.71 -40.50
N HIS L 141 -34.24 28.23 -39.29
CA HIS L 141 -33.68 27.44 -38.20
C HIS L 141 -34.73 26.48 -37.65
N ARG L 142 -34.47 25.18 -37.79
CA ARG L 142 -35.37 24.15 -37.27
C ARG L 142 -34.57 22.87 -37.04
N ASN L 143 -34.91 22.16 -35.97
CA ASN L 143 -34.32 20.85 -35.66
C ASN L 143 -32.79 20.95 -35.59
N ASP L 144 -32.30 22.06 -35.02
CA ASP L 144 -30.87 22.30 -34.81
C ASP L 144 -30.08 22.40 -36.12
N LYS L 145 -30.75 22.66 -37.24
CA LYS L 145 -30.08 22.90 -38.50
C LYS L 145 -30.79 24.05 -39.19
N TYR L 146 -30.13 24.60 -40.21
CA TYR L 146 -30.61 25.77 -40.93
C TYR L 146 -31.07 25.34 -42.32
N TYR L 147 -32.37 25.20 -42.50
CA TYR L 147 -32.90 24.85 -43.81
C TYR L 147 -32.76 26.03 -44.77
N LEU L 148 -32.16 25.77 -45.93
CA LEU L 148 -32.10 26.80 -46.97
C LEU L 148 -33.48 26.96 -47.57
N ALA L 149 -33.95 28.20 -47.66
CA ALA L 149 -35.29 28.49 -48.11
C ALA L 149 -35.33 29.92 -48.61
N VAL L 150 -36.35 30.23 -49.42
CA VAL L 150 -36.53 31.62 -49.85
C VAL L 150 -36.77 32.49 -48.61
N LYS L 151 -36.00 33.59 -48.50
CA LYS L 151 -36.10 34.54 -47.39
C LYS L 151 -35.64 35.88 -47.95
N ASP L 152 -36.51 36.51 -48.72
CA ASP L 152 -36.09 37.68 -49.48
C ASP L 152 -35.78 38.83 -48.53
N GLY L 153 -34.62 39.45 -48.72
CA GLY L 153 -34.10 40.46 -47.83
C GLY L 153 -33.24 39.93 -46.71
N GLU L 154 -33.19 38.61 -46.51
CA GLU L 154 -32.37 38.02 -45.46
C GLU L 154 -31.48 36.90 -46.01
N PRO L 155 -30.67 37.20 -47.02
CA PRO L 155 -29.85 36.15 -47.63
C PRO L 155 -28.79 35.62 -46.68
N CYS L 156 -28.46 34.35 -46.88
CA CYS L 156 -27.24 33.79 -46.33
C CYS L 156 -26.07 34.15 -47.23
N VAL L 157 -25.00 34.68 -46.64
CA VAL L 157 -23.82 35.11 -47.37
C VAL L 157 -22.76 34.01 -47.33
N PHE L 158 -22.25 33.65 -48.50
CA PHE L 158 -21.30 32.56 -48.66
C PHE L 158 -20.01 33.08 -49.30
N LYS L 159 -18.88 32.51 -48.88
CA LYS L 159 -17.67 32.53 -49.67
C LYS L 159 -17.60 31.22 -50.44
N ILE L 160 -17.02 31.30 -51.65
CA ILE L 160 -17.02 30.17 -52.57
C ILE L 160 -15.61 29.61 -52.59
N ARG L 161 -15.42 28.45 -51.98
CA ARG L 161 -14.11 27.85 -51.77
C ARG L 161 -13.90 26.66 -52.70
N LYS L 162 -12.96 26.78 -53.64
CA LYS L 162 -12.67 25.68 -54.55
C LYS L 162 -12.23 24.44 -53.76
N ALA L 163 -12.76 23.28 -54.16
CA ALA L 163 -12.42 22.04 -53.50
C ALA L 163 -10.93 21.72 -53.67
N THR L 164 -10.27 22.38 -54.62
CA THR L 164 -8.84 22.30 -54.97
C THR L 164 -8.52 20.99 -55.65
S SO4 M . -25.61 5.03 18.36
O1 SO4 M . -26.02 5.20 19.75
O2 SO4 M . -24.79 6.16 17.90
O3 SO4 M . -24.86 3.78 18.28
O4 SO4 M . -26.82 4.93 17.56
S SO4 N . -41.52 6.71 35.15
O1 SO4 N . -40.49 7.61 35.66
O2 SO4 N . -42.31 7.45 34.16
O3 SO4 N . -40.97 5.54 34.48
O4 SO4 N . -42.35 6.22 36.24
S SO4 O . -43.15 -16.74 69.03
O1 SO4 O . -42.17 -16.48 70.08
O2 SO4 O . -43.47 -15.51 68.32
O3 SO4 O . -42.59 -17.71 68.11
O4 SO4 O . -44.39 -17.27 69.62
S SO4 P . -4.29 -32.18 60.26
O1 SO4 P . -3.96 -31.89 61.65
O2 SO4 P . -4.05 -30.99 59.44
O3 SO4 P . -3.49 -33.31 59.80
O4 SO4 P . -5.70 -32.58 60.12
S SO4 Q . 0.87 -9.97 43.53
O1 SO4 Q . 1.70 -9.51 44.65
O2 SO4 Q . 0.94 -8.95 42.51
O3 SO4 Q . 1.33 -11.25 43.00
O4 SO4 Q . -0.51 -10.15 43.96
S SO4 R . 30.85 -26.81 42.53
O1 SO4 R . 31.78 -27.37 41.56
O2 SO4 R . 31.30 -25.45 42.88
O3 SO4 R . 30.82 -27.59 43.77
O4 SO4 R . 29.52 -26.78 41.95
S SO4 S . 15.65 -23.15 11.83
O1 SO4 S . 14.43 -22.49 12.22
O2 SO4 S . 16.50 -22.26 11.07
O3 SO4 S . 15.40 -24.29 10.99
O4 SO4 S . 16.29 -23.57 13.07
S SO4 T . 11.86 -12.47 20.61
O1 SO4 T . 12.73 -12.06 21.71
O2 SO4 T . 11.74 -11.33 19.71
O3 SO4 T . 12.42 -13.60 19.87
O4 SO4 T . 10.55 -12.84 21.14
S SO4 U . -21.96 8.48 15.09
O1 SO4 U . -22.76 9.19 16.09
O2 SO4 U . -21.77 9.26 13.87
O3 SO4 U . -22.59 7.21 14.76
O4 SO4 U . -20.64 8.28 15.67
S SO4 V . -3.30 -16.72 -5.74
O1 SO4 V . -2.42 -16.43 -4.60
O2 SO4 V . -2.80 -16.01 -6.93
O3 SO4 V . -3.33 -18.16 -5.97
O4 SO4 V . -4.64 -16.22 -5.43
S SO4 W . 6.63 -7.03 18.68
O1 SO4 W . 6.96 -6.57 20.02
O2 SO4 W . 6.67 -5.90 17.77
O3 SO4 W . 7.59 -8.04 18.24
O4 SO4 W . 5.31 -7.65 18.67
S SO4 X . 32.65 4.22 -67.82
O1 SO4 X . 31.90 5.33 -68.41
O2 SO4 X . 34.02 4.23 -68.35
O3 SO4 X . 32.03 2.94 -68.15
O4 SO4 X . 32.66 4.40 -66.38
S SO4 Y . 26.27 11.27 -42.38
O1 SO4 Y . 27.55 11.60 -41.80
O2 SO4 Y . 25.45 12.46 -42.41
O3 SO4 Y . 26.46 10.81 -43.75
O4 SO4 Y . 25.66 10.19 -41.62
S SO4 Z . -1.41 -7.34 -56.46
O1 SO4 Z . -0.67 -6.09 -56.36
O2 SO4 Z . -2.78 -7.25 -55.98
O3 SO4 Z . -0.71 -8.34 -55.65
O4 SO4 Z . -1.45 -7.70 -57.87
S SO4 AA . -22.29 32.52 -99.28
O1 SO4 AA . -23.33 32.40 -98.26
O2 SO4 AA . -21.51 33.75 -99.12
O3 SO4 AA . -22.85 32.56 -100.62
O4 SO4 AA . -21.44 31.35 -99.11
S SO4 BA . -13.98 43.25 -64.51
O1 SO4 BA . -12.75 43.86 -64.04
O2 SO4 BA . -14.59 44.00 -65.59
O3 SO4 BA . -13.60 41.94 -65.05
O4 SO4 BA . -14.92 43.16 -63.41
S SO4 CA . -41.00 24.50 -80.28
O1 SO4 CA . -41.31 25.76 -79.63
O2 SO4 CA . -39.75 23.97 -79.77
O3 SO4 CA . -40.86 24.71 -81.69
O4 SO4 CA . -42.07 23.55 -80.04
S SO4 DA . 34.68 -33.85 -14.20
O1 SO4 DA . 35.33 -34.22 -12.95
O2 SO4 DA . 35.03 -32.48 -14.52
O3 SO4 DA . 35.14 -34.75 -15.26
O4 SO4 DA . 33.23 -33.97 -14.07
S SO4 EA . 23.61 14.89 -19.18
O1 SO4 EA . 23.63 15.46 -17.84
O2 SO4 EA . 24.19 15.83 -20.11
O3 SO4 EA . 24.40 13.65 -19.19
O4 SO4 EA . 22.23 14.59 -19.57
S SO4 FA . -0.23 26.91 -26.05
O1 SO4 FA . -0.05 26.48 -24.66
O2 SO4 FA . -0.34 28.36 -26.09
O3 SO4 FA . 0.89 26.47 -26.87
O4 SO4 FA . -1.44 26.32 -26.60
S SO4 GA . -18.49 13.63 -64.65
O1 SO4 GA . -17.62 13.50 -63.48
O2 SO4 GA . -18.06 14.77 -65.45
O3 SO4 GA . -18.42 12.46 -65.50
O4 SO4 GA . -19.85 13.86 -64.20
S SO4 HA . -39.91 9.50 -48.98
O1 SO4 HA . -38.57 10.05 -48.88
O2 SO4 HA . -40.78 10.44 -49.72
O3 SO4 HA . -39.82 8.24 -49.71
O4 SO4 HA . -40.48 9.28 -47.66
#